data_6OU9
#
_entry.id   6OU9
#
_cell.length_a   1.00
_cell.length_b   1.00
_cell.length_c   1.00
_cell.angle_alpha   90.00
_cell.angle_beta   90.00
_cell.angle_gamma   90.00
#
_symmetry.space_group_name_H-M   'P 1'
#
_entity_poly.entity_id   1
_entity_poly.type   'polypeptide(L)'
_entity_poly.pdbx_seq_one_letter_code
;MMMASKDAPSNMDGTSGAGQLVPEVNAAEPLPLEPVVGAATAAATAGQVNLIDPWIMNNFVQAPEGEFTISPNNTPGDIL
FDLHLGPHLNPFLQHLSQMYNGWVGNMRVRVMLAGNAFTAGKIIICCVPPGFASQNISIGQATMFPHVIADVRVLEPIEI
PLDDVRNVLFHTNENRPTMRLLCMLYTPLRAGGASSGTDPFVIAGRVLTCPSPDFNFLFLVPPSVEQKTRQLTVPNIPLN
NLANSRVPAMINKMTVSTDQNQVVQFQNGRCTLEGQLLGTTPVSASQVARIRGKVFSTASGKGLNLTELDGTPYHAFESP
APLGFPDIGACDWHVSTFKVDQNLSGDPMSRLDVKQNAPFAPHLGSIEFTSDQDPTGDQLGTLAWVSPSTSGARVDPWKI
PSYGSTVTESTHLAPPIFPPGFGEAIVYFMSDFPIVSGNTAQVPCTLPQEFVSHFVEQQAPVRGEAALLHYVDPDTHRNL
GEFKLYPDGFITCVPNTGGGPQNLPTNGVFVFSSWVSRYYQLKPVGTAGPARRLGVRRV
;
_entity_poly.pdbx_strand_id   B,A,C
#
# COMPACT_ATOMS: atom_id res chain seq x y z
N ASP A 13 -17.25 28.48 16.14
CA ASP A 13 -18.44 27.94 15.49
C ASP A 13 -19.07 28.97 14.57
N GLY A 14 -20.39 28.87 14.39
CA GLY A 14 -21.07 29.72 13.44
C GLY A 14 -22.23 30.52 14.02
N THR A 15 -22.05 31.05 15.22
CA THR A 15 -23.12 31.82 15.87
C THR A 15 -23.30 33.22 15.29
N SER A 16 -22.41 33.65 14.39
CA SER A 16 -22.48 35.02 13.88
C SER A 16 -23.54 35.15 12.79
N GLY A 17 -23.47 34.32 11.76
CA GLY A 17 -24.35 34.46 10.62
C GLY A 17 -25.45 33.43 10.55
N ALA A 18 -25.75 32.78 11.66
CA ALA A 18 -26.84 31.82 11.71
C ALA A 18 -28.17 32.43 12.09
N GLY A 19 -28.23 33.76 12.17
CA GLY A 19 -29.46 34.42 12.60
C GLY A 19 -29.74 34.16 14.07
N GLN A 20 -31.01 34.25 14.43
CA GLN A 20 -31.48 33.89 15.76
C GLN A 20 -32.45 32.72 15.72
N LEU A 21 -32.33 31.89 14.69
CA LEU A 21 -33.27 30.79 14.50
C LEU A 21 -33.00 29.63 15.44
N VAL A 22 -31.73 29.35 15.72
CA VAL A 22 -31.36 28.20 16.55
C VAL A 22 -30.83 28.68 17.90
N PRO A 23 -30.97 27.90 18.97
CA PRO A 23 -30.39 28.31 20.25
C PRO A 23 -28.88 28.14 20.24
N GLU A 24 -28.20 28.93 21.08
CA GLU A 24 -26.75 29.00 21.00
C GLU A 24 -26.07 28.28 22.18
N VAL A 25 -26.61 28.40 23.38
CA VAL A 25 -26.06 27.75 24.57
C VAL A 25 -27.16 26.92 25.21
N ASN A 26 -26.85 25.67 25.55
CA ASN A 26 -27.79 24.82 26.25
C ASN A 26 -27.88 25.23 27.71
N ALA A 27 -29.05 25.72 28.11
CA ALA A 27 -29.28 26.09 29.50
C ALA A 27 -29.51 24.82 30.30
N ALA A 28 -28.55 24.45 31.14
CA ALA A 28 -28.60 23.21 31.88
C ALA A 28 -28.44 23.46 33.37
N GLU A 29 -28.97 22.54 34.16
CA GLU A 29 -28.81 22.56 35.61
C GLU A 29 -27.56 21.80 36.01
N PRO A 30 -26.97 22.11 37.17
CA PRO A 30 -25.84 21.32 37.65
C PRO A 30 -26.25 19.91 38.06
N LEU A 31 -25.35 18.96 37.81
CA LEU A 31 -25.65 17.56 38.02
C LEU A 31 -25.68 17.24 39.52
N PRO A 32 -26.54 16.30 39.94
CA PRO A 32 -26.61 15.93 41.37
C PRO A 32 -25.58 14.87 41.75
N LEU A 33 -24.30 15.20 41.56
CA LEU A 33 -23.23 14.32 42.00
C LEU A 33 -22.06 15.19 42.46
N GLU A 34 -21.47 14.80 43.58
CA GLU A 34 -20.35 15.54 44.15
C GLU A 34 -19.09 15.28 43.35
N PRO A 35 -18.11 16.20 43.39
CA PRO A 35 -16.87 15.97 42.66
C PRO A 35 -16.02 14.88 43.30
N VAL A 36 -15.25 14.19 42.45
CA VAL A 36 -14.49 13.01 42.84
C VAL A 36 -13.01 13.36 42.81
N VAL A 37 -12.28 12.89 43.83
CA VAL A 37 -10.83 13.06 43.87
C VAL A 37 -10.18 12.25 42.75
N GLY A 38 -9.01 12.70 42.31
CA GLY A 38 -8.38 12.11 41.15
C GLY A 38 -7.24 11.15 41.44
N ALA A 39 -6.01 11.63 41.33
CA ALA A 39 -4.83 10.78 41.41
C ALA A 39 -4.08 10.94 42.71
N ALA A 40 -4.66 11.59 43.71
CA ALA A 40 -3.99 11.72 45.00
C ALA A 40 -4.06 10.46 45.84
N THR A 41 -4.92 9.50 45.48
CA THR A 41 -5.08 8.30 46.29
C THR A 41 -3.98 7.28 46.00
N ALA A 42 -3.58 7.17 44.73
CA ALA A 42 -2.60 6.18 44.31
C ALA A 42 -1.17 6.67 44.40
N ALA A 43 -0.89 7.66 45.26
CA ALA A 43 0.47 8.14 45.44
C ALA A 43 1.22 7.36 46.50
N ALA A 44 0.52 6.75 47.45
CA ALA A 44 1.18 6.09 48.58
C ALA A 44 1.43 4.62 48.32
N THR A 45 0.60 3.96 47.52
CA THR A 45 0.68 2.51 47.35
C THR A 45 1.21 2.06 45.99
N ALA A 46 1.01 2.83 44.94
CA ALA A 46 1.53 2.44 43.64
C ALA A 46 3.03 2.67 43.59
N GLY A 47 3.68 2.00 42.63
CA GLY A 47 5.11 2.14 42.49
C GLY A 47 5.51 3.46 41.88
N GLN A 48 4.98 3.75 40.69
CA GLN A 48 5.28 4.97 39.98
C GLN A 48 4.00 5.75 39.75
N VAL A 49 4.15 7.06 39.54
CA VAL A 49 3.09 7.93 39.01
C VAL A 49 3.72 8.74 37.90
N ASN A 50 3.19 8.63 36.68
CA ASN A 50 3.88 9.09 35.49
C ASN A 50 3.15 10.28 34.87
N LEU A 51 3.87 11.39 34.72
CA LEU A 51 3.33 12.57 34.07
C LEU A 51 3.27 12.37 32.57
N ILE A 52 2.31 13.04 31.93
CA ILE A 52 2.15 12.95 30.49
C ILE A 52 2.28 14.33 29.88
N ASP A 53 2.11 14.41 28.57
CA ASP A 53 2.36 15.63 27.81
C ASP A 53 1.36 16.73 28.15
N PRO A 54 1.80 17.95 28.46
CA PRO A 54 0.84 19.03 28.72
C PRO A 54 0.17 19.57 27.48
N TRP A 55 0.59 19.15 26.29
CA TRP A 55 -0.08 19.52 25.06
C TRP A 55 -1.26 18.62 24.76
N ILE A 56 -1.42 17.54 25.52
CA ILE A 56 -2.59 16.67 25.40
C ILE A 56 -3.71 17.14 26.33
N MET A 57 -3.36 17.72 27.47
CA MET A 57 -4.29 18.07 28.54
C MET A 57 -5.28 19.16 28.19
N ASN A 58 -5.14 19.85 27.05
CA ASN A 58 -6.06 20.92 26.74
C ASN A 58 -6.47 20.95 25.28
N ASN A 59 -6.31 19.83 24.57
CA ASN A 59 -6.73 19.72 23.18
C ASN A 59 -7.84 18.70 23.10
N PHE A 60 -8.95 19.06 22.46
CA PHE A 60 -10.07 18.14 22.30
C PHE A 60 -9.89 17.36 21.01
N VAL A 61 -9.60 16.08 21.14
CA VAL A 61 -9.34 15.19 20.02
C VAL A 61 -10.51 14.23 19.92
N GLN A 62 -10.94 13.92 18.70
CA GLN A 62 -12.09 13.04 18.49
C GLN A 62 -11.79 11.62 18.96
N ALA A 63 -12.68 11.07 19.79
CA ALA A 63 -12.54 9.74 20.32
C ALA A 63 -12.69 8.69 19.21
N PRO A 64 -12.16 7.47 19.41
CA PRO A 64 -12.43 6.41 18.44
C PRO A 64 -13.89 6.01 18.36
N GLU A 65 -14.67 6.10 19.43
CA GLU A 65 -16.11 5.88 19.36
C GLU A 65 -16.83 7.22 19.18
N GLY A 66 -16.45 7.95 18.15
CA GLY A 66 -16.88 9.33 18.07
C GLY A 66 -17.76 9.71 16.90
N GLU A 67 -18.65 8.83 16.48
CA GLU A 67 -19.58 9.13 15.40
C GLU A 67 -20.92 8.49 15.68
N PHE A 68 -22.01 9.22 15.42
CA PHE A 68 -23.36 8.68 15.50
C PHE A 68 -24.25 9.48 14.58
N THR A 69 -25.41 8.91 14.26
CA THR A 69 -26.41 9.57 13.44
C THR A 69 -27.76 9.53 14.13
N ILE A 70 -28.54 10.59 13.96
CA ILE A 70 -29.92 10.65 14.42
C ILE A 70 -30.80 10.77 13.19
N SER A 71 -31.39 9.66 12.78
CA SER A 71 -32.24 9.59 11.61
C SER A 71 -33.70 9.54 12.04
N PRO A 72 -34.64 9.97 11.18
CA PRO A 72 -36.06 9.88 11.56
C PRO A 72 -36.66 8.49 11.47
N ASN A 73 -35.83 7.46 11.28
CA ASN A 73 -36.25 6.08 11.46
C ASN A 73 -36.14 5.62 12.90
N ASN A 74 -35.40 6.33 13.74
CA ASN A 74 -35.18 5.91 15.11
C ASN A 74 -36.41 6.19 15.97
N THR A 75 -36.77 5.23 16.80
CA THR A 75 -37.82 5.41 17.77
C THR A 75 -37.26 6.06 19.02
N PRO A 76 -38.10 6.65 19.86
CA PRO A 76 -37.61 7.14 21.16
C PRO A 76 -37.17 5.99 22.05
N GLY A 77 -35.91 6.03 22.46
CA GLY A 77 -35.34 4.98 23.27
C GLY A 77 -34.20 4.23 22.62
N ASP A 78 -33.71 4.67 21.47
CA ASP A 78 -32.60 4.01 20.80
C ASP A 78 -31.28 4.56 21.32
N ILE A 79 -30.29 3.67 21.42
CA ILE A 79 -28.98 4.03 21.94
C ILE A 79 -28.15 4.63 20.82
N LEU A 80 -27.70 5.87 21.01
CA LEU A 80 -26.89 6.54 20.01
C LEU A 80 -25.41 6.25 20.18
N PHE A 81 -24.87 6.48 21.37
CA PHE A 81 -23.54 5.98 21.68
C PHE A 81 -23.52 5.50 23.12
N ASP A 82 -22.41 4.86 23.48
CA ASP A 82 -22.28 4.24 24.80
C ASP A 82 -20.78 4.15 25.07
N LEU A 83 -20.31 4.85 26.09
CA LEU A 83 -18.90 4.91 26.42
C LEU A 83 -18.66 4.40 27.83
N HIS A 84 -17.69 3.51 27.97
CA HIS A 84 -17.19 3.10 29.28
C HIS A 84 -15.96 3.91 29.61
N LEU A 85 -15.84 4.32 30.87
CA LEU A 85 -14.75 5.20 31.26
C LEU A 85 -13.43 4.44 31.28
N GLY A 86 -12.50 4.86 30.44
CA GLY A 86 -11.20 4.25 30.36
C GLY A 86 -10.21 5.12 29.63
N PRO A 87 -9.01 4.61 29.37
CA PRO A 87 -8.03 5.36 28.59
C PRO A 87 -8.20 5.15 27.09
N HIS A 88 -9.15 4.34 26.66
CA HIS A 88 -9.40 4.10 25.25
C HIS A 88 -10.40 5.08 24.66
N LEU A 89 -10.67 6.18 25.33
CA LEU A 89 -11.57 7.21 24.84
C LEU A 89 -10.82 8.36 24.19
N ASN A 90 -9.54 8.18 23.94
CA ASN A 90 -8.68 9.23 23.40
C ASN A 90 -7.53 8.52 22.72
N PRO A 91 -7.23 8.83 21.45
CA PRO A 91 -6.19 8.07 20.73
C PRO A 91 -4.80 8.32 21.25
N PHE A 92 -4.52 9.50 21.79
CA PHE A 92 -3.26 9.73 22.48
C PHE A 92 -3.18 8.92 23.76
N LEU A 93 -4.25 8.92 24.55
CA LEU A 93 -4.29 8.09 25.75
C LEU A 93 -4.34 6.60 25.43
N GLN A 94 -4.97 6.21 24.31
CA GLN A 94 -4.96 4.82 23.93
C GLN A 94 -3.57 4.36 23.52
N HIS A 95 -2.85 5.20 22.77
CA HIS A 95 -1.50 4.83 22.38
C HIS A 95 -0.52 4.89 23.54
N LEU A 96 -0.80 5.71 24.55
CA LEU A 96 0.01 5.65 25.76
C LEU A 96 -0.36 4.48 26.66
N SER A 97 -1.59 3.97 26.57
CA SER A 97 -2.03 2.91 27.46
C SER A 97 -1.37 1.57 27.17
N GLN A 98 -0.78 1.40 26.00
CA GLN A 98 -0.11 0.15 25.69
C GLN A 98 1.25 0.03 26.36
N MET A 99 1.74 1.11 26.96
CA MET A 99 3.02 1.14 27.64
C MET A 99 2.89 1.01 29.15
N TYR A 100 1.83 1.54 29.73
CA TYR A 100 1.67 1.57 31.19
C TYR A 100 0.74 0.47 31.66
N ASN A 101 0.42 0.50 32.95
CA ASN A 101 -0.47 -0.46 33.58
C ASN A 101 -1.27 0.25 34.65
N GLY A 102 -2.56 0.44 34.42
CA GLY A 102 -3.41 1.11 35.38
C GLY A 102 -3.47 2.61 35.13
N TRP A 103 -4.49 3.22 35.73
CA TRP A 103 -4.80 4.64 35.52
C TRP A 103 -5.80 5.06 36.58
N VAL A 104 -5.96 6.38 36.72
CA VAL A 104 -7.00 6.99 37.55
C VAL A 104 -7.46 8.26 36.87
N GLY A 105 -8.45 8.91 37.47
CA GLY A 105 -8.83 10.25 37.12
C GLY A 105 -10.09 10.29 36.27
N ASN A 106 -10.48 11.52 35.95
CA ASN A 106 -11.70 11.77 35.20
C ASN A 106 -11.36 12.14 33.75
N MET A 107 -12.40 12.25 32.94
CA MET A 107 -12.28 12.69 31.55
C MET A 107 -13.19 13.89 31.34
N ARG A 108 -13.18 14.40 30.11
CA ARG A 108 -14.05 15.51 29.73
C ARG A 108 -14.59 15.22 28.34
N VAL A 109 -15.90 15.08 28.22
CA VAL A 109 -16.54 14.67 26.98
C VAL A 109 -17.25 15.88 26.39
N ARG A 110 -17.21 16.00 25.06
CA ARG A 110 -17.82 17.12 24.37
C ARG A 110 -18.58 16.60 23.15
N VAL A 111 -19.88 16.89 23.09
CA VAL A 111 -20.77 16.37 22.05
C VAL A 111 -21.11 17.49 21.09
N MET A 112 -20.88 17.27 19.81
CA MET A 112 -21.18 18.26 18.77
C MET A 112 -22.49 17.91 18.08
N LEU A 113 -23.40 18.88 18.03
CA LEU A 113 -24.66 18.77 17.31
C LEU A 113 -24.90 20.06 16.56
N ALA A 114 -25.32 19.97 15.30
CA ALA A 114 -25.68 21.15 14.53
C ALA A 114 -26.70 20.71 13.47
N GLY A 115 -27.98 20.86 13.79
CA GLY A 115 -29.02 20.61 12.82
C GLY A 115 -29.31 21.84 12.00
N ASN A 116 -30.40 21.78 11.25
CA ASN A 116 -30.84 22.94 10.49
C ASN A 116 -31.58 23.91 11.41
N ALA A 117 -32.16 24.94 10.82
CA ALA A 117 -33.15 25.74 11.51
C ALA A 117 -34.54 25.15 11.42
N PHE A 118 -34.68 23.99 10.76
CA PHE A 118 -35.98 23.38 10.51
C PHE A 118 -36.25 22.15 11.36
N THR A 119 -35.22 21.46 11.82
CA THR A 119 -35.42 20.19 12.51
C THR A 119 -35.93 20.40 13.93
N ALA A 120 -36.20 19.29 14.61
CA ALA A 120 -36.71 19.31 15.98
C ALA A 120 -36.40 17.97 16.62
N GLY A 121 -36.11 17.99 17.91
CA GLY A 121 -35.80 16.77 18.62
C GLY A 121 -34.90 17.05 19.80
N LYS A 122 -34.84 16.08 20.71
CA LYS A 122 -34.04 16.20 21.92
C LYS A 122 -33.38 14.87 22.21
N ILE A 123 -32.24 14.91 22.90
CA ILE A 123 -31.56 13.72 23.37
C ILE A 123 -31.36 13.82 24.87
N ILE A 124 -30.97 12.70 25.48
CA ILE A 124 -30.74 12.64 26.92
C ILE A 124 -29.49 11.82 27.18
N ILE A 125 -28.58 12.36 28.00
CA ILE A 125 -27.28 11.75 28.26
C ILE A 125 -27.13 11.56 29.75
N CYS A 126 -27.08 10.30 30.20
CA CYS A 126 -27.12 9.97 31.61
C CYS A 126 -25.86 9.22 32.03
N CYS A 127 -25.57 9.26 33.33
CA CYS A 127 -24.38 8.67 33.92
C CYS A 127 -24.78 7.50 34.82
N VAL A 128 -24.42 6.30 34.43
CA VAL A 128 -24.80 5.07 35.13
C VAL A 128 -23.65 4.66 36.03
N PRO A 129 -23.89 4.36 37.31
CA PRO A 129 -22.79 4.04 38.23
C PRO A 129 -22.21 2.67 37.94
N PRO A 130 -21.01 2.39 38.43
CA PRO A 130 -20.43 1.05 38.21
C PRO A 130 -21.13 0.02 39.10
N GLY A 131 -21.38 -1.15 38.53
CA GLY A 131 -22.06 -2.21 39.24
C GLY A 131 -23.53 -2.35 38.93
N PHE A 132 -24.20 -1.25 38.60
CA PHE A 132 -25.60 -1.31 38.16
C PHE A 132 -25.61 -1.91 36.76
N ALA A 133 -25.91 -3.19 36.67
CA ALA A 133 -25.96 -3.89 35.40
C ALA A 133 -27.40 -4.26 35.10
N SER A 134 -27.90 -3.82 33.95
CA SER A 134 -29.24 -4.16 33.49
C SER A 134 -29.27 -4.00 31.98
N GLN A 135 -30.22 -4.68 31.36
CA GLN A 135 -30.41 -4.60 29.92
C GLN A 135 -31.60 -3.71 29.62
N ASN A 136 -31.49 -2.93 28.55
CA ASN A 136 -32.56 -2.09 27.99
C ASN A 136 -33.07 -1.08 29.03
N ILE A 137 -32.18 -0.16 29.40
CA ILE A 137 -32.58 0.98 30.21
C ILE A 137 -33.49 1.87 29.37
N SER A 138 -34.73 2.06 29.83
CA SER A 138 -35.68 2.85 29.08
C SER A 138 -35.41 4.35 29.31
N ILE A 139 -36.18 5.18 28.60
CA ILE A 139 -36.04 6.63 28.78
C ILE A 139 -36.78 7.13 30.00
N GLY A 140 -37.63 6.30 30.60
CA GLY A 140 -38.25 6.67 31.86
C GLY A 140 -37.28 6.45 32.99
N GLN A 141 -36.52 5.37 32.92
CA GLN A 141 -35.53 5.06 33.94
C GLN A 141 -34.26 5.89 33.80
N ALA A 142 -33.96 6.39 32.61
CA ALA A 142 -32.78 7.23 32.42
C ALA A 142 -32.96 8.62 32.98
N THR A 143 -34.17 9.00 33.37
CA THR A 143 -34.39 10.26 34.04
C THR A 143 -33.87 10.22 35.48
N MET A 144 -33.94 9.05 36.11
CA MET A 144 -33.60 8.91 37.52
C MET A 144 -32.11 8.95 37.80
N PHE A 145 -31.26 8.92 36.79
CA PHE A 145 -29.84 9.14 36.92
C PHE A 145 -29.51 10.61 36.71
N PRO A 146 -28.32 11.06 37.07
CA PRO A 146 -27.88 12.42 36.68
C PRO A 146 -27.77 12.55 35.17
N HIS A 147 -28.51 13.50 34.60
CA HIS A 147 -28.73 13.57 33.17
C HIS A 147 -28.74 15.02 32.71
N VAL A 148 -28.57 15.21 31.41
CA VAL A 148 -28.76 16.51 30.76
C VAL A 148 -29.56 16.29 29.49
N ILE A 149 -30.61 17.07 29.30
CA ILE A 149 -31.49 16.94 28.14
C ILE A 149 -31.15 18.05 27.16
N ALA A 150 -30.48 17.70 26.07
CA ALA A 150 -29.97 18.67 25.13
C ALA A 150 -30.77 18.64 23.84
N ASP A 151 -30.85 19.80 23.19
CA ASP A 151 -31.53 19.96 21.92
C ASP A 151 -30.63 19.48 20.79
N VAL A 152 -31.21 19.34 19.61
CA VAL A 152 -30.43 18.92 18.45
C VAL A 152 -30.17 20.12 17.56
N ARG A 153 -30.44 21.31 18.07
CA ARG A 153 -30.23 22.54 17.30
C ARG A 153 -29.28 23.51 17.99
N VAL A 154 -28.62 23.11 19.05
CA VAL A 154 -27.72 24.00 19.77
C VAL A 154 -26.46 24.20 18.95
N LEU A 155 -25.75 25.30 19.21
CA LEU A 155 -24.56 25.64 18.44
C LEU A 155 -23.27 25.38 19.20
N GLU A 156 -23.15 25.91 20.41
CA GLU A 156 -21.98 25.62 21.23
C GLU A 156 -22.08 24.20 21.76
N PRO A 157 -21.04 23.37 21.61
CA PRO A 157 -21.17 21.95 21.93
C PRO A 157 -21.25 21.68 23.42
N ILE A 158 -22.01 20.65 23.76
CA ILE A 158 -22.31 20.32 25.15
C ILE A 158 -21.09 19.70 25.79
N GLU A 159 -20.75 20.13 27.00
CA GLU A 159 -19.64 19.58 27.75
C GLU A 159 -20.17 18.86 28.98
N ILE A 160 -19.76 17.60 29.13
CA ILE A 160 -20.23 16.75 30.22
C ILE A 160 -19.04 16.17 30.97
N PRO A 161 -18.95 16.33 32.28
CA PRO A 161 -17.87 15.68 33.03
C PRO A 161 -18.19 14.22 33.27
N LEU A 162 -17.20 13.36 33.05
CA LEU A 162 -17.32 11.93 33.29
C LEU A 162 -16.44 11.59 34.48
N ASP A 163 -17.04 11.55 35.66
CA ASP A 163 -16.32 11.31 36.90
C ASP A 163 -15.93 9.84 37.02
N ASP A 164 -15.08 9.55 38.00
CA ASP A 164 -14.55 8.21 38.20
C ASP A 164 -14.97 7.69 39.57
N VAL A 165 -16.15 7.10 39.63
CA VAL A 165 -16.60 6.44 40.86
C VAL A 165 -15.95 5.07 40.92
N ARG A 166 -15.25 4.80 42.02
CA ARG A 166 -14.55 3.53 42.14
C ARG A 166 -14.50 3.10 43.59
N ASN A 167 -14.23 1.81 43.79
CA ASN A 167 -14.14 1.18 45.09
C ASN A 167 -12.70 1.03 45.56
N VAL A 168 -11.78 0.80 44.63
CA VAL A 168 -10.40 0.53 44.96
C VAL A 168 -9.57 1.76 44.68
N LEU A 169 -8.28 1.71 45.06
CA LEU A 169 -7.44 2.90 45.01
C LEU A 169 -7.09 3.30 43.58
N PHE A 170 -6.85 2.33 42.70
CA PHE A 170 -6.60 2.65 41.30
C PHE A 170 -7.04 1.47 40.44
N HIS A 171 -7.14 1.73 39.15
CA HIS A 171 -7.63 0.71 38.24
C HIS A 171 -6.48 -0.08 37.64
N THR A 172 -6.85 -1.09 36.86
CA THR A 172 -5.93 -2.05 36.25
C THR A 172 -6.67 -2.56 35.02
N ASN A 173 -5.93 -3.07 34.02
CA ASN A 173 -6.52 -3.47 32.75
C ASN A 173 -7.24 -4.82 32.80
N GLU A 174 -7.64 -5.30 33.98
CA GLU A 174 -8.45 -6.49 34.13
C GLU A 174 -9.93 -6.15 33.88
N ASN A 175 -10.82 -7.08 34.18
CA ASN A 175 -12.25 -6.90 33.96
C ASN A 175 -12.91 -6.46 35.25
N ARG A 176 -13.26 -5.18 35.32
CA ARG A 176 -14.02 -4.59 36.41
C ARG A 176 -14.98 -3.57 35.82
N PRO A 177 -16.12 -3.34 36.46
CA PRO A 177 -17.05 -2.34 35.95
C PRO A 177 -16.56 -0.92 36.24
N THR A 178 -16.77 -0.05 35.25
CA THR A 178 -16.46 1.37 35.34
C THR A 178 -17.70 2.17 34.97
N MET A 179 -17.60 3.48 35.11
CA MET A 179 -18.75 4.36 34.87
C MET A 179 -19.08 4.43 33.38
N ARG A 180 -20.33 4.72 33.08
CA ARG A 180 -20.82 4.73 31.72
C ARG A 180 -21.54 6.04 31.39
N LEU A 181 -21.32 6.53 30.17
CA LEU A 181 -22.17 7.54 29.56
C LEU A 181 -23.12 6.83 28.60
N LEU A 182 -24.40 7.13 28.70
CA LEU A 182 -25.42 6.47 27.88
C LEU A 182 -26.33 7.54 27.30
N CYS A 183 -26.19 7.78 25.99
CA CYS A 183 -26.96 8.82 25.32
C CYS A 183 -28.00 8.19 24.43
N MET A 184 -29.26 8.55 24.66
CA MET A 184 -30.37 7.98 23.92
C MET A 184 -31.21 9.09 23.32
N LEU A 185 -31.99 8.74 22.30
CA LEU A 185 -32.94 9.67 21.74
C LEU A 185 -34.08 9.87 22.72
N TYR A 186 -34.64 11.07 22.78
CA TYR A 186 -35.66 11.39 23.77
C TYR A 186 -37.01 11.69 23.13
N THR A 187 -37.07 12.60 22.19
CA THR A 187 -38.24 12.83 21.35
C THR A 187 -37.88 12.49 19.92
N PRO A 188 -38.84 12.06 19.10
CA PRO A 188 -38.51 11.67 17.72
C PRO A 188 -38.12 12.87 16.87
N LEU A 189 -37.23 12.61 15.92
CA LEU A 189 -36.72 13.66 15.05
C LEU A 189 -37.72 13.93 13.93
N ARG A 190 -37.95 15.21 13.67
CA ARG A 190 -38.85 15.64 12.61
C ARG A 190 -38.16 16.70 11.78
N ALA A 191 -38.25 16.58 10.46
CA ALA A 191 -37.66 17.57 9.57
C ALA A 191 -38.76 18.42 8.93
N PRO A 200 -34.56 12.06 3.60
CA PRO A 200 -33.21 12.11 3.05
C PRO A 200 -32.23 12.70 4.03
N PHE A 201 -32.62 12.72 5.30
CA PHE A 201 -31.96 13.55 6.30
C PHE A 201 -31.39 12.70 7.43
N VAL A 202 -30.18 13.05 7.86
CA VAL A 202 -29.60 12.55 9.10
C VAL A 202 -28.99 13.74 9.81
N ILE A 203 -28.47 13.49 11.01
CA ILE A 203 -27.72 14.48 11.77
C ILE A 203 -26.39 13.84 12.16
N ALA A 204 -25.31 14.33 11.59
CA ALA A 204 -23.99 13.82 11.90
C ALA A 204 -23.52 14.40 13.23
N GLY A 205 -23.30 13.53 14.21
CA GLY A 205 -22.81 13.97 15.49
C GLY A 205 -21.41 13.45 15.75
N ARG A 206 -20.58 14.23 16.43
CA ARG A 206 -19.21 13.82 16.73
C ARG A 206 -18.96 13.99 18.22
N VAL A 207 -18.18 13.08 18.79
CA VAL A 207 -17.86 13.08 20.21
C VAL A 207 -16.36 13.30 20.36
N LEU A 208 -15.98 14.27 21.18
CA LEU A 208 -14.59 14.68 21.34
C LEU A 208 -14.23 14.65 22.81
N THR A 209 -13.08 14.05 23.13
CA THR A 209 -12.67 13.85 24.51
C THR A 209 -11.30 14.46 24.79
N CYS A 210 -11.08 14.77 26.06
CA CYS A 210 -9.83 15.33 26.57
C CYS A 210 -9.73 14.97 28.03
N PRO A 211 -8.55 14.60 28.52
CA PRO A 211 -8.43 14.18 29.91
C PRO A 211 -8.49 15.36 30.88
N SER A 212 -8.79 15.04 32.13
CA SER A 212 -8.86 16.01 33.19
C SER A 212 -7.45 16.31 33.68
N PRO A 213 -7.26 17.34 34.54
CA PRO A 213 -5.94 17.51 35.16
C PRO A 213 -5.62 16.54 36.30
N ASP A 214 -6.39 15.47 36.44
CA ASP A 214 -6.14 14.45 37.44
C ASP A 214 -5.78 13.10 36.86
N PHE A 215 -5.65 12.99 35.54
CA PHE A 215 -5.34 11.70 34.94
C PHE A 215 -3.87 11.37 35.11
N ASN A 216 -3.59 10.10 35.40
CA ASN A 216 -2.23 9.64 35.60
C ASN A 216 -2.16 8.15 35.32
N PHE A 217 -1.21 7.76 34.48
CA PHE A 217 -0.87 6.35 34.31
C PHE A 217 0.06 5.93 35.44
N LEU A 218 0.19 4.62 35.64
CA LEU A 218 0.82 4.21 36.89
C LEU A 218 2.10 3.40 36.77
N PHE A 219 2.12 2.28 36.06
CA PHE A 219 3.29 1.42 36.18
C PHE A 219 3.79 1.00 34.81
N LEU A 220 5.09 1.13 34.59
CA LEU A 220 5.67 0.85 33.28
C LEU A 220 5.75 -0.66 33.03
N VAL A 221 5.40 -1.05 31.80
CA VAL A 221 5.24 -2.44 31.37
C VAL A 221 5.85 -2.50 29.97
N PRO A 222 6.41 -3.64 29.54
CA PRO A 222 6.81 -3.82 28.14
C PRO A 222 5.69 -3.47 27.17
N PRO A 223 5.95 -2.60 26.20
CA PRO A 223 4.86 -2.03 25.41
C PRO A 223 4.30 -2.97 24.36
N SER A 224 2.98 -2.87 24.18
CA SER A 224 2.18 -3.66 23.21
C SER A 224 2.37 -5.16 23.40
N VAL A 225 2.28 -5.62 24.64
CA VAL A 225 2.39 -7.03 24.98
C VAL A 225 1.08 -7.58 25.49
N GLU A 226 0.42 -6.88 26.41
CA GLU A 226 -0.84 -7.33 26.98
C GLU A 226 -1.96 -7.26 25.95
N GLN A 227 -2.96 -8.12 26.14
CA GLN A 227 -4.02 -8.25 25.15
C GLN A 227 -5.07 -7.15 25.29
N LYS A 228 -5.39 -6.77 26.54
CA LYS A 228 -6.54 -5.92 26.82
C LYS A 228 -6.38 -4.49 26.33
N THR A 229 -5.20 -4.08 25.90
CA THR A 229 -4.97 -2.75 25.38
C THR A 229 -4.64 -2.75 23.89
N ARG A 230 -5.04 -3.77 23.13
CA ARG A 230 -4.74 -3.83 21.72
C ARG A 230 -5.70 -2.97 20.92
N GLN A 231 -5.60 -3.05 19.60
CA GLN A 231 -6.41 -2.26 18.70
C GLN A 231 -6.73 -3.07 17.45
N LEU A 232 -7.99 -3.05 17.04
CA LEU A 232 -8.39 -3.80 15.86
C LEU A 232 -7.98 -3.04 14.60
N THR A 233 -7.30 -3.74 13.69
CA THR A 233 -6.95 -3.20 12.39
C THR A 233 -7.38 -4.18 11.31
N VAL A 234 -7.56 -3.66 10.10
CA VAL A 234 -7.91 -4.46 8.94
C VAL A 234 -6.71 -4.45 8.00
N PRO A 235 -6.50 -5.48 7.17
CA PRO A 235 -5.29 -5.54 6.35
C PRO A 235 -5.28 -4.51 5.24
N ASN A 236 -4.07 -4.12 4.83
CA ASN A 236 -3.89 -3.17 3.74
C ASN A 236 -3.63 -3.90 2.42
N ILE A 237 -4.64 -4.67 2.00
CA ILE A 237 -4.58 -5.47 0.79
C ILE A 237 -5.72 -5.02 -0.11
N PRO A 238 -5.50 -4.84 -1.41
CA PRO A 238 -6.62 -4.52 -2.32
C PRO A 238 -7.58 -5.69 -2.47
N LEU A 239 -8.72 -5.39 -3.10
CA LEU A 239 -9.79 -6.38 -3.18
C LEU A 239 -9.46 -7.50 -4.15
N ASN A 240 -8.77 -7.20 -5.25
CA ASN A 240 -8.45 -8.23 -6.23
C ASN A 240 -7.28 -9.12 -5.82
N ASN A 241 -6.72 -8.92 -4.63
CA ASN A 241 -5.66 -9.76 -4.10
C ASN A 241 -6.10 -10.55 -2.88
N LEU A 242 -7.41 -10.69 -2.68
CA LEU A 242 -7.94 -11.46 -1.57
C LEU A 242 -8.44 -12.80 -2.08
N ALA A 243 -8.20 -13.85 -1.31
CA ALA A 243 -8.58 -15.19 -1.72
C ALA A 243 -9.96 -15.54 -1.17
N ASN A 244 -10.68 -16.37 -1.91
CA ASN A 244 -11.98 -16.84 -1.45
C ASN A 244 -11.81 -17.81 -0.30
N SER A 245 -12.84 -17.94 0.52
CA SER A 245 -12.79 -18.76 1.71
C SER A 245 -13.71 -19.98 1.63
N ARG A 246 -14.22 -20.30 0.45
CA ARG A 246 -15.08 -21.47 0.33
C ARG A 246 -14.60 -22.38 -0.79
N VAL A 247 -13.96 -21.81 -1.82
CA VAL A 247 -13.38 -22.56 -2.92
C VAL A 247 -12.01 -21.97 -3.20
N PRO A 248 -11.06 -22.71 -3.77
CA PRO A 248 -9.74 -22.11 -4.07
C PRO A 248 -9.70 -21.21 -5.29
N ALA A 249 -10.12 -19.96 -5.10
CA ALA A 249 -10.15 -18.98 -6.18
C ALA A 249 -10.00 -17.59 -5.59
N MET A 250 -9.95 -16.59 -6.47
CA MET A 250 -9.74 -15.20 -6.06
C MET A 250 -11.03 -14.41 -6.21
N ILE A 251 -11.18 -13.38 -5.39
CA ILE A 251 -12.39 -12.58 -5.37
C ILE A 251 -12.32 -11.54 -6.48
N ASN A 252 -13.40 -11.43 -7.27
CA ASN A 252 -13.44 -10.47 -8.35
C ASN A 252 -14.69 -9.61 -8.40
N LYS A 253 -15.61 -9.74 -7.44
CA LYS A 253 -16.85 -8.98 -7.46
C LYS A 253 -17.47 -8.99 -6.07
N MET A 254 -18.17 -7.91 -5.73
CA MET A 254 -19.01 -7.86 -4.54
C MET A 254 -20.46 -7.66 -4.93
N THR A 255 -21.31 -8.61 -4.56
CA THR A 255 -22.72 -8.53 -4.90
C THR A 255 -23.55 -8.63 -3.64
N VAL A 256 -24.85 -8.38 -3.79
CA VAL A 256 -25.84 -8.61 -2.75
C VAL A 256 -26.90 -9.56 -3.32
N SER A 257 -27.60 -10.25 -2.43
CA SER A 257 -28.57 -11.23 -2.87
C SER A 257 -29.88 -10.56 -3.24
N THR A 258 -30.69 -11.29 -4.01
CA THR A 258 -32.00 -10.75 -4.41
C THR A 258 -33.00 -10.85 -3.26
N ASP A 259 -33.24 -12.07 -2.77
CA ASP A 259 -34.11 -12.28 -1.63
C ASP A 259 -33.37 -11.77 -0.41
N GLN A 260 -33.78 -10.61 0.08
CA GLN A 260 -33.09 -9.99 1.21
C GLN A 260 -33.46 -10.59 2.55
N ASN A 261 -34.42 -11.51 2.59
CA ASN A 261 -34.79 -12.23 3.80
C ASN A 261 -34.36 -13.68 3.76
N GLN A 262 -33.51 -14.05 2.80
CA GLN A 262 -32.92 -15.38 2.75
C GLN A 262 -31.91 -15.52 3.88
N VAL A 263 -31.98 -16.65 4.58
CA VAL A 263 -31.03 -16.95 5.64
C VAL A 263 -29.85 -17.72 5.05
N VAL A 264 -28.64 -17.38 5.50
CA VAL A 264 -27.44 -18.09 5.10
C VAL A 264 -26.76 -18.61 6.35
N GLN A 265 -26.30 -19.86 6.28
CA GLN A 265 -25.56 -20.49 7.37
C GLN A 265 -24.36 -21.17 6.74
N PHE A 266 -23.29 -20.42 6.52
CA PHE A 266 -22.13 -21.02 5.90
C PHE A 266 -21.28 -21.71 6.96
N GLN A 267 -20.30 -22.48 6.51
CA GLN A 267 -19.42 -23.19 7.44
C GLN A 267 -17.96 -22.82 7.29
N ASN A 268 -17.47 -22.63 6.07
CA ASN A 268 -16.13 -22.11 5.88
C ASN A 268 -16.18 -20.60 5.76
N GLY A 269 -15.21 -19.94 6.38
CA GLY A 269 -15.18 -18.49 6.36
C GLY A 269 -16.02 -17.88 7.47
N ARG A 270 -16.02 -18.51 8.63
CA ARG A 270 -16.74 -18.03 9.80
C ARG A 270 -15.73 -17.78 10.92
N CYS A 271 -15.65 -16.54 11.38
CA CYS A 271 -14.69 -16.18 12.42
C CYS A 271 -15.14 -14.89 13.09
N THR A 272 -15.19 -14.90 14.41
CA THR A 272 -15.54 -13.70 15.14
C THR A 272 -14.38 -12.71 15.13
N LEU A 273 -14.67 -11.47 15.54
CA LEU A 273 -13.66 -10.43 15.55
C LEU A 273 -12.62 -10.63 16.65
N GLU A 274 -12.95 -11.41 17.68
CA GLU A 274 -11.99 -11.72 18.72
C GLU A 274 -10.96 -12.75 18.25
N GLY A 275 -11.21 -13.42 17.14
CA GLY A 275 -10.27 -14.39 16.61
C GLY A 275 -10.50 -15.79 17.14
N GLN A 276 -11.73 -16.28 17.01
CA GLN A 276 -12.08 -17.61 17.48
C GLN A 276 -12.89 -18.29 16.37
N LEU A 277 -12.31 -19.31 15.76
CA LEU A 277 -12.86 -19.92 14.56
C LEU A 277 -14.13 -20.72 14.87
N LEU A 278 -15.04 -20.72 13.90
CA LEU A 278 -16.31 -21.41 14.03
C LEU A 278 -16.51 -22.35 12.86
N GLY A 279 -17.16 -23.48 13.11
CA GLY A 279 -17.46 -24.40 12.02
C GLY A 279 -16.22 -25.15 11.59
N THR A 280 -16.05 -25.28 10.28
CA THR A 280 -14.90 -25.96 9.69
C THR A 280 -13.97 -24.95 9.02
N THR A 281 -13.78 -23.80 9.64
CA THR A 281 -12.95 -22.76 9.05
C THR A 281 -11.49 -23.07 9.25
N PRO A 282 -10.69 -23.16 8.21
CA PRO A 282 -9.24 -23.32 8.39
C PRO A 282 -8.56 -21.98 8.61
N VAL A 283 -7.24 -21.98 8.70
CA VAL A 283 -6.47 -20.76 8.89
C VAL A 283 -5.81 -20.31 7.60
N SER A 284 -5.08 -21.21 6.94
CA SER A 284 -4.36 -20.83 5.74
C SER A 284 -5.27 -20.85 4.51
N ALA A 285 -4.81 -20.21 3.45
CA ALA A 285 -5.55 -20.09 2.21
C ALA A 285 -5.31 -21.25 1.26
N SER A 286 -4.61 -22.28 1.70
CA SER A 286 -4.39 -23.48 0.89
C SER A 286 -5.06 -24.71 1.48
N GLN A 287 -5.84 -24.55 2.55
CA GLN A 287 -6.55 -25.65 3.17
C GLN A 287 -8.03 -25.67 2.81
N VAL A 288 -8.52 -24.72 2.05
CA VAL A 288 -9.94 -24.66 1.74
C VAL A 288 -10.28 -25.67 0.66
N ALA A 289 -11.40 -26.38 0.85
CA ALA A 289 -11.93 -27.40 -0.06
C ALA A 289 -10.91 -28.52 -0.31
N ARG A 290 -10.47 -29.16 0.77
CA ARG A 290 -9.52 -30.26 0.69
C ARG A 290 -10.06 -31.47 1.44
N ILE A 291 -9.73 -32.65 0.95
CA ILE A 291 -10.14 -33.92 1.55
C ILE A 291 -8.92 -34.83 1.61
N ARG A 292 -8.63 -35.38 2.79
CA ARG A 292 -7.57 -36.36 2.97
C ARG A 292 -8.11 -37.56 3.73
N GLY A 293 -7.85 -38.76 3.22
CA GLY A 293 -8.29 -39.96 3.90
C GLY A 293 -7.56 -41.18 3.36
N LYS A 294 -7.87 -42.33 3.98
CA LYS A 294 -7.32 -43.61 3.55
C LYS A 294 -8.42 -44.45 2.92
N VAL A 295 -8.20 -44.88 1.69
CA VAL A 295 -9.24 -45.52 0.89
C VAL A 295 -9.44 -46.96 1.35
N PHE A 296 -10.64 -47.26 1.81
CA PHE A 296 -11.08 -48.62 2.03
C PHE A 296 -11.99 -49.05 0.89
N SER A 297 -12.11 -50.37 0.71
CA SER A 297 -12.92 -50.90 -0.38
C SER A 297 -13.47 -52.26 0.07
N THR A 298 -14.72 -52.27 0.51
CA THR A 298 -15.40 -53.50 0.87
C THR A 298 -16.03 -54.12 -0.37
N ALA A 299 -16.88 -55.12 -0.18
CA ALA A 299 -17.57 -55.75 -1.31
C ALA A 299 -18.72 -54.91 -1.83
N SER A 300 -19.16 -53.90 -1.07
CA SER A 300 -20.24 -53.03 -1.54
C SER A 300 -19.73 -52.00 -2.53
N GLY A 301 -18.68 -51.26 -2.17
CA GLY A 301 -18.13 -50.25 -3.05
C GLY A 301 -16.78 -49.75 -2.57
N LYS A 302 -16.55 -48.45 -2.69
CA LYS A 302 -15.31 -47.84 -2.27
C LYS A 302 -15.61 -46.59 -1.46
N GLY A 303 -14.66 -46.18 -0.61
CA GLY A 303 -14.86 -45.03 0.23
C GLY A 303 -13.59 -44.44 0.79
N LEU A 304 -13.71 -43.52 1.74
CA LEU A 304 -12.58 -42.90 2.41
C LEU A 304 -12.85 -42.83 3.90
N ASN A 305 -11.86 -43.21 4.70
CA ASN A 305 -11.89 -42.98 6.14
C ASN A 305 -11.17 -41.65 6.40
N LEU A 306 -11.94 -40.64 6.78
CA LEU A 306 -11.44 -39.27 6.78
C LEU A 306 -10.50 -39.02 7.96
N THR A 307 -9.35 -38.42 7.64
CA THR A 307 -8.44 -37.91 8.66
C THR A 307 -8.28 -36.41 8.45
N GLU A 308 -7.41 -35.77 9.23
CA GLU A 308 -7.19 -34.34 9.06
C GLU A 308 -6.24 -34.10 7.91
N LEU A 309 -5.93 -32.83 7.66
CA LEU A 309 -5.15 -32.48 6.48
C LEU A 309 -3.66 -32.69 6.65
N ASP A 310 -3.19 -33.08 7.83
CA ASP A 310 -1.78 -33.38 8.03
C ASP A 310 -1.56 -34.79 8.56
N GLY A 311 -2.50 -35.70 8.31
CA GLY A 311 -2.35 -37.08 8.69
C GLY A 311 -2.79 -37.42 10.10
N THR A 312 -3.03 -36.43 10.94
CA THR A 312 -3.48 -36.70 12.30
C THR A 312 -4.92 -37.22 12.30
N PRO A 313 -5.27 -38.12 13.23
CA PRO A 313 -6.61 -38.70 13.20
C PRO A 313 -7.69 -37.70 13.59
N TYR A 314 -8.85 -37.84 12.97
CA TYR A 314 -9.98 -36.96 13.21
C TYR A 314 -10.96 -37.62 14.16
N HIS A 315 -11.33 -36.90 15.22
CA HIS A 315 -12.27 -37.40 16.21
C HIS A 315 -13.54 -36.57 16.19
N ALA A 316 -14.66 -37.20 16.54
CA ALA A 316 -15.93 -36.49 16.59
C ALA A 316 -15.97 -35.52 17.75
N PHE A 317 -15.99 -34.23 17.43
CA PHE A 317 -15.80 -33.12 18.35
C PHE A 317 -16.69 -31.96 17.95
N GLU A 318 -16.33 -30.74 18.40
CA GLU A 318 -17.05 -29.52 18.04
C GLU A 318 -17.12 -29.26 16.54
N SER A 319 -16.18 -29.76 15.77
CA SER A 319 -16.38 -29.49 14.35
C SER A 319 -17.27 -30.56 13.72
N PRO A 320 -18.07 -30.20 12.72
CA PRO A 320 -18.88 -31.21 12.03
C PRO A 320 -18.10 -32.01 11.00
N ALA A 321 -16.85 -31.64 10.74
CA ALA A 321 -16.05 -32.23 9.67
C ALA A 321 -14.60 -31.89 9.94
N PRO A 322 -13.65 -32.56 9.28
CA PRO A 322 -12.27 -32.09 9.32
C PRO A 322 -12.13 -30.69 8.74
N LEU A 323 -11.15 -29.96 9.24
CA LEU A 323 -11.00 -28.54 8.90
C LEU A 323 -10.60 -28.39 7.44
N GLY A 324 -11.38 -27.61 6.70
CA GLY A 324 -11.18 -27.45 5.28
C GLY A 324 -12.07 -28.30 4.40
N PHE A 325 -12.98 -29.06 5.00
CA PHE A 325 -13.92 -29.86 4.23
C PHE A 325 -14.86 -28.94 3.44
N PRO A 326 -15.21 -29.30 2.21
CA PRO A 326 -16.05 -28.42 1.40
C PRO A 326 -17.47 -28.36 1.94
N ASP A 327 -18.18 -27.30 1.56
CA ASP A 327 -19.49 -27.04 2.15
C ASP A 327 -20.54 -26.59 1.14
N ILE A 328 -20.32 -26.79 -0.16
CA ILE A 328 -21.35 -26.49 -1.15
C ILE A 328 -22.33 -27.66 -1.15
N GLY A 329 -23.55 -27.41 -0.69
CA GLY A 329 -24.47 -28.49 -0.44
C GLY A 329 -25.44 -28.75 -1.58
N ALA A 330 -26.10 -29.92 -1.47
CA ALA A 330 -27.16 -30.36 -2.38
C ALA A 330 -26.68 -30.44 -3.83
N CYS A 331 -25.50 -31.05 -4.02
CA CYS A 331 -24.93 -31.21 -5.34
C CYS A 331 -24.03 -32.43 -5.34
N ASP A 332 -23.30 -32.62 -6.43
CA ASP A 332 -22.31 -33.68 -6.54
C ASP A 332 -20.91 -33.08 -6.53
N TRP A 333 -19.98 -33.81 -5.94
CA TRP A 333 -18.60 -33.35 -5.83
C TRP A 333 -17.70 -34.15 -6.76
N HIS A 334 -16.69 -33.48 -7.30
CA HIS A 334 -15.66 -34.12 -8.10
C HIS A 334 -14.30 -33.70 -7.55
N VAL A 335 -13.62 -34.64 -6.89
CA VAL A 335 -12.37 -34.35 -6.18
C VAL A 335 -11.25 -35.06 -6.91
N SER A 336 -10.16 -34.33 -7.17
CA SER A 336 -9.00 -34.88 -7.85
C SER A 336 -7.87 -35.08 -6.85
N THR A 337 -7.53 -36.33 -6.56
CA THR A 337 -6.60 -36.66 -5.50
C THR A 337 -5.30 -37.20 -6.07
N PHE A 338 -4.35 -37.47 -5.18
CA PHE A 338 -3.10 -38.13 -5.51
C PHE A 338 -2.58 -38.87 -4.30
N LYS A 339 -1.74 -39.86 -4.52
CA LYS A 339 -1.22 -40.68 -3.44
C LYS A 339 -0.12 -39.94 -2.70
N VAL A 340 0.01 -40.22 -1.40
CA VAL A 340 0.93 -39.50 -0.53
C VAL A 340 2.27 -40.26 -0.59
N ASP A 341 2.23 -41.45 -1.19
CA ASP A 341 3.41 -42.30 -1.34
C ASP A 341 4.45 -41.63 -2.22
N GLN A 342 5.72 -41.87 -1.88
CA GLN A 342 6.82 -41.21 -2.57
C GLN A 342 7.03 -41.79 -3.97
N ASN A 343 7.08 -43.11 -4.08
CA ASN A 343 7.35 -43.76 -5.35
C ASN A 343 6.10 -43.71 -6.22
N LEU A 344 6.12 -42.84 -7.22
CA LEU A 344 5.00 -42.66 -8.13
C LEU A 344 5.41 -43.09 -9.53
N SER A 345 4.50 -43.76 -10.22
CA SER A 345 4.76 -44.30 -11.55
C SER A 345 3.54 -44.09 -12.44
N GLY A 346 3.76 -43.49 -13.60
CA GLY A 346 2.68 -43.33 -14.56
C GLY A 346 1.83 -42.13 -14.21
N ASP A 347 0.51 -42.32 -14.28
CA ASP A 347 -0.43 -41.25 -14.00
C ASP A 347 -0.71 -41.18 -12.51
N PRO A 348 -0.38 -40.09 -11.83
CA PRO A 348 -0.54 -40.06 -10.37
C PRO A 348 -1.93 -39.69 -9.91
N MET A 349 -2.68 -38.93 -10.69
CA MET A 349 -3.94 -38.41 -10.22
C MET A 349 -5.07 -39.40 -10.42
N SER A 350 -6.16 -39.17 -9.69
CA SER A 350 -7.36 -39.99 -9.79
C SER A 350 -8.54 -39.16 -9.34
N ARG A 351 -9.55 -39.05 -10.18
CA ARG A 351 -10.72 -38.24 -9.90
C ARG A 351 -11.76 -39.05 -9.15
N LEU A 352 -12.21 -38.53 -8.02
CA LEU A 352 -13.24 -39.17 -7.21
C LEU A 352 -14.55 -38.41 -7.37
N ASP A 353 -15.64 -39.16 -7.46
CA ASP A 353 -16.97 -38.58 -7.64
C ASP A 353 -17.84 -38.93 -6.44
N VAL A 354 -18.30 -37.92 -5.72
CA VAL A 354 -19.06 -38.10 -4.49
C VAL A 354 -20.49 -37.63 -4.72
N LYS A 355 -21.45 -38.38 -4.21
CA LYS A 355 -22.84 -37.98 -4.20
C LYS A 355 -23.26 -37.72 -2.76
N GLN A 356 -24.10 -36.70 -2.56
CA GLN A 356 -24.62 -36.37 -1.23
C GLN A 356 -25.88 -37.19 -0.93
N ASN A 357 -25.67 -38.49 -0.79
CA ASN A 357 -26.73 -39.45 -0.57
C ASN A 357 -26.75 -39.86 0.90
N ALA A 358 -27.51 -40.91 1.21
CA ALA A 358 -27.56 -41.43 2.58
C ALA A 358 -26.22 -41.94 3.15
N PRO A 359 -25.33 -42.63 2.41
CA PRO A 359 -24.02 -42.96 3.00
C PRO A 359 -23.03 -41.81 3.07
N PHE A 360 -23.44 -40.58 2.78
CA PHE A 360 -22.58 -39.41 2.93
C PHE A 360 -22.74 -38.91 4.37
N ALA A 361 -21.76 -39.21 5.21
CA ALA A 361 -21.79 -38.81 6.62
C ALA A 361 -20.39 -38.43 7.07
N PRO A 362 -19.95 -37.21 6.79
CA PRO A 362 -18.61 -36.79 7.22
C PRO A 362 -18.51 -36.47 8.70
N HIS A 363 -19.61 -36.47 9.45
CA HIS A 363 -19.51 -36.27 10.88
C HIS A 363 -18.99 -37.52 11.58
N LEU A 364 -19.17 -38.69 10.97
CA LEU A 364 -18.60 -39.92 11.50
C LEU A 364 -17.27 -40.27 10.85
N GLY A 365 -16.84 -39.51 9.85
CA GLY A 365 -15.54 -39.73 9.26
C GLY A 365 -15.53 -40.78 8.17
N SER A 366 -16.55 -40.80 7.32
CA SER A 366 -16.60 -41.75 6.22
C SER A 366 -17.49 -41.20 5.12
N ILE A 367 -16.98 -41.24 3.88
CA ILE A 367 -17.77 -40.92 2.71
C ILE A 367 -17.70 -42.10 1.75
N GLU A 368 -18.46 -42.02 0.66
CA GLU A 368 -18.50 -43.05 -0.35
C GLU A 368 -18.40 -42.42 -1.73
N PHE A 369 -17.59 -43.01 -2.60
CA PHE A 369 -17.33 -42.47 -3.92
C PHE A 369 -17.35 -43.58 -4.95
N THR A 370 -17.35 -43.18 -6.23
CA THR A 370 -17.09 -44.06 -7.35
C THR A 370 -16.07 -43.39 -8.26
N SER A 371 -15.26 -44.20 -8.94
CA SER A 371 -14.22 -43.65 -9.80
C SER A 371 -13.89 -44.63 -10.90
N ASP A 372 -13.47 -44.09 -12.05
CA ASP A 372 -13.02 -44.93 -13.15
C ASP A 372 -11.61 -45.46 -12.90
N GLN A 373 -10.71 -44.59 -12.44
CA GLN A 373 -9.37 -45.02 -12.05
C GLN A 373 -9.43 -45.77 -10.74
N ASP A 374 -8.31 -46.38 -10.35
CA ASP A 374 -8.23 -47.17 -9.11
C ASP A 374 -7.20 -46.56 -8.19
N PRO A 375 -7.61 -45.69 -7.26
CA PRO A 375 -6.71 -45.26 -6.20
C PRO A 375 -6.86 -46.08 -4.93
N THR A 376 -5.73 -46.40 -4.31
CA THR A 376 -5.68 -47.08 -3.02
C THR A 376 -4.86 -46.23 -2.06
N GLY A 377 -4.72 -46.73 -0.84
CA GLY A 377 -3.79 -46.14 0.11
C GLY A 377 -4.28 -44.82 0.66
N ASP A 378 -3.34 -43.89 0.86
CA ASP A 378 -3.66 -42.55 1.33
C ASP A 378 -3.87 -41.64 0.15
N GLN A 379 -4.89 -40.77 0.24
CA GLN A 379 -5.20 -39.85 -0.82
C GLN A 379 -5.39 -38.46 -0.25
N LEU A 380 -5.01 -37.45 -1.04
CA LEU A 380 -5.16 -36.05 -0.67
C LEU A 380 -5.55 -35.26 -1.91
N GLY A 381 -6.67 -34.55 -1.84
CA GLY A 381 -7.16 -33.92 -3.05
C GLY A 381 -7.96 -32.66 -2.78
N THR A 382 -8.35 -32.03 -3.89
CA THR A 382 -8.99 -30.71 -3.89
C THR A 382 -10.27 -30.82 -4.72
N LEU A 383 -11.33 -30.16 -4.26
CA LEU A 383 -12.58 -30.11 -5.00
C LEU A 383 -12.39 -29.38 -6.32
N ALA A 384 -12.72 -30.04 -7.43
CA ALA A 384 -12.45 -29.50 -8.76
C ALA A 384 -13.66 -28.80 -9.36
N TRP A 385 -14.81 -29.48 -9.44
CA TRP A 385 -16.02 -28.90 -10.01
C TRP A 385 -17.23 -29.62 -9.45
N VAL A 386 -18.38 -28.98 -9.56
CA VAL A 386 -19.62 -29.50 -8.99
C VAL A 386 -20.60 -29.83 -10.11
N SER A 387 -21.67 -30.53 -9.74
CA SER A 387 -22.61 -31.09 -10.69
C SER A 387 -23.95 -31.24 -10.00
N PRO A 388 -25.06 -31.20 -10.75
CA PRO A 388 -26.38 -31.37 -10.13
C PRO A 388 -26.60 -32.79 -9.61
N SER A 389 -27.48 -32.88 -8.62
CA SER A 389 -27.70 -34.15 -7.93
C SER A 389 -28.52 -35.12 -8.78
N THR A 390 -29.38 -34.60 -9.65
CA THR A 390 -30.23 -35.42 -10.50
C THR A 390 -30.04 -34.90 -11.93
N SER A 391 -30.66 -35.56 -12.91
CA SER A 391 -30.45 -35.24 -14.31
C SER A 391 -31.04 -33.91 -14.74
N GLY A 392 -31.94 -33.34 -13.95
CA GLY A 392 -32.57 -32.09 -14.34
C GLY A 392 -32.70 -31.08 -13.22
N ALA A 393 -31.92 -31.24 -12.17
CA ALA A 393 -31.96 -30.31 -11.05
C ALA A 393 -31.04 -29.12 -11.33
N ARG A 394 -30.84 -28.28 -10.33
CA ARG A 394 -29.93 -27.14 -10.45
C ARG A 394 -28.94 -27.14 -9.29
N VAL A 395 -27.93 -26.30 -9.41
CA VAL A 395 -26.88 -26.17 -8.41
C VAL A 395 -27.05 -24.84 -7.70
N ASP A 396 -27.50 -24.89 -6.46
CA ASP A 396 -27.63 -23.69 -5.65
C ASP A 396 -26.40 -23.57 -4.76
N PRO A 397 -25.52 -22.60 -4.99
CA PRO A 397 -24.31 -22.48 -4.16
C PRO A 397 -24.54 -21.76 -2.84
N TRP A 398 -25.79 -21.61 -2.40
CA TRP A 398 -26.11 -20.92 -1.17
C TRP A 398 -26.59 -21.87 -0.08
N LYS A 399 -26.38 -23.17 -0.28
CA LYS A 399 -26.82 -24.19 0.67
C LYS A 399 -25.61 -24.94 1.21
N ILE A 400 -25.85 -25.71 2.27
CA ILE A 400 -24.79 -26.46 2.95
C ILE A 400 -25.22 -27.92 3.05
N PRO A 401 -24.29 -28.87 3.11
CA PRO A 401 -24.70 -30.28 3.19
C PRO A 401 -25.24 -30.63 4.57
N SER A 402 -25.82 -31.82 4.64
CA SER A 402 -26.27 -32.40 5.90
C SER A 402 -25.14 -33.30 6.38
N TYR A 403 -24.43 -32.86 7.41
CA TYR A 403 -23.24 -33.58 7.85
C TYR A 403 -23.60 -34.86 8.58
N GLY A 404 -24.54 -34.80 9.52
CA GLY A 404 -24.97 -35.99 10.22
C GLY A 404 -25.83 -36.88 9.33
N SER A 405 -25.65 -38.19 9.49
CA SER A 405 -26.50 -39.14 8.76
C SER A 405 -27.92 -39.10 9.28
N THR A 406 -28.09 -39.18 10.60
CA THR A 406 -29.37 -38.90 11.24
C THR A 406 -29.40 -37.44 11.68
N VAL A 407 -30.58 -36.82 11.58
CA VAL A 407 -30.66 -35.36 11.66
C VAL A 407 -30.60 -34.88 13.11
N THR A 408 -30.81 -35.76 14.08
CA THR A 408 -30.97 -35.33 15.46
C THR A 408 -29.66 -35.16 16.21
N GLU A 409 -28.53 -35.50 15.61
CA GLU A 409 -27.26 -35.42 16.33
C GLU A 409 -26.78 -33.97 16.42
N SER A 410 -26.18 -33.63 17.56
CA SER A 410 -25.60 -32.31 17.75
C SER A 410 -24.27 -32.23 17.03
N THR A 411 -24.24 -31.56 15.88
CA THR A 411 -23.03 -31.44 15.09
C THR A 411 -22.29 -30.13 15.31
N HIS A 412 -22.85 -29.23 16.10
CA HIS A 412 -22.26 -27.93 16.49
C HIS A 412 -21.92 -27.08 15.27
N LEU A 413 -22.95 -26.78 14.49
CA LEU A 413 -22.78 -25.91 13.33
C LEU A 413 -22.59 -24.47 13.79
N ALA A 414 -22.14 -23.64 12.85
CA ALA A 414 -22.12 -22.21 13.08
C ALA A 414 -23.55 -21.69 13.11
N PRO A 415 -23.84 -20.66 13.91
CA PRO A 415 -25.20 -20.12 13.96
C PRO A 415 -25.54 -19.39 12.68
N PRO A 416 -26.82 -19.30 12.32
CA PRO A 416 -27.20 -18.62 11.09
C PRO A 416 -27.01 -17.12 11.21
N ILE A 417 -26.93 -16.48 10.04
CA ILE A 417 -26.69 -15.05 9.95
C ILE A 417 -27.98 -14.37 9.53
N PHE A 418 -28.46 -13.44 10.35
CA PHE A 418 -29.63 -12.67 10.01
C PHE A 418 -29.24 -11.22 9.73
N PRO A 419 -29.87 -10.58 8.74
CA PRO A 419 -29.56 -9.18 8.47
C PRO A 419 -30.15 -8.29 9.54
N PRO A 420 -29.41 -7.27 10.00
CA PRO A 420 -29.83 -6.50 11.17
C PRO A 420 -30.88 -5.43 10.90
N GLY A 421 -31.57 -5.46 9.76
CA GLY A 421 -32.63 -4.50 9.50
C GLY A 421 -32.10 -3.14 9.09
N PHE A 422 -32.99 -2.14 9.21
CA PHE A 422 -32.74 -0.74 8.86
C PHE A 422 -32.33 -0.57 7.40
N GLY A 423 -32.92 -1.41 6.55
CA GLY A 423 -32.63 -1.36 5.12
C GLY A 423 -31.28 -1.88 4.72
N GLU A 424 -30.63 -2.69 5.56
CA GLU A 424 -29.29 -3.16 5.28
C GLU A 424 -29.31 -4.47 4.51
N ALA A 425 -28.17 -4.80 3.90
CA ALA A 425 -28.03 -5.99 3.10
C ALA A 425 -26.62 -6.53 3.26
N ILE A 426 -26.50 -7.85 3.26
CA ILE A 426 -25.21 -8.50 3.48
C ILE A 426 -24.41 -8.46 2.20
N VAL A 427 -23.13 -8.12 2.30
CA VAL A 427 -22.24 -8.11 1.13
C VAL A 427 -21.65 -9.51 0.97
N TYR A 428 -21.78 -10.06 -0.24
CA TYR A 428 -21.16 -11.33 -0.57
C TYR A 428 -19.99 -11.10 -1.52
N PHE A 429 -19.05 -12.03 -1.51
CA PHE A 429 -17.85 -11.96 -2.32
C PHE A 429 -17.82 -13.13 -3.28
N MET A 430 -17.87 -12.84 -4.57
CA MET A 430 -17.97 -13.86 -5.60
C MET A 430 -16.61 -14.21 -6.17
N SER A 431 -16.52 -15.40 -6.76
CA SER A 431 -15.30 -15.87 -7.40
C SER A 431 -15.68 -16.77 -8.57
N ASP A 432 -14.85 -16.77 -9.60
CA ASP A 432 -15.10 -17.63 -10.75
C ASP A 432 -14.73 -19.07 -10.42
N PHE A 433 -15.68 -19.98 -10.64
CA PHE A 433 -15.48 -21.38 -10.26
C PHE A 433 -16.31 -22.23 -11.19
N PRO A 434 -15.82 -23.40 -11.60
CA PRO A 434 -16.55 -24.21 -12.59
C PRO A 434 -17.77 -24.94 -12.02
N ILE A 435 -18.91 -24.24 -11.97
CA ILE A 435 -20.18 -24.84 -11.59
C ILE A 435 -20.91 -25.25 -12.87
N VAL A 436 -21.35 -26.50 -12.93
CA VAL A 436 -22.04 -27.02 -14.10
C VAL A 436 -23.54 -26.83 -13.93
N SER A 437 -24.11 -25.96 -14.77
CA SER A 437 -25.57 -25.75 -14.91
C SER A 437 -26.22 -25.34 -13.59
N GLY A 438 -25.84 -24.16 -13.11
CA GLY A 438 -26.42 -23.62 -11.90
C GLY A 438 -27.17 -22.33 -12.15
N ASN A 439 -27.43 -21.57 -11.08
CA ASN A 439 -28.02 -20.24 -11.24
C ASN A 439 -27.03 -19.30 -11.92
N THR A 440 -25.89 -19.07 -11.28
CA THR A 440 -24.78 -18.35 -11.87
C THR A 440 -23.51 -19.16 -11.68
N ALA A 441 -22.48 -18.82 -12.45
CA ALA A 441 -21.20 -19.52 -12.34
C ALA A 441 -20.26 -18.81 -11.38
N GLN A 442 -20.72 -18.57 -10.15
CA GLN A 442 -19.93 -17.88 -9.15
C GLN A 442 -20.32 -18.39 -7.77
N VAL A 443 -19.35 -18.40 -6.86
CA VAL A 443 -19.52 -18.94 -5.51
C VAL A 443 -19.38 -17.78 -4.53
N PRO A 444 -20.31 -17.60 -3.60
CA PRO A 444 -20.20 -16.50 -2.64
C PRO A 444 -19.49 -16.92 -1.36
N CYS A 445 -19.18 -15.92 -0.54
CA CYS A 445 -18.68 -16.13 0.81
C CYS A 445 -19.06 -14.91 1.65
N THR A 446 -18.60 -14.88 2.90
CA THR A 446 -18.86 -13.75 3.78
C THR A 446 -17.60 -12.96 4.10
N LEU A 447 -16.51 -13.65 4.44
CA LEU A 447 -15.25 -12.99 4.68
C LEU A 447 -14.17 -13.59 3.81
N PRO A 448 -13.22 -12.79 3.32
CA PRO A 448 -12.06 -13.35 2.63
C PRO A 448 -11.15 -14.06 3.61
N GLN A 449 -10.27 -14.91 3.05
CA GLN A 449 -9.39 -15.70 3.89
C GLN A 449 -8.32 -14.86 4.56
N GLU A 450 -7.89 -13.78 3.90
CA GLU A 450 -6.91 -12.88 4.48
C GLU A 450 -7.47 -12.03 5.60
N PHE A 451 -8.80 -11.99 5.77
CA PHE A 451 -9.38 -11.35 6.94
C PHE A 451 -9.43 -12.31 8.12
N VAL A 452 -9.73 -13.58 7.84
CA VAL A 452 -9.77 -14.59 8.90
C VAL A 452 -8.38 -14.83 9.47
N SER A 453 -7.38 -14.99 8.60
CA SER A 453 -6.03 -15.23 9.08
C SER A 453 -5.40 -14.00 9.73
N HIS A 454 -5.98 -12.81 9.53
CA HIS A 454 -5.54 -11.63 10.24
C HIS A 454 -6.27 -11.45 11.56
N PHE A 455 -7.53 -11.86 11.64
CA PHE A 455 -8.25 -11.77 12.90
C PHE A 455 -7.76 -12.81 13.89
N VAL A 456 -7.25 -13.94 13.43
CA VAL A 456 -6.79 -14.98 14.35
C VAL A 456 -5.50 -14.57 15.05
N GLU A 457 -4.57 -13.93 14.33
CA GLU A 457 -3.29 -13.59 14.92
C GLU A 457 -3.40 -12.45 15.92
N GLN A 458 -4.28 -11.49 15.66
CA GLN A 458 -4.26 -10.24 16.41
C GLN A 458 -4.92 -10.35 17.78
N GLN A 459 -6.06 -11.04 17.87
CA GLN A 459 -6.80 -11.31 19.12
C GLN A 459 -7.25 -10.02 19.82
N ALA A 460 -7.60 -8.99 19.05
CA ALA A 460 -7.91 -7.69 19.62
C ALA A 460 -9.29 -7.67 20.26
N PRO A 461 -9.48 -6.92 21.33
CA PRO A 461 -10.80 -6.83 21.96
C PRO A 461 -11.75 -5.94 21.18
N VAL A 462 -13.04 -6.16 21.38
CA VAL A 462 -14.10 -5.47 20.66
C VAL A 462 -14.76 -4.48 21.60
N ARG A 463 -14.81 -3.21 21.20
CA ARG A 463 -15.30 -2.13 22.04
C ARG A 463 -16.53 -1.45 21.47
N GLY A 464 -17.43 -2.21 20.86
CA GLY A 464 -18.64 -1.64 20.31
C GLY A 464 -19.59 -2.70 19.82
N GLU A 465 -20.53 -2.29 18.98
CA GLU A 465 -21.49 -3.20 18.40
C GLU A 465 -21.37 -3.33 16.89
N ALA A 466 -20.56 -2.50 16.25
CA ALA A 466 -20.23 -2.62 14.82
C ALA A 466 -18.92 -1.91 14.59
N ALA A 467 -18.42 -1.96 13.36
CA ALA A 467 -17.15 -1.31 13.03
C ALA A 467 -17.29 -0.69 11.66
N LEU A 468 -17.29 0.64 11.62
CA LEU A 468 -17.51 1.35 10.37
C LEU A 468 -16.27 1.29 9.49
N LEU A 469 -16.39 0.64 8.34
CA LEU A 469 -15.29 0.53 7.38
C LEU A 469 -15.52 1.45 6.20
N HIS A 470 -14.45 1.94 5.61
CA HIS A 470 -14.51 2.77 4.41
C HIS A 470 -13.81 2.04 3.27
N TYR A 471 -14.42 2.07 2.10
CA TYR A 471 -13.86 1.44 0.91
C TYR A 471 -13.10 2.49 0.11
N VAL A 472 -11.77 2.46 0.19
CA VAL A 472 -10.92 3.55 -0.23
C VAL A 472 -10.18 3.16 -1.49
N ASP A 473 -10.21 4.03 -2.50
CA ASP A 473 -9.40 3.90 -3.70
C ASP A 473 -7.92 3.96 -3.34
N PRO A 474 -7.08 3.06 -3.86
CA PRO A 474 -5.70 2.97 -3.35
C PRO A 474 -4.77 4.04 -3.89
N ASP A 475 -5.14 4.76 -4.94
CA ASP A 475 -4.27 5.77 -5.53
C ASP A 475 -4.64 7.18 -5.08
N THR A 476 -5.85 7.61 -5.39
CA THR A 476 -6.28 8.97 -5.05
C THR A 476 -6.74 9.11 -3.61
N HIS A 477 -6.87 7.98 -2.89
CA HIS A 477 -7.28 7.93 -1.47
C HIS A 477 -8.64 8.56 -1.26
N ARG A 478 -9.55 8.37 -2.21
CA ARG A 478 -10.90 8.89 -2.12
C ARG A 478 -11.74 7.96 -1.26
N ASN A 479 -13.06 8.16 -1.28
CA ASN A 479 -13.99 7.37 -0.49
C ASN A 479 -15.11 6.92 -1.40
N LEU A 480 -15.33 5.61 -1.47
CA LEU A 480 -16.32 5.07 -2.39
C LEU A 480 -17.57 4.53 -1.73
N GLY A 481 -17.50 4.19 -0.45
CA GLY A 481 -18.69 3.70 0.23
C GLY A 481 -18.38 3.35 1.67
N GLU A 482 -19.44 3.37 2.48
CA GLU A 482 -19.36 2.99 3.88
C GLU A 482 -19.86 1.56 4.05
N PHE A 483 -19.26 0.85 5.00
CA PHE A 483 -19.67 -0.50 5.34
C PHE A 483 -19.62 -0.66 6.84
N LYS A 484 -20.21 -1.74 7.34
CA LYS A 484 -20.21 -2.07 8.75
C LYS A 484 -19.75 -3.50 8.96
N LEU A 485 -18.79 -3.69 9.86
CA LEU A 485 -18.27 -5.00 10.19
C LEU A 485 -18.82 -5.41 11.54
N TYR A 486 -19.63 -6.40 11.56
CA TYR A 486 -20.31 -6.82 12.77
C TYR A 486 -19.46 -7.82 13.54
N PRO A 487 -19.58 -7.87 14.87
CA PRO A 487 -18.69 -8.74 15.66
C PRO A 487 -18.93 -10.24 15.47
N ASP A 488 -19.96 -10.65 14.76
CA ASP A 488 -20.14 -12.05 14.42
C ASP A 488 -19.43 -12.44 13.12
N GLY A 489 -18.81 -11.47 12.43
CA GLY A 489 -17.99 -11.76 11.29
C GLY A 489 -18.64 -11.69 9.92
N PHE A 490 -19.29 -10.58 9.59
CA PHE A 490 -19.80 -10.36 8.25
C PHE A 490 -19.93 -8.86 8.02
N ILE A 491 -19.95 -8.48 6.73
CA ILE A 491 -19.96 -7.08 6.32
C ILE A 491 -21.29 -6.77 5.65
N THR A 492 -21.93 -5.69 6.07
CA THR A 492 -23.21 -5.28 5.51
C THR A 492 -23.11 -3.89 4.90
N CYS A 493 -24.08 -3.55 4.06
CA CYS A 493 -24.17 -2.23 3.45
C CYS A 493 -25.63 -1.89 3.25
N VAL A 494 -25.88 -0.65 2.83
CA VAL A 494 -27.21 -0.21 2.45
C VAL A 494 -27.20 0.05 0.95
N PRO A 495 -27.76 -0.82 0.13
CA PRO A 495 -27.67 -0.63 -1.32
C PRO A 495 -28.64 0.43 -1.82
N ASN A 496 -28.20 1.13 -2.86
CA ASN A 496 -29.04 2.15 -3.46
C ASN A 496 -30.17 1.50 -4.26
N THR A 497 -31.15 2.33 -4.62
CA THR A 497 -32.33 1.85 -5.32
C THR A 497 -31.95 1.41 -6.73
N GLY A 498 -32.08 0.11 -7.01
CA GLY A 498 -31.73 -0.42 -8.30
C GLY A 498 -30.25 -0.60 -8.55
N GLY A 499 -29.42 -0.47 -7.52
CA GLY A 499 -27.98 -0.62 -7.66
C GLY A 499 -27.43 -1.59 -6.63
N GLY A 500 -26.33 -1.20 -6.01
CA GLY A 500 -25.67 -2.01 -5.02
C GLY A 500 -24.18 -1.80 -5.04
N PRO A 501 -23.43 -2.62 -4.30
CA PRO A 501 -21.97 -2.50 -4.32
C PRO A 501 -21.31 -3.09 -5.56
N GLN A 502 -22.06 -3.67 -6.48
CA GLN A 502 -21.50 -4.29 -7.67
C GLN A 502 -21.17 -3.29 -8.77
N ASN A 503 -21.29 -1.99 -8.51
CA ASN A 503 -20.86 -0.97 -9.44
C ASN A 503 -19.54 -0.32 -9.06
N LEU A 504 -18.95 -0.72 -7.94
CA LEU A 504 -17.73 -0.10 -7.45
C LEU A 504 -16.51 -0.64 -8.20
N PRO A 505 -15.42 0.13 -8.23
CA PRO A 505 -14.15 -0.41 -8.73
C PRO A 505 -13.67 -1.55 -7.85
N THR A 506 -12.96 -2.49 -8.47
CA THR A 506 -12.60 -3.75 -7.84
C THR A 506 -11.17 -3.76 -7.30
N ASN A 507 -10.63 -2.61 -6.94
CA ASN A 507 -9.30 -2.59 -6.35
C ASN A 507 -9.22 -1.68 -5.13
N GLY A 508 -10.32 -1.54 -4.39
CA GLY A 508 -10.32 -0.68 -3.23
C GLY A 508 -9.73 -1.36 -2.02
N VAL A 509 -9.54 -0.56 -0.96
CA VAL A 509 -8.96 -1.02 0.29
C VAL A 509 -9.92 -0.68 1.42
N PHE A 510 -10.26 -1.68 2.22
CA PHE A 510 -11.05 -1.45 3.43
C PHE A 510 -10.16 -0.88 4.53
N VAL A 511 -10.55 0.27 5.08
CA VAL A 511 -9.83 0.86 6.21
C VAL A 511 -10.79 0.96 7.38
N PHE A 512 -10.23 0.91 8.59
CA PHE A 512 -11.05 1.00 9.80
C PHE A 512 -11.23 2.45 10.20
N SER A 513 -12.45 2.82 10.55
CA SER A 513 -12.74 4.21 10.91
C SER A 513 -13.15 4.36 12.37
N SER A 514 -14.20 3.69 12.82
CA SER A 514 -14.72 3.94 14.17
C SER A 514 -15.47 2.72 14.67
N TRP A 515 -15.80 2.76 15.95
CA TRP A 515 -16.73 1.81 16.56
C TRP A 515 -18.07 2.51 16.74
N VAL A 516 -19.08 2.03 16.03
CA VAL A 516 -20.39 2.68 16.02
C VAL A 516 -21.39 1.76 16.70
N SER A 517 -22.60 2.27 16.86
CA SER A 517 -23.66 1.52 17.50
C SER A 517 -24.36 0.64 16.47
N ARG A 518 -25.40 -0.07 16.89
CA ARG A 518 -26.10 -0.99 16.00
C ARG A 518 -27.04 -0.29 15.04
N TYR A 519 -27.45 0.94 15.34
CA TYR A 519 -28.44 1.66 14.54
C TYR A 519 -27.82 2.83 13.80
N TYR A 520 -26.62 2.65 13.26
CA TYR A 520 -25.97 3.68 12.47
C TYR A 520 -26.52 3.66 11.05
N GLN A 521 -26.94 4.83 10.57
CA GLN A 521 -27.58 4.95 9.27
C GLN A 521 -26.51 5.25 8.23
N LEU A 522 -26.19 4.25 7.41
CA LEU A 522 -25.14 4.43 6.42
C LEU A 522 -25.67 5.19 5.21
N LYS A 523 -24.75 5.73 4.44
CA LYS A 523 -25.08 6.34 3.15
C LYS A 523 -25.28 5.24 2.11
N PRO A 524 -26.23 5.40 1.19
CA PRO A 524 -26.43 4.37 0.17
C PRO A 524 -25.26 4.31 -0.81
N VAL A 525 -24.81 3.08 -1.07
CA VAL A 525 -23.67 2.84 -1.92
C VAL A 525 -24.17 2.43 -3.30
N GLY A 526 -23.41 2.76 -4.33
CA GLY A 526 -23.78 2.41 -5.68
C GLY A 526 -24.84 3.33 -6.26
N THR A 527 -25.18 3.07 -7.52
CA THR A 527 -26.15 3.87 -8.23
C THR A 527 -27.46 3.10 -8.46
N LEU B 31 35.24 11.45 29.26
CA LEU B 31 35.22 11.51 27.80
C LEU B 31 35.62 12.90 27.32
N PRO B 32 36.48 12.98 26.30
CA PRO B 32 36.97 14.30 25.86
C PRO B 32 35.99 15.06 24.97
N LEU B 33 34.78 15.32 25.46
CA LEU B 33 33.75 15.94 24.65
C LEU B 33 33.17 17.14 25.36
N GLU B 34 32.83 18.16 24.59
CA GLU B 34 32.16 19.34 25.10
C GLU B 34 30.74 19.00 25.52
N PRO B 35 30.15 19.77 26.44
CA PRO B 35 28.73 19.57 26.75
C PRO B 35 27.84 20.01 25.59
N VAL B 36 26.92 19.13 25.21
CA VAL B 36 26.03 19.35 24.07
C VAL B 36 24.63 19.65 24.59
N VAL B 37 24.07 20.79 24.17
CA VAL B 37 22.76 21.21 24.66
C VAL B 37 21.67 20.44 23.95
N GLY B 38 20.46 20.53 24.50
CA GLY B 38 19.32 19.81 23.97
C GLY B 38 18.35 20.66 23.16
N ALA B 39 17.14 20.85 23.68
CA ALA B 39 16.09 21.55 22.96
C ALA B 39 16.16 23.07 23.09
N ALA B 40 17.23 23.60 23.69
CA ALA B 40 17.37 25.05 23.86
C ALA B 40 17.62 25.76 22.54
N THR B 41 18.12 25.06 21.52
CA THR B 41 18.26 25.63 20.20
C THR B 41 16.98 25.47 19.38
N ALA B 42 16.28 24.34 19.56
CA ALA B 42 15.08 24.04 18.82
C ALA B 42 13.83 24.61 19.47
N ALA B 43 13.97 25.37 20.54
CA ALA B 43 12.81 25.96 21.20
C ALA B 43 12.23 27.11 20.39
N ALA B 44 13.04 27.75 19.55
CA ALA B 44 12.59 28.96 18.85
C ALA B 44 11.86 28.65 17.56
N THR B 45 12.35 27.70 16.77
CA THR B 45 11.89 27.52 15.41
C THR B 45 11.09 26.24 15.20
N ALA B 46 10.60 25.63 16.27
CA ALA B 46 9.74 24.46 16.15
C ALA B 46 8.35 24.78 16.66
N GLY B 47 7.41 23.88 16.38
CA GLY B 47 6.05 24.11 16.80
C GLY B 47 5.85 23.90 18.28
N GLN B 48 6.26 22.73 18.79
CA GLN B 48 6.11 22.39 20.19
C GLN B 48 7.42 21.81 20.69
N VAL B 49 7.59 21.78 22.01
CA VAL B 49 8.64 21.04 22.69
C VAL B 49 7.98 20.20 23.76
N ASN B 50 8.17 18.89 23.71
CA ASN B 50 7.40 17.96 24.51
C ASN B 50 8.27 17.21 25.50
N LEU B 51 7.75 17.00 26.70
CA LEU B 51 8.46 16.29 27.76
C LEU B 51 8.08 14.81 27.73
N ILE B 52 8.93 14.00 28.35
CA ILE B 52 8.70 12.57 28.44
C ILE B 52 8.64 12.16 29.91
N ASP B 53 8.46 10.87 30.16
CA ASP B 53 8.37 10.34 31.50
C ASP B 53 9.73 10.43 32.21
N PRO B 54 9.78 10.93 33.44
CA PRO B 54 11.05 10.92 34.20
C PRO B 54 11.45 9.56 34.75
N TRP B 55 10.73 8.49 34.46
CA TRP B 55 11.13 7.16 34.88
C TRP B 55 11.80 6.36 33.78
N ILE B 56 11.75 6.86 32.54
CA ILE B 56 12.47 6.22 31.45
C ILE B 56 13.96 6.49 31.57
N MET B 57 14.33 7.62 32.14
CA MET B 57 15.73 8.02 32.26
C MET B 57 16.44 7.41 33.46
N ASN B 58 15.94 6.31 34.03
CA ASN B 58 16.54 5.75 35.23
C ASN B 58 17.06 4.33 35.02
N ASN B 59 16.27 3.44 34.44
CA ASN B 59 16.72 2.08 34.24
C ASN B 59 17.25 1.88 32.82
N PHE B 60 18.19 0.96 32.68
CA PHE B 60 18.77 0.61 31.39
C PHE B 60 17.98 -0.54 30.80
N VAL B 61 17.45 -0.34 29.60
CA VAL B 61 16.62 -1.32 28.92
C VAL B 61 17.39 -1.81 27.71
N GLN B 62 17.29 -3.12 27.41
CA GLN B 62 18.01 -3.69 26.29
C GLN B 62 17.48 -3.14 24.96
N ALA B 63 18.39 -2.69 24.12
CA ALA B 63 18.05 -2.12 22.83
C ALA B 63 17.56 -3.20 21.88
N PRO B 64 16.82 -2.84 20.83
CA PRO B 64 16.45 -3.82 19.81
C PRO B 64 17.56 -4.13 18.81
N GLU B 65 18.76 -3.60 19.00
CA GLU B 65 19.90 -3.88 18.13
C GLU B 65 21.08 -4.36 18.94
N GLY B 66 20.81 -5.00 20.07
CA GLY B 66 21.82 -5.19 21.10
C GLY B 66 22.83 -6.30 20.90
N GLU B 67 22.36 -7.46 20.46
CA GLU B 67 23.15 -8.68 20.58
C GLU B 67 24.31 -8.72 19.59
N PHE B 68 25.46 -9.17 20.08
CA PHE B 68 26.62 -9.44 19.25
C PHE B 68 27.38 -10.60 19.86
N THR B 69 28.30 -11.17 19.08
CA THR B 69 29.12 -12.27 19.55
C THR B 69 30.58 -12.05 19.18
N ILE B 70 31.46 -12.48 20.07
CA ILE B 70 32.89 -12.55 19.81
C ILE B 70 33.28 -14.01 19.76
N SER B 71 34.17 -14.35 18.84
CA SER B 71 34.56 -15.72 18.58
C SER B 71 36.01 -15.73 18.15
N PRO B 72 36.72 -16.85 18.35
CA PRO B 72 38.10 -16.94 17.83
C PRO B 72 38.19 -16.99 16.32
N ASN B 73 37.08 -17.12 15.60
CA ASN B 73 37.08 -16.92 14.16
C ASN B 73 37.32 -15.47 13.78
N ASN B 74 36.99 -14.53 14.66
CA ASN B 74 37.20 -13.12 14.38
C ASN B 74 38.69 -12.77 14.49
N THR B 75 39.03 -11.62 13.91
CA THR B 75 40.38 -11.07 13.87
C THR B 75 40.38 -9.68 14.49
N PRO B 76 41.53 -9.15 14.92
CA PRO B 76 41.57 -7.75 15.36
C PRO B 76 41.29 -6.80 14.21
N GLY B 77 40.12 -6.17 14.25
CA GLY B 77 39.71 -5.26 13.21
C GLY B 77 38.32 -5.51 12.66
N ASP B 78 37.58 -6.51 13.14
CA ASP B 78 36.24 -6.73 12.66
C ASP B 78 35.27 -5.72 13.28
N ILE B 79 33.99 -5.88 12.96
CA ILE B 79 32.95 -5.00 13.48
C ILE B 79 31.96 -5.88 14.24
N LEU B 80 31.78 -5.58 15.52
CA LEU B 80 30.84 -6.35 16.31
C LEU B 80 29.45 -5.72 16.33
N PHE B 81 29.36 -4.40 16.49
CA PHE B 81 28.11 -3.70 16.23
C PHE B 81 28.43 -2.28 15.79
N ASP B 82 27.46 -1.67 15.12
CA ASP B 82 27.48 -0.23 14.87
C ASP B 82 26.07 0.31 14.95
N LEU B 83 25.89 1.37 15.72
CA LEU B 83 24.57 1.93 15.97
C LEU B 83 24.58 3.41 15.62
N HIS B 84 23.56 3.86 14.91
CA HIS B 84 23.37 5.27 14.68
C HIS B 84 22.45 5.83 15.74
N LEU B 85 22.75 7.04 16.21
CA LEU B 85 22.01 7.63 17.31
C LEU B 85 20.61 8.03 16.84
N GLY B 86 19.60 7.61 17.60
CA GLY B 86 18.23 7.94 17.32
C GLY B 86 17.34 7.53 18.46
N PRO B 87 16.03 7.66 18.28
CA PRO B 87 15.08 7.17 19.28
C PRO B 87 14.70 5.71 19.11
N HIS B 88 15.26 5.02 18.12
CA HIS B 88 15.01 3.61 17.92
C HIS B 88 15.96 2.71 18.68
N LEU B 89 16.75 3.28 19.58
CA LEU B 89 17.70 2.53 20.39
C LEU B 89 17.16 2.18 21.76
N ASN B 90 15.85 2.31 21.95
CA ASN B 90 15.21 2.10 23.24
C ASN B 90 13.75 1.80 22.98
N PRO B 91 13.21 0.69 23.47
CA PRO B 91 11.84 0.32 23.10
C PRO B 91 10.76 1.17 23.74
N PHE B 92 11.12 2.04 24.69
CA PHE B 92 10.18 3.04 25.16
C PHE B 92 10.19 4.27 24.25
N LEU B 93 11.39 4.71 23.85
CA LEU B 93 11.48 5.84 22.94
C LEU B 93 11.01 5.49 21.54
N GLN B 94 11.15 4.22 21.15
CA GLN B 94 10.61 3.79 19.86
C GLN B 94 9.09 3.85 19.86
N HIS B 95 8.46 3.41 20.94
CA HIS B 95 7.02 3.48 21.04
C HIS B 95 6.52 4.90 21.22
N LEU B 96 7.31 5.78 21.83
CA LEU B 96 6.91 7.17 21.92
C LEU B 96 7.10 7.91 20.60
N SER B 97 8.09 7.53 19.79
CA SER B 97 8.41 8.25 18.57
C SER B 97 7.41 8.02 17.46
N GLN B 98 6.48 7.07 17.61
CA GLN B 98 5.40 6.94 16.65
C GLN B 98 4.33 7.99 16.85
N MET B 99 4.38 8.73 17.94
CA MET B 99 3.45 9.80 18.23
C MET B 99 3.97 11.17 17.86
N TYR B 100 5.29 11.35 17.79
CA TYR B 100 5.91 12.64 17.57
C TYR B 100 6.58 12.68 16.19
N ASN B 101 7.26 13.80 15.92
CA ASN B 101 7.88 14.04 14.62
C ASN B 101 9.39 14.20 14.72
N GLY B 102 9.89 15.02 15.64
CA GLY B 102 11.30 15.25 15.79
C GLY B 102 11.84 14.72 17.11
N TRP B 103 13.15 14.91 17.29
CA TRP B 103 13.83 14.53 18.52
C TRP B 103 15.15 15.26 18.62
N VAL B 104 15.51 15.71 19.82
CA VAL B 104 16.80 16.31 20.11
C VAL B 104 17.34 15.70 21.38
N GLY B 105 18.62 15.40 21.43
CA GLY B 105 19.26 15.12 22.69
C GLY B 105 20.18 13.92 22.62
N ASN B 106 20.79 13.62 23.77
CA ASN B 106 21.80 12.59 23.90
C ASN B 106 21.19 11.30 24.44
N MET B 107 22.03 10.26 24.53
CA MET B 107 21.66 8.97 25.12
C MET B 107 22.84 8.47 25.94
N ARG B 108 22.64 7.36 26.65
CA ARG B 108 23.69 6.71 27.42
C ARG B 108 23.66 5.22 27.15
N VAL B 109 24.82 4.65 26.83
CA VAL B 109 24.93 3.27 26.36
C VAL B 109 25.74 2.48 27.38
N ARG B 110 25.34 1.23 27.61
CA ARG B 110 26.01 0.35 28.57
C ARG B 110 26.11 -1.05 27.98
N VAL B 111 27.31 -1.63 28.01
CA VAL B 111 27.64 -2.84 27.25
C VAL B 111 28.08 -3.92 28.22
N MET B 112 27.47 -5.12 28.10
CA MET B 112 27.77 -6.26 28.94
C MET B 112 28.48 -7.36 28.13
N LEU B 113 29.40 -8.06 28.78
CA LEU B 113 30.08 -9.20 28.18
C LEU B 113 29.99 -10.40 29.10
N ALA B 114 30.10 -11.60 28.53
CA ALA B 114 29.95 -12.84 29.29
C ALA B 114 31.07 -13.80 28.89
N GLY B 115 32.21 -13.73 29.58
CA GLY B 115 33.32 -14.60 29.29
C GLY B 115 33.87 -15.22 30.57
N ASN B 116 34.68 -16.26 30.38
CA ASN B 116 35.28 -16.97 31.50
C ASN B 116 36.50 -16.22 32.01
N ALA B 117 37.25 -16.87 32.88
CA ALA B 117 38.60 -16.43 33.23
C ALA B 117 39.65 -17.17 32.43
N PHE B 118 39.30 -17.64 31.24
CA PHE B 118 40.23 -18.30 30.35
C PHE B 118 40.26 -17.67 28.96
N THR B 119 39.45 -16.66 28.70
CA THR B 119 39.41 -15.97 27.42
C THR B 119 40.02 -14.59 27.58
N ALA B 120 41.15 -14.36 26.91
CA ALA B 120 41.86 -13.11 27.02
C ALA B 120 41.71 -12.30 25.75
N GLY B 121 41.58 -10.98 25.89
CA GLY B 121 41.46 -10.10 24.75
C GLY B 121 40.74 -8.82 25.10
N LYS B 122 40.93 -7.77 24.33
CA LYS B 122 40.25 -6.50 24.59
C LYS B 122 39.28 -6.18 23.47
N ILE B 123 38.44 -5.18 23.72
CA ILE B 123 37.59 -4.56 22.70
C ILE B 123 37.78 -3.06 22.79
N ILE B 124 37.12 -2.33 21.90
CA ILE B 124 37.21 -0.88 21.88
C ILE B 124 35.94 -0.31 21.28
N ILE B 125 35.36 0.67 21.95
CA ILE B 125 34.09 1.28 21.55
C ILE B 125 34.32 2.77 21.33
N CYS B 126 34.23 3.22 20.08
CA CYS B 126 34.56 4.58 19.72
C CYS B 126 33.33 5.31 19.18
N CYS B 127 33.42 6.64 19.18
CA CYS B 127 32.34 7.53 18.75
C CYS B 127 32.79 8.26 17.50
N VAL B 128 32.25 7.87 16.35
CA VAL B 128 32.63 8.46 15.06
C VAL B 128 31.65 9.58 14.74
N PRO B 129 32.11 10.81 14.49
CA PRO B 129 31.21 11.92 14.27
C PRO B 129 30.56 11.83 12.89
N PRO B 130 29.45 12.51 12.66
CA PRO B 130 28.88 12.53 11.31
C PRO B 130 29.69 13.41 10.38
N GLY B 131 29.66 13.04 9.11
CA GLY B 131 30.47 13.71 8.12
C GLY B 131 31.84 13.12 7.93
N PHE B 132 32.29 12.24 8.83
CA PHE B 132 33.52 11.48 8.64
C PHE B 132 33.18 10.26 7.81
N ALA B 133 33.70 10.21 6.60
CA ALA B 133 33.47 9.10 5.69
C ALA B 133 34.80 8.52 5.25
N SER B 134 35.11 7.31 5.73
CA SER B 134 36.29 6.60 5.27
C SER B 134 36.06 5.14 4.95
N GLN B 135 35.02 4.50 5.50
CA GLN B 135 34.53 3.16 5.22
C GLN B 135 35.48 2.03 5.66
N ASN B 136 36.64 2.38 6.20
CA ASN B 136 37.50 1.41 6.86
C ASN B 136 38.35 2.14 7.89
N ILE B 137 38.34 1.63 9.12
CA ILE B 137 39.07 2.22 10.22
C ILE B 137 39.96 1.14 10.81
N SER B 138 41.27 1.39 10.81
CA SER B 138 42.20 0.46 11.44
C SER B 138 42.06 0.50 12.95
N ILE B 139 42.63 -0.50 13.61
CA ILE B 139 42.57 -0.53 15.06
C ILE B 139 43.50 0.49 15.70
N GLY B 140 44.46 1.01 14.95
CA GLY B 140 45.26 2.11 15.45
C GLY B 140 44.65 3.48 15.23
N GLN B 141 43.70 3.58 14.31
CA GLN B 141 43.02 4.84 14.08
C GLN B 141 41.78 5.01 14.94
N ALA B 142 41.23 3.91 15.46
CA ALA B 142 40.08 4.00 16.35
C ALA B 142 40.45 4.49 17.74
N THR B 143 41.75 4.59 18.05
CA THR B 143 42.18 5.16 19.31
C THR B 143 41.97 6.67 19.33
N MET B 144 42.03 7.30 18.16
CA MET B 144 42.02 8.77 18.06
C MET B 144 40.62 9.36 18.12
N PHE B 145 39.60 8.55 18.35
CA PHE B 145 38.26 9.01 18.66
C PHE B 145 38.05 9.00 20.16
N PRO B 146 36.95 9.57 20.66
CA PRO B 146 36.54 9.28 22.04
C PRO B 146 36.19 7.81 22.19
N HIS B 147 36.95 7.12 23.05
CA HIS B 147 36.93 5.67 23.08
C HIS B 147 36.97 5.17 24.51
N VAL B 148 36.46 3.96 24.70
CA VAL B 148 36.61 3.20 25.95
C VAL B 148 37.20 1.85 25.59
N ILE B 149 38.37 1.54 26.15
CA ILE B 149 39.02 0.26 25.94
C ILE B 149 38.66 -0.65 27.11
N ALA B 150 38.01 -1.76 26.82
CA ALA B 150 37.52 -2.66 27.85
C ALA B 150 38.02 -4.07 27.59
N ASP B 151 38.17 -4.83 28.67
CA ASP B 151 38.55 -6.23 28.62
C ASP B 151 37.31 -7.09 28.45
N VAL B 152 37.53 -8.38 28.19
CA VAL B 152 36.39 -9.29 28.08
C VAL B 152 36.14 -10.08 29.35
N ARG B 153 37.07 -10.04 30.31
CA ARG B 153 36.91 -10.76 31.57
C ARG B 153 36.24 -9.92 32.64
N VAL B 154 35.70 -8.77 32.29
CA VAL B 154 35.13 -7.86 33.28
C VAL B 154 33.79 -8.37 33.76
N LEU B 155 33.43 -8.02 34.99
CA LEU B 155 32.17 -8.42 35.59
C LEU B 155 31.12 -7.32 35.51
N GLU B 156 31.46 -6.11 35.94
CA GLU B 156 30.56 -4.99 35.80
C GLU B 156 30.55 -4.50 34.35
N PRO B 157 29.44 -3.95 33.88
CA PRO B 157 29.38 -3.48 32.49
C PRO B 157 30.14 -2.17 32.30
N ILE B 158 30.22 -1.76 31.04
CA ILE B 158 31.00 -0.59 30.62
C ILE B 158 30.03 0.47 30.12
N GLU B 159 30.13 1.67 30.68
CA GLU B 159 29.21 2.76 30.34
C GLU B 159 29.94 3.83 29.55
N ILE B 160 29.36 4.21 28.41
CA ILE B 160 29.94 5.22 27.54
C ILE B 160 28.84 6.17 27.06
N PRO B 161 29.02 7.48 27.15
CA PRO B 161 27.97 8.40 26.70
C PRO B 161 28.01 8.69 25.21
N LEU B 162 26.88 8.55 24.53
CA LEU B 162 26.76 8.81 23.10
C LEU B 162 26.12 10.17 22.93
N ASP B 163 26.91 11.15 22.52
CA ASP B 163 26.46 12.54 22.43
C ASP B 163 25.88 12.83 21.05
N ASP B 164 25.07 13.89 20.98
CA ASP B 164 24.40 14.29 19.75
C ASP B 164 25.13 15.48 19.14
N VAL B 165 26.27 15.20 18.51
CA VAL B 165 26.95 16.23 17.73
C VAL B 165 26.21 16.35 16.41
N ARG B 166 25.64 17.53 16.14
CA ARG B 166 24.81 17.73 14.97
C ARG B 166 25.12 19.08 14.34
N ASN B 167 24.62 19.24 13.11
CA ASN B 167 24.82 20.44 12.32
C ASN B 167 23.58 21.31 12.21
N VAL B 168 22.40 20.75 12.42
CA VAL B 168 21.14 21.45 12.22
C VAL B 168 20.47 21.65 13.57
N LEU B 169 19.29 22.28 13.58
CA LEU B 169 18.67 22.63 14.85
C LEU B 169 18.03 21.42 15.52
N PHE B 170 17.36 20.57 14.75
CA PHE B 170 16.82 19.34 15.30
C PHE B 170 16.74 18.29 14.22
N HIS B 171 16.29 17.09 14.59
CA HIS B 171 16.32 15.94 13.70
C HIS B 171 14.89 15.52 13.37
N THR B 172 14.53 15.63 12.10
CA THR B 172 13.26 15.15 11.60
C THR B 172 13.38 13.64 11.37
N ASN B 173 12.26 12.92 11.54
CA ASN B 173 12.27 11.46 11.47
C ASN B 173 12.50 10.98 10.03
N GLU B 174 13.73 11.07 9.57
CA GLU B 174 14.13 10.61 8.25
C GLU B 174 15.61 10.24 8.32
N ASN B 175 16.24 10.09 7.15
CA ASN B 175 17.62 9.60 7.07
C ASN B 175 18.56 10.79 6.85
N ARG B 176 19.26 11.17 7.90
CA ARG B 176 20.39 12.07 7.88
C ARG B 176 21.51 11.46 8.71
N PRO B 177 22.77 11.74 8.38
CA PRO B 177 23.87 11.13 9.14
C PRO B 177 23.98 11.71 10.54
N THR B 178 23.81 10.84 11.53
CA THR B 178 23.96 11.16 12.94
C THR B 178 25.19 10.43 13.47
N MET B 179 25.41 10.51 14.78
CA MET B 179 26.62 9.96 15.37
C MET B 179 26.56 8.43 15.38
N ARG B 180 27.74 7.83 15.44
CA ARG B 180 27.88 6.38 15.36
C ARG B 180 28.67 5.85 16.54
N LEU B 181 28.19 4.77 17.13
CA LEU B 181 29.04 3.92 17.95
C LEU B 181 29.62 2.83 17.07
N LEU B 182 30.78 2.30 17.45
CA LEU B 182 31.50 1.38 16.59
C LEU B 182 32.41 0.52 17.46
N CYS B 183 32.14 -0.78 17.50
CA CYS B 183 32.87 -1.69 18.36
C CYS B 183 33.74 -2.61 17.51
N MET B 184 35.01 -2.67 17.86
CA MET B 184 35.97 -3.51 17.15
C MET B 184 36.72 -4.37 18.14
N LEU B 185 37.29 -5.45 17.64
CA LEU B 185 38.20 -6.27 18.42
C LEU B 185 39.57 -5.63 18.37
N TYR B 186 40.15 -5.35 19.53
CA TYR B 186 41.37 -4.57 19.62
C TYR B 186 42.61 -5.44 19.79
N THR B 187 42.45 -6.67 20.24
CA THR B 187 43.52 -7.61 20.52
C THR B 187 42.97 -9.00 20.23
N PRO B 188 43.78 -9.89 19.64
CA PRO B 188 43.28 -11.22 19.28
C PRO B 188 42.79 -12.03 20.46
N LEU B 189 41.78 -12.85 20.20
CA LEU B 189 41.08 -13.60 21.23
C LEU B 189 41.63 -15.02 21.27
N ARG B 190 42.31 -15.37 22.36
CA ARG B 190 42.86 -16.69 22.56
C ARG B 190 42.01 -17.42 23.59
N ALA B 191 40.92 -18.03 23.13
CA ALA B 191 40.01 -18.74 24.02
C ALA B 191 40.44 -20.19 24.17
N PRO B 200 33.98 -25.02 20.59
CA PRO B 200 33.40 -23.83 19.98
C PRO B 200 32.83 -22.87 21.02
N PHE B 201 33.69 -22.05 21.61
CA PHE B 201 33.28 -21.10 22.63
C PHE B 201 33.08 -19.74 22.00
N VAL B 202 31.86 -19.20 22.12
CA VAL B 202 31.59 -17.82 21.73
C VAL B 202 31.32 -17.02 22.99
N ILE B 203 31.38 -15.70 22.85
CA ILE B 203 31.15 -14.78 23.95
C ILE B 203 29.97 -13.90 23.60
N ALA B 204 28.88 -14.05 24.34
CA ALA B 204 27.68 -13.28 24.08
C ALA B 204 27.84 -11.87 24.61
N GLY B 205 27.14 -10.93 23.99
CA GLY B 205 27.19 -9.55 24.42
C GLY B 205 25.85 -8.89 24.20
N ARG B 206 25.55 -7.90 25.05
CA ARG B 206 24.29 -7.18 24.96
C ARG B 206 24.53 -5.70 25.20
N VAL B 207 23.68 -4.90 24.58
CA VAL B 207 23.78 -3.44 24.61
C VAL B 207 22.49 -2.88 25.20
N LEU B 208 22.62 -2.08 26.25
CA LEU B 208 21.47 -1.51 26.94
C LEU B 208 21.60 0.01 26.94
N THR B 209 20.53 0.70 26.58
CA THR B 209 20.53 2.16 26.46
C THR B 209 19.44 2.78 27.34
N CYS B 210 19.66 4.04 27.71
CA CYS B 210 18.65 4.87 28.35
C CYS B 210 18.93 6.31 27.97
N PRO B 211 17.91 7.15 27.84
CA PRO B 211 18.15 8.54 27.45
C PRO B 211 18.76 9.37 28.56
N SER B 212 19.39 10.46 28.15
CA SER B 212 19.92 11.46 29.05
C SER B 212 18.76 12.34 29.53
N PRO B 213 18.97 13.19 30.54
CA PRO B 213 17.94 14.18 30.87
C PRO B 213 17.68 15.27 29.84
N ASP B 214 18.40 15.27 28.71
CA ASP B 214 18.24 16.30 27.70
C ASP B 214 17.45 15.82 26.47
N PHE B 215 16.79 14.68 26.55
CA PHE B 215 16.05 14.16 25.42
C PHE B 215 14.67 14.82 25.36
N ASN B 216 14.24 15.16 24.14
CA ASN B 216 12.96 15.83 23.95
C ASN B 216 12.43 15.51 22.56
N PHE B 217 11.14 15.20 22.47
CA PHE B 217 10.45 15.10 21.20
C PHE B 217 9.80 16.44 20.87
N LEU B 218 9.42 16.63 19.61
CA LEU B 218 9.06 17.97 19.17
C LEU B 218 7.61 18.16 18.72
N PHE B 219 7.10 17.43 17.74
CA PHE B 219 5.83 17.82 17.14
C PHE B 219 4.84 16.65 17.15
N LEU B 220 3.70 16.84 17.82
CA LEU B 220 2.70 15.79 17.93
C LEU B 220 2.00 15.54 16.61
N VAL B 221 1.97 14.28 16.19
CA VAL B 221 1.26 13.84 14.98
C VAL B 221 0.32 12.72 15.44
N PRO B 222 -0.61 12.23 14.60
CA PRO B 222 -1.36 11.04 14.99
C PRO B 222 -0.48 9.82 15.04
N PRO B 223 -0.76 8.88 15.96
CA PRO B 223 0.15 7.75 16.17
C PRO B 223 0.02 6.70 15.10
N SER B 224 1.19 6.10 14.76
CA SER B 224 1.33 4.97 13.82
C SER B 224 0.72 5.26 12.45
N VAL B 225 1.08 6.41 11.88
CA VAL B 225 0.65 6.81 10.55
C VAL B 225 1.83 6.88 9.58
N GLU B 226 2.95 7.41 10.02
CA GLU B 226 4.16 7.44 9.21
C GLU B 226 4.73 6.04 9.01
N GLN B 227 5.36 5.84 7.86
CA GLN B 227 6.03 4.59 7.54
C GLN B 227 7.49 4.57 7.99
N LYS B 228 8.06 5.73 8.30
CA LYS B 228 9.48 5.80 8.64
C LYS B 228 9.77 5.35 10.05
N THR B 229 8.77 5.31 10.94
CA THR B 229 8.96 4.92 12.33
C THR B 229 8.22 3.64 12.64
N ARG B 230 8.22 2.68 11.72
CA ARG B 230 7.51 1.43 11.90
C ARG B 230 8.46 0.35 12.41
N GLN B 231 7.88 -0.70 12.97
CA GLN B 231 8.65 -1.80 13.54
C GLN B 231 8.38 -3.09 12.75
N LEU B 232 9.45 -3.85 12.50
CA LEU B 232 9.32 -5.09 11.75
C LEU B 232 8.83 -6.22 12.66
N THR B 233 7.78 -6.90 12.22
CA THR B 233 7.21 -8.03 12.94
C THR B 233 7.22 -9.27 12.04
N VAL B 234 7.20 -10.43 12.69
CA VAL B 234 7.11 -11.73 12.03
C VAL B 234 5.75 -12.31 12.41
N PRO B 235 5.01 -12.94 11.50
CA PRO B 235 3.64 -13.39 11.81
C PRO B 235 3.58 -14.49 12.86
N ASN B 236 2.50 -14.47 13.63
CA ASN B 236 2.31 -15.37 14.76
C ASN B 236 1.51 -16.60 14.36
N ILE B 237 2.03 -17.32 13.37
CA ILE B 237 1.37 -18.54 12.87
C ILE B 237 2.31 -19.71 13.13
N PRO B 238 1.81 -20.89 13.49
CA PRO B 238 2.68 -22.07 13.54
C PRO B 238 3.17 -22.48 12.16
N LEU B 239 4.16 -23.36 12.15
CA LEU B 239 4.84 -23.71 10.91
C LEU B 239 3.96 -24.56 10.00
N ASN B 240 3.19 -25.49 10.57
CA ASN B 240 2.35 -26.35 9.75
C ASN B 240 1.09 -25.67 9.26
N ASN B 241 0.82 -24.44 9.69
CA ASN B 241 -0.27 -23.63 9.16
C ASN B 241 0.25 -22.57 8.20
N LEU B 242 1.34 -22.85 7.50
CA LEU B 242 1.94 -21.93 6.56
C LEU B 242 1.94 -22.56 5.17
N ALA B 243 1.61 -21.76 4.17
CA ALA B 243 1.45 -22.26 2.81
C ALA B 243 2.74 -22.11 2.02
N ASN B 244 2.95 -23.03 1.08
CA ASN B 244 4.11 -22.99 0.22
C ASN B 244 3.99 -21.84 -0.77
N SER B 245 5.13 -21.43 -1.32
CA SER B 245 5.18 -20.29 -2.23
C SER B 245 5.50 -20.68 -3.66
N ARG B 246 5.74 -21.95 -3.95
CA ARG B 246 6.02 -22.39 -5.31
C ARG B 246 4.97 -23.32 -5.88
N VAL B 247 4.32 -24.14 -5.07
CA VAL B 247 3.23 -25.00 -5.53
C VAL B 247 2.07 -24.82 -4.56
N PRO B 248 0.83 -25.09 -5.00
CA PRO B 248 -0.29 -24.94 -4.05
C PRO B 248 -0.44 -26.11 -3.08
N ALA B 249 0.36 -26.08 -2.01
CA ALA B 249 0.31 -27.08 -0.95
C ALA B 249 0.79 -26.44 0.34
N MET B 250 0.81 -27.21 1.42
CA MET B 250 1.17 -26.72 2.74
C MET B 250 2.57 -27.21 3.13
N ILE B 251 3.23 -26.43 3.96
CA ILE B 251 4.63 -26.67 4.29
C ILE B 251 4.71 -27.84 5.27
N ASN B 252 5.53 -28.83 4.93
CA ASN B 252 5.60 -30.08 5.67
C ASN B 252 6.71 -30.08 6.71
N LYS B 253 7.93 -29.70 6.34
CA LYS B 253 9.06 -29.67 7.24
C LYS B 253 10.15 -28.78 6.65
N MET B 254 11.12 -28.44 7.48
CA MET B 254 12.30 -27.71 7.03
C MET B 254 13.46 -28.68 6.85
N THR B 255 14.39 -28.30 5.97
CA THR B 255 15.61 -29.06 5.77
C THR B 255 16.70 -28.14 5.23
N VAL B 256 17.90 -28.69 5.10
CA VAL B 256 18.98 -28.05 4.38
C VAL B 256 19.40 -28.97 3.24
N SER B 257 20.15 -28.41 2.30
CA SER B 257 20.58 -29.19 1.16
C SER B 257 21.69 -30.16 1.54
N THR B 258 21.92 -31.15 0.69
CA THR B 258 23.04 -32.07 0.89
C THR B 258 24.35 -31.42 0.46
N ASP B 259 24.39 -30.94 -0.79
CA ASP B 259 25.52 -30.15 -1.28
C ASP B 259 25.21 -28.69 -0.96
N GLN B 260 25.77 -28.19 0.14
CA GLN B 260 25.41 -26.88 0.68
C GLN B 260 26.09 -25.72 -0.02
N ASN B 261 26.72 -25.94 -1.17
CA ASN B 261 27.26 -24.85 -1.99
C ASN B 261 26.55 -24.70 -3.31
N GLN B 262 25.35 -25.26 -3.44
CA GLN B 262 24.54 -25.08 -4.64
C GLN B 262 23.80 -23.75 -4.57
N VAL B 263 23.85 -22.99 -5.66
CA VAL B 263 23.15 -21.71 -5.73
C VAL B 263 21.75 -21.95 -6.26
N VAL B 264 20.82 -21.11 -5.84
CA VAL B 264 19.43 -21.21 -6.25
C VAL B 264 18.99 -19.87 -6.81
N GLN B 265 18.08 -19.93 -7.78
CA GLN B 265 17.55 -18.75 -8.43
C GLN B 265 16.04 -18.89 -8.61
N PHE B 266 15.34 -19.25 -7.54
CA PHE B 266 13.90 -19.39 -7.56
C PHE B 266 13.23 -18.07 -7.91
N GLN B 267 12.09 -18.15 -8.60
CA GLN B 267 11.40 -16.97 -9.07
C GLN B 267 10.07 -16.73 -8.39
N ASN B 268 9.60 -17.65 -7.56
CA ASN B 268 8.41 -17.44 -6.74
C ASN B 268 8.80 -17.49 -5.27
N GLY B 269 8.19 -16.59 -4.49
CA GLY B 269 8.58 -16.48 -3.11
C GLY B 269 9.81 -15.62 -2.92
N ARG B 270 9.96 -14.56 -3.70
CA ARG B 270 11.09 -13.64 -3.60
C ARG B 270 10.53 -12.27 -3.25
N CYS B 271 10.82 -11.81 -2.04
CA CYS B 271 10.32 -10.52 -1.58
C CYS B 271 11.27 -9.98 -0.52
N THR B 272 11.79 -8.78 -0.74
CA THR B 272 12.69 -8.15 0.20
C THR B 272 11.93 -7.69 1.44
N LEU B 273 12.68 -7.36 2.48
CA LEU B 273 12.09 -7.04 3.78
C LEU B 273 11.33 -5.71 3.77
N GLU B 274 11.62 -4.82 2.84
CA GLU B 274 10.90 -3.56 2.74
C GLU B 274 9.59 -3.70 1.98
N GLY B 275 9.33 -4.84 1.37
CA GLY B 275 8.08 -5.10 0.70
C GLY B 275 8.09 -4.98 -0.80
N GLN B 276 9.23 -5.12 -1.46
CA GLN B 276 9.32 -5.03 -2.91
C GLN B 276 9.35 -6.43 -3.49
N LEU B 277 8.34 -6.76 -4.28
CA LEU B 277 8.27 -8.08 -4.89
C LEU B 277 9.30 -8.22 -6.01
N LEU B 278 9.86 -9.42 -6.14
CA LEU B 278 10.86 -9.71 -7.13
C LEU B 278 10.43 -10.90 -7.98
N GLY B 279 10.75 -10.85 -9.27
CA GLY B 279 10.42 -11.95 -10.14
C GLY B 279 8.94 -12.01 -10.45
N THR B 280 8.40 -13.23 -10.45
CA THR B 280 6.98 -13.47 -10.70
C THR B 280 6.23 -13.82 -9.43
N THR B 281 6.56 -13.18 -8.34
CA THR B 281 5.95 -13.56 -7.07
C THR B 281 4.62 -12.85 -6.90
N PRO B 282 3.53 -13.58 -6.68
CA PRO B 282 2.24 -12.93 -6.43
C PRO B 282 2.05 -12.60 -4.97
N VAL B 283 0.92 -11.99 -4.62
CA VAL B 283 0.69 -11.62 -3.23
C VAL B 283 0.00 -12.75 -2.49
N SER B 284 -1.20 -13.11 -2.93
CA SER B 284 -2.00 -14.06 -2.18
C SER B 284 -1.57 -15.49 -2.45
N ALA B 285 -2.08 -16.41 -1.62
CA ALA B 285 -1.70 -17.81 -1.69
C ALA B 285 -2.48 -18.60 -2.72
N SER B 286 -3.53 -18.02 -3.30
CA SER B 286 -4.32 -18.70 -4.30
C SER B 286 -3.95 -18.29 -5.72
N GLN B 287 -2.86 -17.55 -5.89
CA GLN B 287 -2.36 -17.19 -7.20
C GLN B 287 -1.08 -17.93 -7.57
N VAL B 288 -0.72 -18.96 -6.82
CA VAL B 288 0.55 -19.64 -6.99
C VAL B 288 0.38 -20.75 -8.02
N ALA B 289 1.26 -20.75 -9.03
CA ALA B 289 1.34 -21.78 -10.09
C ALA B 289 0.03 -21.88 -10.88
N ARG B 290 -0.43 -20.74 -11.40
CA ARG B 290 -1.66 -20.69 -12.16
C ARG B 290 -1.40 -20.03 -13.52
N ILE B 291 -2.10 -20.53 -14.53
CA ILE B 291 -1.93 -20.10 -15.91
C ILE B 291 -3.29 -19.69 -16.46
N ARG B 292 -3.35 -18.54 -17.15
CA ARG B 292 -4.57 -18.08 -17.79
C ARG B 292 -4.25 -17.42 -19.11
N GLY B 293 -4.96 -17.83 -20.17
CA GLY B 293 -4.77 -17.23 -21.47
C GLY B 293 -5.83 -17.68 -22.45
N LYS B 294 -5.76 -17.12 -23.65
CA LYS B 294 -6.70 -17.44 -24.72
C LYS B 294 -6.09 -18.46 -25.67
N VAL B 295 -6.91 -19.42 -26.10
CA VAL B 295 -6.45 -20.48 -26.98
C VAL B 295 -6.37 -19.97 -28.41
N PHE B 296 -5.27 -20.28 -29.09
CA PHE B 296 -5.14 -20.04 -30.51
C PHE B 296 -4.75 -21.33 -31.21
N SER B 297 -5.32 -21.58 -32.37
CA SER B 297 -5.02 -22.76 -33.17
C SER B 297 -4.23 -22.36 -34.40
N THR B 298 -3.31 -23.22 -34.81
CA THR B 298 -2.48 -22.98 -35.98
C THR B 298 -2.26 -24.31 -36.70
N ALA B 299 -1.34 -24.30 -37.66
CA ALA B 299 -1.04 -25.53 -38.40
C ALA B 299 -0.23 -26.51 -37.55
N SER B 300 0.56 -26.00 -36.61
CA SER B 300 1.43 -26.83 -35.77
C SER B 300 0.89 -26.77 -34.33
N GLY B 301 -0.03 -27.67 -34.02
CA GLY B 301 -0.55 -27.79 -32.68
C GLY B 301 -1.44 -26.64 -32.25
N LYS B 302 -1.65 -26.56 -30.94
CA LYS B 302 -2.41 -25.51 -30.31
C LYS B 302 -1.50 -24.67 -29.42
N GLY B 303 -2.08 -23.69 -28.75
CA GLY B 303 -1.31 -22.83 -27.88
C GLY B 303 -2.18 -21.94 -27.03
N LEU B 304 -1.52 -21.11 -26.23
CA LEU B 304 -2.19 -20.16 -25.35
C LEU B 304 -1.53 -18.80 -25.47
N ASN B 305 -2.33 -17.77 -25.73
CA ASN B 305 -1.85 -16.39 -25.68
C ASN B 305 -2.03 -15.87 -24.26
N LEU B 306 -0.92 -15.80 -23.52
CA LEU B 306 -0.98 -15.56 -22.08
C LEU B 306 -1.41 -14.14 -21.76
N THR B 307 -2.37 -14.02 -20.85
CA THR B 307 -2.76 -12.76 -20.24
C THR B 307 -2.46 -12.85 -18.74
N GLU B 308 -2.86 -11.82 -18.01
CA GLU B 308 -2.66 -11.85 -16.57
C GLU B 308 -3.74 -12.71 -15.90
N LEU B 309 -3.67 -12.78 -14.58
CA LEU B 309 -4.53 -13.69 -13.84
C LEU B 309 -5.91 -13.12 -13.53
N ASP B 310 -6.30 -12.02 -14.14
CA ASP B 310 -7.65 -11.49 -14.01
C ASP B 310 -8.21 -10.98 -15.32
N GLY B 311 -7.63 -11.38 -16.45
CA GLY B 311 -8.08 -10.94 -17.75
C GLY B 311 -7.38 -9.70 -18.29
N THR B 312 -6.58 -9.03 -17.48
CA THR B 312 -5.83 -7.87 -17.93
C THR B 312 -4.75 -8.31 -18.92
N PRO B 313 -4.53 -7.55 -20.00
CA PRO B 313 -3.48 -7.93 -20.96
C PRO B 313 -2.08 -7.84 -20.38
N TYR B 314 -1.23 -8.74 -20.83
CA TYR B 314 0.13 -8.86 -20.31
C TYR B 314 1.10 -7.98 -21.09
N HIS B 315 1.98 -7.30 -20.37
CA HIS B 315 2.97 -6.41 -20.96
C HIS B 315 4.35 -7.02 -20.81
N ALA B 316 5.05 -7.19 -21.93
CA ALA B 316 6.39 -7.77 -21.93
C ALA B 316 7.42 -6.80 -21.39
N PHE B 317 7.64 -6.82 -20.08
CA PHE B 317 8.42 -5.81 -19.38
C PHE B 317 9.25 -6.51 -18.31
N GLU B 318 9.63 -5.75 -17.28
CA GLU B 318 10.42 -6.16 -16.11
C GLU B 318 10.05 -7.52 -15.53
N SER B 319 8.77 -7.90 -15.54
CA SER B 319 8.53 -9.26 -15.06
C SER B 319 8.83 -10.27 -16.15
N PRO B 320 9.45 -11.40 -15.81
CA PRO B 320 9.74 -12.42 -16.84
C PRO B 320 8.53 -13.17 -17.32
N ALA B 321 7.42 -13.11 -16.60
CA ALA B 321 6.23 -13.89 -16.93
C ALA B 321 5.05 -13.18 -16.27
N PRO B 322 3.81 -13.59 -16.59
CA PRO B 322 2.68 -13.15 -15.77
C PRO B 322 2.82 -13.61 -14.34
N LEU B 323 2.32 -12.79 -13.42
CA LEU B 323 2.49 -13.01 -11.99
C LEU B 323 1.73 -14.25 -11.56
N GLY B 324 2.46 -15.22 -11.00
CA GLY B 324 1.90 -16.50 -10.64
C GLY B 324 2.25 -17.63 -11.57
N PHE B 325 3.10 -17.38 -12.55
CA PHE B 325 3.56 -18.43 -13.45
C PHE B 325 4.44 -19.42 -12.67
N PRO B 326 4.32 -20.72 -12.96
CA PRO B 326 5.17 -21.69 -12.27
C PRO B 326 6.62 -21.58 -12.67
N ASP B 327 7.51 -22.12 -11.84
CA ASP B 327 8.93 -22.07 -12.15
C ASP B 327 9.63 -23.40 -11.87
N ILE B 328 8.95 -24.52 -12.03
CA ILE B 328 9.60 -25.83 -11.92
C ILE B 328 10.18 -26.13 -13.30
N GLY B 329 11.49 -26.03 -13.44
CA GLY B 329 12.12 -26.14 -14.74
C GLY B 329 12.56 -27.55 -15.10
N ALA B 330 12.89 -27.71 -16.38
CA ALA B 330 13.46 -28.93 -16.96
C ALA B 330 12.55 -30.14 -16.78
N CYS B 331 11.25 -29.95 -16.98
CA CYS B 331 10.29 -31.04 -16.86
C CYS B 331 9.09 -30.74 -17.75
N ASP B 332 8.13 -31.65 -17.73
CA ASP B 332 6.89 -31.50 -18.47
C ASP B 332 5.74 -31.25 -17.51
N TRP B 333 4.95 -30.22 -17.79
CA TRP B 333 3.88 -29.81 -16.88
C TRP B 333 2.58 -30.52 -17.23
N HIS B 334 1.61 -30.42 -16.32
CA HIS B 334 0.26 -30.95 -16.53
C HIS B 334 -0.71 -29.97 -15.87
N VAL B 335 -1.23 -29.04 -16.65
CA VAL B 335 -2.09 -27.97 -16.14
C VAL B 335 -3.54 -28.38 -16.38
N SER B 336 -4.34 -28.39 -15.32
CA SER B 336 -5.75 -28.74 -15.42
C SER B 336 -6.58 -27.46 -15.38
N THR B 337 -7.24 -27.15 -16.49
CA THR B 337 -7.92 -25.87 -16.65
C THR B 337 -9.42 -26.09 -16.87
N PHE B 338 -10.17 -24.99 -16.72
CA PHE B 338 -11.58 -24.93 -17.07
C PHE B 338 -11.82 -23.65 -17.86
N LYS B 339 -13.02 -23.53 -18.43
CA LYS B 339 -13.35 -22.43 -19.32
C LYS B 339 -14.11 -21.36 -18.56
N VAL B 340 -13.62 -20.13 -18.62
CA VAL B 340 -14.30 -19.02 -17.95
C VAL B 340 -15.50 -18.63 -18.80
N ASP B 341 -16.68 -19.13 -18.41
CA ASP B 341 -17.90 -18.97 -19.18
C ASP B 341 -19.08 -19.31 -18.27
N GLN B 342 -20.19 -18.61 -18.48
CA GLN B 342 -21.35 -18.79 -17.62
C GLN B 342 -22.13 -20.06 -17.93
N ASN B 343 -22.02 -20.58 -19.16
CA ASN B 343 -22.83 -21.72 -19.59
C ASN B 343 -21.91 -22.88 -19.92
N LEU B 344 -21.82 -23.84 -19.01
CA LEU B 344 -21.01 -25.04 -19.19
C LEU B 344 -21.90 -26.26 -19.17
N SER B 345 -21.41 -27.35 -19.76
CA SER B 345 -22.15 -28.60 -19.77
C SER B 345 -21.17 -29.76 -19.83
N GLY B 346 -21.62 -30.92 -19.37
CA GLY B 346 -20.83 -32.12 -19.41
C GLY B 346 -19.65 -32.10 -18.45
N ASP B 347 -18.44 -32.18 -19.00
CA ASP B 347 -17.22 -32.15 -18.20
C ASP B 347 -16.44 -30.89 -18.53
N PRO B 348 -16.36 -29.91 -17.64
CA PRO B 348 -15.71 -28.64 -17.97
C PRO B 348 -14.21 -28.64 -17.84
N MET B 349 -13.59 -29.76 -17.50
CA MET B 349 -12.16 -29.80 -17.23
C MET B 349 -11.40 -30.23 -18.48
N SER B 350 -10.10 -29.90 -18.47
CA SER B 350 -9.20 -30.26 -19.55
C SER B 350 -7.79 -30.21 -19.00
N ARG B 351 -6.96 -31.18 -19.38
CA ARG B 351 -5.61 -31.31 -18.84
C ARG B 351 -4.61 -31.00 -19.97
N LEU B 352 -3.97 -29.84 -19.89
CA LEU B 352 -2.99 -29.44 -20.88
C LEU B 352 -1.62 -29.93 -20.47
N ASP B 353 -0.89 -30.51 -21.43
CA ASP B 353 0.46 -30.99 -21.22
C ASP B 353 1.41 -30.07 -21.96
N VAL B 354 2.23 -29.33 -21.20
CA VAL B 354 3.15 -28.35 -21.75
C VAL B 354 4.56 -28.93 -21.72
N LYS B 355 5.22 -28.95 -22.87
CA LYS B 355 6.60 -29.37 -22.97
C LYS B 355 7.51 -28.16 -23.03
N GLN B 356 8.67 -28.27 -22.37
CA GLN B 356 9.62 -27.16 -22.33
C GLN B 356 10.66 -27.29 -23.44
N ASN B 357 10.17 -27.27 -24.67
CA ASN B 357 11.02 -27.30 -25.85
C ASN B 357 11.32 -25.87 -26.29
N ALA B 358 11.84 -25.71 -27.51
CA ALA B 358 12.09 -24.37 -28.05
C ALA B 358 10.84 -23.49 -28.23
N PRO B 359 9.64 -23.98 -28.60
CA PRO B 359 8.48 -23.07 -28.61
C PRO B 359 7.98 -22.66 -27.23
N PHE B 360 8.49 -23.24 -26.14
CA PHE B 360 8.15 -22.78 -24.80
C PHE B 360 8.88 -21.48 -24.54
N ALA B 361 8.20 -20.35 -24.74
CA ALA B 361 8.78 -19.03 -24.51
C ALA B 361 7.72 -18.15 -23.85
N PRO B 362 7.58 -18.25 -22.53
CA PRO B 362 6.55 -17.45 -21.84
C PRO B 362 6.88 -15.99 -21.70
N HIS B 363 8.11 -15.56 -21.99
CA HIS B 363 8.41 -14.14 -21.91
C HIS B 363 7.83 -13.37 -23.08
N LEU B 364 7.77 -13.99 -24.26
CA LEU B 364 7.11 -13.35 -25.39
C LEU B 364 5.59 -13.38 -25.25
N GLY B 365 5.07 -14.39 -24.56
CA GLY B 365 3.65 -14.42 -24.24
C GLY B 365 2.89 -15.55 -24.91
N SER B 366 3.55 -16.67 -25.17
CA SER B 366 2.91 -17.78 -25.83
C SER B 366 3.57 -19.09 -25.44
N ILE B 367 2.76 -20.11 -25.21
CA ILE B 367 3.23 -21.47 -24.99
C ILE B 367 2.49 -22.37 -25.97
N GLU B 368 2.80 -23.66 -25.90
CA GLU B 368 2.12 -24.68 -26.68
C GLU B 368 1.75 -25.85 -25.79
N PHE B 369 0.77 -26.63 -26.22
CA PHE B 369 0.35 -27.78 -25.43
C PHE B 369 -0.19 -28.87 -26.35
N THR B 370 -0.53 -29.99 -25.74
CA THR B 370 -1.17 -31.11 -26.42
C THR B 370 -2.10 -31.79 -25.43
N SER B 371 -3.37 -31.95 -25.83
CA SER B 371 -4.36 -32.53 -24.94
C SER B 371 -5.39 -33.28 -25.77
N ASP B 372 -6.03 -34.25 -25.15
CA ASP B 372 -7.02 -35.06 -25.83
C ASP B 372 -8.42 -34.46 -25.77
N GLN B 373 -8.64 -33.44 -24.96
CA GLN B 373 -9.91 -32.72 -24.96
C GLN B 373 -9.84 -31.59 -25.96
N ASP B 374 -10.89 -30.77 -26.02
CA ASP B 374 -10.98 -29.66 -26.97
C ASP B 374 -11.17 -28.36 -26.20
N PRO B 375 -10.09 -27.71 -25.77
CA PRO B 375 -10.24 -26.44 -25.04
C PRO B 375 -10.30 -25.26 -26.00
N THR B 376 -11.22 -24.33 -25.71
CA THR B 376 -11.38 -23.13 -26.50
C THR B 376 -11.66 -21.94 -25.58
N GLY B 377 -11.40 -20.75 -26.11
CA GLY B 377 -11.72 -19.52 -25.41
C GLY B 377 -10.74 -19.13 -24.33
N ASP B 378 -11.23 -18.56 -23.24
CA ASP B 378 -10.42 -18.12 -22.12
C ASP B 378 -10.32 -19.25 -21.11
N GLN B 379 -9.14 -19.83 -20.98
CA GLN B 379 -8.92 -20.98 -20.11
C GLN B 379 -8.09 -20.56 -18.90
N LEU B 380 -8.56 -20.93 -17.72
CA LEU B 380 -7.87 -20.63 -16.46
C LEU B 380 -7.64 -21.94 -15.71
N GLY B 381 -6.40 -22.16 -15.28
CA GLY B 381 -6.09 -23.42 -14.63
C GLY B 381 -4.87 -23.33 -13.74
N THR B 382 -4.59 -24.45 -13.07
CA THR B 382 -3.58 -24.54 -12.04
C THR B 382 -2.76 -25.79 -12.30
N LEU B 383 -1.44 -25.70 -12.11
CA LEU B 383 -0.55 -26.83 -12.33
C LEU B 383 -0.86 -27.97 -11.36
N ALA B 384 -0.97 -29.18 -11.89
CA ALA B 384 -1.36 -30.35 -11.11
C ALA B 384 -0.17 -31.24 -10.75
N TRP B 385 0.60 -31.67 -11.73
CA TRP B 385 1.76 -32.53 -11.46
C TRP B 385 2.76 -32.36 -12.58
N VAL B 386 3.99 -32.81 -12.32
CA VAL B 386 5.08 -32.68 -13.28
C VAL B 386 5.63 -34.05 -13.61
N SER B 387 6.23 -34.17 -14.79
CA SER B 387 6.70 -35.43 -15.33
C SER B 387 8.06 -35.19 -15.97
N PRO B 388 8.88 -36.24 -16.13
CA PRO B 388 10.16 -36.07 -16.82
C PRO B 388 10.02 -35.67 -18.27
N SER B 389 11.03 -34.96 -18.77
CA SER B 389 10.99 -34.45 -20.14
C SER B 389 11.15 -35.59 -21.14
N THR B 390 12.10 -36.47 -20.92
CA THR B 390 12.36 -37.62 -21.78
C THR B 390 12.33 -38.89 -20.95
N SER B 391 12.35 -40.03 -21.64
CA SER B 391 12.27 -41.32 -20.96
C SER B 391 13.61 -41.67 -20.33
N GLY B 392 13.55 -42.15 -19.08
CA GLY B 392 14.73 -42.51 -18.33
C GLY B 392 15.35 -41.37 -17.53
N ALA B 393 15.10 -40.13 -17.90
CA ALA B 393 15.63 -39.01 -17.15
C ALA B 393 14.83 -38.81 -15.85
N ARG B 394 15.38 -38.01 -14.96
CA ARG B 394 14.75 -37.71 -13.69
C ARG B 394 14.54 -36.21 -13.57
N VAL B 395 13.54 -35.84 -12.79
CA VAL B 395 13.13 -34.45 -12.66
C VAL B 395 13.84 -33.82 -11.45
N ASP B 396 14.38 -32.62 -11.66
CA ASP B 396 15.09 -31.90 -10.62
C ASP B 396 14.21 -30.74 -10.20
N PRO B 397 13.72 -30.69 -8.96
CA PRO B 397 12.86 -29.59 -8.53
C PRO B 397 13.62 -28.34 -8.08
N TRP B 398 14.93 -28.28 -8.29
CA TRP B 398 15.73 -27.13 -7.88
C TRP B 398 16.09 -26.21 -9.03
N LYS B 399 15.70 -26.53 -10.25
CA LYS B 399 16.02 -25.73 -11.42
C LYS B 399 14.86 -24.81 -11.76
N ILE B 400 15.12 -23.87 -12.67
CA ILE B 400 14.12 -22.91 -13.12
C ILE B 400 14.07 -22.95 -14.64
N PRO B 401 12.94 -22.59 -15.27
CA PRO B 401 12.87 -22.67 -16.74
C PRO B 401 13.63 -21.52 -17.39
N SER B 402 13.67 -21.58 -18.72
CA SER B 402 14.30 -20.56 -19.54
C SER B 402 13.19 -19.76 -20.21
N TYR B 403 12.92 -18.58 -19.67
CA TYR B 403 11.90 -17.70 -20.23
C TYR B 403 12.38 -17.10 -21.55
N GLY B 404 13.59 -16.55 -21.54
CA GLY B 404 14.17 -16.06 -22.78
C GLY B 404 14.73 -17.19 -23.63
N SER B 405 15.08 -16.85 -24.86
CA SER B 405 15.65 -17.84 -25.79
C SER B 405 16.95 -17.34 -26.38
N HIS B 412 14.90 -10.30 -17.49
CA HIS B 412 14.93 -9.42 -16.33
C HIS B 412 14.69 -10.20 -15.05
N LEU B 413 15.49 -11.25 -14.84
CA LEU B 413 15.24 -12.22 -13.80
C LEU B 413 15.63 -11.68 -12.43
N ALA B 414 15.31 -12.46 -11.40
CA ALA B 414 15.67 -12.19 -10.03
C ALA B 414 17.11 -12.61 -9.76
N PRO B 415 17.82 -11.91 -8.88
CA PRO B 415 19.22 -12.27 -8.61
C PRO B 415 19.33 -13.57 -7.84
N PRO B 416 20.45 -14.28 -7.97
CA PRO B 416 20.61 -15.55 -7.25
C PRO B 416 20.85 -15.33 -5.77
N ILE B 417 20.69 -16.42 -5.01
CA ILE B 417 20.84 -16.41 -3.57
C ILE B 417 22.12 -17.15 -3.23
N PHE B 418 23.14 -16.41 -2.83
CA PHE B 418 24.36 -17.11 -2.44
C PHE B 418 24.37 -17.35 -0.94
N PRO B 419 24.94 -18.46 -0.47
CA PRO B 419 25.08 -18.66 0.97
C PRO B 419 26.10 -17.69 1.54
N PRO B 420 25.81 -17.06 2.67
CA PRO B 420 26.62 -15.92 3.11
C PRO B 420 27.88 -16.29 3.85
N GLY B 421 28.30 -17.55 3.76
CA GLY B 421 29.53 -17.98 4.37
C GLY B 421 29.39 -18.19 5.86
N PHE B 422 30.56 -18.20 6.54
CA PHE B 422 30.69 -18.37 7.98
C PHE B 422 30.08 -19.68 8.48
N GLY B 423 30.12 -20.70 7.63
CA GLY B 423 29.61 -22.01 7.99
C GLY B 423 28.10 -22.09 8.07
N GLU B 424 27.40 -21.36 7.22
CA GLU B 424 25.94 -21.32 7.23
C GLU B 424 25.37 -22.08 6.04
N ALA B 425 24.06 -22.35 6.11
CA ALA B 425 23.34 -22.98 5.02
C ALA B 425 21.93 -22.39 4.97
N ILE B 426 21.30 -22.49 3.81
CA ILE B 426 19.98 -21.93 3.60
C ILE B 426 18.93 -22.92 4.05
N VAL B 427 17.93 -22.45 4.79
CA VAL B 427 16.83 -23.29 5.24
C VAL B 427 15.76 -23.32 4.15
N TYR B 428 15.43 -24.51 3.68
CA TYR B 428 14.38 -24.70 2.69
C TYR B 428 13.14 -25.27 3.38
N PHE B 429 11.98 -25.00 2.80
CA PHE B 429 10.71 -25.45 3.34
C PHE B 429 10.08 -26.43 2.35
N MET B 430 9.84 -27.65 2.81
CA MET B 430 9.38 -28.72 1.93
C MET B 430 7.87 -28.90 2.02
N SER B 431 7.29 -29.37 0.91
CA SER B 431 5.85 -29.57 0.80
C SER B 431 5.58 -30.75 -0.10
N ASP B 432 4.55 -31.52 0.22
CA ASP B 432 4.21 -32.70 -0.58
C ASP B 432 3.53 -32.28 -1.87
N PHE B 433 3.91 -32.94 -2.97
CA PHE B 433 3.41 -32.59 -4.29
C PHE B 433 3.58 -33.81 -5.19
N PRO B 434 2.63 -34.08 -6.09
CA PRO B 434 2.77 -35.26 -6.95
C PRO B 434 3.87 -35.09 -7.99
N ILE B 435 4.97 -35.82 -7.80
CA ILE B 435 6.13 -35.78 -8.68
C ILE B 435 6.49 -37.21 -9.04
N VAL B 436 6.49 -37.51 -10.34
CA VAL B 436 6.78 -38.85 -10.82
C VAL B 436 8.22 -38.90 -11.30
N SER B 437 8.94 -39.94 -10.90
CA SER B 437 10.34 -40.22 -11.28
C SER B 437 11.26 -39.09 -10.86
N GLY B 438 11.29 -38.83 -9.55
CA GLY B 438 12.14 -37.81 -8.98
C GLY B 438 12.94 -38.35 -7.80
N ASN B 439 13.86 -37.51 -7.32
CA ASN B 439 14.67 -37.89 -6.17
C ASN B 439 13.83 -37.90 -4.90
N THR B 440 13.30 -36.74 -4.52
CA THR B 440 12.33 -36.64 -3.44
C THR B 440 11.00 -36.21 -4.04
N ALA B 441 9.93 -36.51 -3.31
CA ALA B 441 8.59 -36.11 -3.72
C ALA B 441 8.18 -34.77 -3.13
N GLN B 442 9.13 -33.91 -2.80
CA GLN B 442 8.85 -32.68 -2.10
C GLN B 442 9.50 -31.49 -2.82
N VAL B 443 8.84 -30.35 -2.77
CA VAL B 443 9.24 -29.15 -3.49
C VAL B 443 9.71 -28.12 -2.48
N PRO B 444 10.90 -27.56 -2.63
CA PRO B 444 11.39 -26.56 -1.67
C PRO B 444 10.91 -25.16 -2.02
N CYS B 445 11.25 -24.23 -1.13
CA CYS B 445 11.10 -22.80 -1.36
C CYS B 445 12.07 -22.07 -0.44
N THR B 446 12.01 -20.74 -0.46
CA THR B 446 12.84 -19.94 0.42
C THR B 446 12.06 -19.18 1.47
N LEU B 447 10.80 -18.85 1.21
CA LEU B 447 9.96 -18.17 2.17
C LEU B 447 8.54 -18.72 2.05
N PRO B 448 7.81 -18.78 3.15
CA PRO B 448 6.38 -19.09 3.07
C PRO B 448 5.62 -17.92 2.46
N GLN B 449 4.41 -18.21 1.98
CA GLN B 449 3.64 -17.19 1.27
C GLN B 449 3.08 -16.14 2.24
N GLU B 450 2.77 -16.54 3.47
CA GLU B 450 2.28 -15.59 4.46
C GLU B 450 3.34 -14.58 4.87
N PHE B 451 4.62 -14.98 4.85
CA PHE B 451 5.70 -14.04 5.10
C PHE B 451 5.76 -12.97 4.01
N VAL B 452 5.57 -13.37 2.76
CA VAL B 452 5.60 -12.43 1.64
C VAL B 452 4.39 -11.49 1.72
N SER B 453 3.22 -12.04 1.99
CA SER B 453 2.01 -11.23 2.12
C SER B 453 2.01 -10.36 3.37
N HIS B 454 2.85 -10.66 4.36
CA HIS B 454 3.03 -9.78 5.51
C HIS B 454 4.04 -8.68 5.26
N PHE B 455 5.15 -8.99 4.58
CA PHE B 455 6.13 -7.98 4.27
C PHE B 455 5.62 -6.97 3.25
N VAL B 456 4.73 -7.41 2.35
CA VAL B 456 4.12 -6.48 1.41
C VAL B 456 3.17 -5.53 2.14
N GLU B 457 2.41 -6.06 3.10
CA GLU B 457 1.42 -5.26 3.81
C GLU B 457 2.06 -4.28 4.79
N GLN B 458 3.12 -4.70 5.47
CA GLN B 458 3.66 -3.89 6.57
C GLN B 458 4.51 -2.73 6.06
N GLN B 459 5.43 -3.00 5.13
CA GLN B 459 6.35 -2.02 4.54
C GLN B 459 7.24 -1.35 5.59
N ALA B 460 7.73 -2.14 6.53
CA ALA B 460 8.63 -1.63 7.57
C ALA B 460 10.03 -1.43 7.01
N PRO B 461 10.78 -0.45 7.52
CA PRO B 461 12.14 -0.22 7.05
C PRO B 461 13.10 -1.27 7.63
N VAL B 462 14.36 -1.15 7.24
CA VAL B 462 15.41 -2.08 7.63
C VAL B 462 16.52 -1.29 8.31
N ARG B 463 16.89 -1.70 9.52
CA ARG B 463 17.88 -0.98 10.31
C ARG B 463 19.12 -1.82 10.62
N GLY B 464 19.28 -2.97 9.99
CA GLY B 464 20.42 -3.81 10.29
C GLY B 464 20.81 -4.66 9.10
N GLU B 465 21.89 -5.41 9.27
CA GLU B 465 22.37 -6.24 8.18
C GLU B 465 21.72 -7.62 8.16
N ALA B 466 21.06 -8.00 9.24
CA ALA B 466 20.30 -9.24 9.30
C ALA B 466 19.31 -9.12 10.45
N ALA B 467 18.37 -10.04 10.50
CA ALA B 467 17.38 -10.10 11.57
C ALA B 467 17.45 -11.46 12.23
N LEU B 468 17.66 -11.47 13.54
CA LEU B 468 17.79 -12.71 14.29
C LEU B 468 16.41 -13.20 14.71
N LEU B 469 16.10 -14.44 14.39
CA LEU B 469 14.80 -15.03 14.69
C LEU B 469 14.98 -16.22 15.61
N HIS B 470 14.09 -16.34 16.59
CA HIS B 470 13.99 -17.54 17.40
C HIS B 470 12.86 -18.40 16.87
N TYR B 471 12.80 -19.63 17.37
CA TYR B 471 11.83 -20.61 16.92
C TYR B 471 11.28 -21.31 18.16
N VAL B 472 10.15 -20.83 18.68
CA VAL B 472 9.70 -21.19 20.01
C VAL B 472 8.57 -22.21 19.91
N ASP B 473 8.57 -23.17 20.83
CA ASP B 473 7.47 -24.10 20.95
C ASP B 473 6.29 -23.41 21.62
N PRO B 474 5.12 -23.36 21.00
CA PRO B 474 4.05 -22.47 21.47
C PRO B 474 3.31 -22.94 22.71
N ASP B 475 3.70 -24.07 23.31
CA ASP B 475 3.07 -24.50 24.55
C ASP B 475 3.86 -24.05 25.77
N THR B 476 5.11 -24.50 25.88
CA THR B 476 5.95 -24.18 27.03
C THR B 476 6.79 -22.93 26.82
N HIS B 477 6.77 -22.35 25.62
CA HIS B 477 7.51 -21.14 25.24
C HIS B 477 9.01 -21.28 25.44
N ARG B 478 9.53 -22.50 25.28
CA ARG B 478 10.98 -22.70 25.28
C ARG B 478 11.54 -22.33 23.92
N ASN B 479 12.86 -22.36 23.81
CA ASN B 479 13.56 -21.98 22.60
C ASN B 479 14.16 -23.21 21.95
N LEU B 480 14.04 -23.31 20.63
CA LEU B 480 14.52 -24.48 19.92
C LEU B 480 15.66 -24.21 18.96
N GLY B 481 15.83 -22.98 18.50
CA GLY B 481 16.95 -22.69 17.61
C GLY B 481 16.95 -21.22 17.23
N GLU B 482 18.09 -20.79 16.70
CA GLU B 482 18.27 -19.43 16.21
C GLU B 482 18.45 -19.46 14.70
N PHE B 483 17.77 -18.55 14.02
CA PHE B 483 17.86 -18.41 12.57
C PHE B 483 18.04 -16.94 12.25
N LYS B 484 18.75 -16.65 11.16
CA LYS B 484 18.93 -15.30 10.70
C LYS B 484 18.07 -15.04 9.48
N LEU B 485 17.50 -13.84 9.40
CA LEU B 485 16.67 -13.43 8.27
C LEU B 485 17.36 -12.29 7.55
N TYR B 486 17.94 -12.57 6.40
CA TYR B 486 18.68 -11.59 5.64
C TYR B 486 17.71 -10.66 4.91
N PRO B 487 18.12 -9.42 4.61
CA PRO B 487 17.19 -8.48 3.97
C PRO B 487 16.91 -8.76 2.50
N ASP B 488 17.49 -9.81 1.92
CA ASP B 488 17.14 -10.22 0.57
C ASP B 488 16.01 -11.24 0.54
N GLY B 489 15.56 -11.70 1.70
CA GLY B 489 14.41 -12.59 1.76
C GLY B 489 14.72 -14.07 1.76
N PHE B 490 15.57 -14.52 2.68
CA PHE B 490 15.80 -15.94 2.89
C PHE B 490 16.31 -16.14 4.31
N ILE B 491 16.06 -17.34 4.83
CA ILE B 491 16.37 -17.69 6.21
C ILE B 491 17.51 -18.70 6.22
N THR B 492 18.57 -18.41 6.98
CA THR B 492 19.72 -19.29 7.07
C THR B 492 19.86 -19.85 8.47
N CYS B 493 20.72 -20.86 8.61
CA CYS B 493 21.03 -21.46 9.89
C CYS B 493 22.41 -22.07 9.83
N VAL B 494 22.95 -22.39 11.01
CA VAL B 494 24.19 -23.15 11.09
C VAL B 494 23.82 -24.57 11.51
N PRO B 495 23.85 -25.54 10.61
CA PRO B 495 23.43 -26.89 10.96
C PRO B 495 24.48 -27.63 11.76
N ASN B 496 24.00 -28.48 12.67
CA ASN B 496 24.89 -29.31 13.43
C ASN B 496 25.40 -30.45 12.56
N THR B 497 26.46 -31.10 13.01
CA THR B 497 27.03 -32.23 12.29
C THR B 497 26.09 -33.44 12.44
N GLY B 498 25.80 -34.10 11.33
CA GLY B 498 24.89 -35.23 11.32
C GLY B 498 23.41 -34.87 11.34
N GLY B 499 23.06 -33.62 11.62
CA GLY B 499 21.67 -33.23 11.70
C GLY B 499 21.33 -31.96 10.94
N GLY B 500 20.57 -31.08 11.58
CA GLY B 500 20.12 -29.87 10.96
C GLY B 500 18.79 -29.43 11.55
N PRO B 501 18.08 -28.54 10.86
CA PRO B 501 16.74 -28.15 11.34
C PRO B 501 15.65 -29.15 11.02
N GLN B 502 15.97 -30.27 10.38
CA GLN B 502 14.97 -31.30 10.10
C GLN B 502 14.73 -32.24 11.27
N ASN B 503 15.34 -31.98 12.42
CA ASN B 503 15.11 -32.77 13.62
C ASN B 503 14.28 -32.03 14.65
N LEU B 504 13.69 -30.92 14.28
CA LEU B 504 12.91 -30.06 15.16
C LEU B 504 11.43 -30.41 15.06
N PRO B 505 10.64 -30.07 16.08
CA PRO B 505 9.18 -30.19 15.94
C PRO B 505 8.64 -29.24 14.90
N THR B 506 7.43 -29.53 14.43
CA THR B 506 6.84 -28.85 13.30
C THR B 506 5.60 -28.06 13.72
N ASN B 507 5.69 -27.39 14.86
CA ASN B 507 4.60 -26.49 15.26
C ASN B 507 5.15 -25.23 15.90
N GLY B 508 6.42 -24.91 15.69
CA GLY B 508 6.99 -23.74 16.30
C GLY B 508 6.66 -22.47 15.56
N VAL B 509 6.69 -21.36 16.30
CA VAL B 509 6.40 -20.05 15.77
C VAL B 509 7.70 -19.25 15.75
N PHE B 510 7.95 -18.56 14.63
CA PHE B 510 9.11 -17.68 14.56
C PHE B 510 8.83 -16.39 15.32
N VAL B 511 9.83 -15.91 16.04
CA VAL B 511 9.72 -14.71 16.87
C VAL B 511 10.91 -13.81 16.58
N PHE B 512 10.64 -12.55 16.25
CA PHE B 512 11.70 -11.59 16.01
C PHE B 512 12.41 -11.24 17.31
N SER B 513 13.73 -11.20 17.28
CA SER B 513 14.53 -10.97 18.48
C SER B 513 15.26 -9.63 18.44
N SER B 514 16.09 -9.37 17.44
CA SER B 514 16.85 -8.14 17.36
C SER B 514 17.34 -7.94 15.94
N TRP B 515 18.10 -6.87 15.73
CA TRP B 515 18.81 -6.62 14.48
C TRP B 515 20.30 -6.84 14.74
N VAL B 516 20.89 -7.79 14.02
CA VAL B 516 22.28 -8.17 14.22
C VAL B 516 23.07 -7.82 12.96
N SER B 517 24.39 -7.98 13.07
CA SER B 517 25.26 -7.68 11.95
C SER B 517 25.46 -8.94 11.10
N ARG B 518 26.34 -8.86 10.12
CA ARG B 518 26.54 -9.95 9.17
C ARG B 518 27.42 -11.06 9.71
N TYR B 519 28.03 -10.88 10.88
CA TYR B 519 28.94 -11.90 11.40
C TYR B 519 28.53 -12.38 12.79
N TYR B 520 27.25 -12.28 13.13
CA TYR B 520 26.73 -12.90 14.33
C TYR B 520 26.79 -14.41 14.15
N GLN B 521 27.42 -15.10 15.09
CA GLN B 521 27.58 -16.55 14.99
C GLN B 521 26.45 -17.25 15.72
N LEU B 522 25.80 -18.17 15.03
CA LEU B 522 24.64 -18.86 15.58
C LEU B 522 25.05 -20.14 16.29
N LYS B 523 24.27 -20.48 17.32
CA LYS B 523 24.43 -21.77 17.96
C LYS B 523 23.92 -22.86 17.02
N PRO B 524 24.65 -23.97 16.88
CA PRO B 524 24.24 -24.99 15.92
C PRO B 524 22.98 -25.73 16.36
N VAL B 525 22.06 -25.91 15.42
CA VAL B 525 20.77 -26.53 15.67
C VAL B 525 20.80 -27.95 15.12
N GLY B 526 20.22 -28.89 15.87
CA GLY B 526 20.17 -30.27 15.44
C GLY B 526 20.47 -31.24 16.56
N THR B 527 21.09 -32.36 16.21
CA THR B 527 21.48 -33.35 17.21
C THR B 527 22.66 -34.18 16.72
N LEU C 31 -4.75 27.75 19.11
CA LEU C 31 -3.97 26.68 18.53
C LEU C 31 -2.83 26.27 19.46
N PRO C 32 -2.45 24.99 19.43
CA PRO C 32 -1.32 24.52 20.24
C PRO C 32 0.05 24.86 19.69
N LEU C 33 0.18 25.77 18.74
CA LEU C 33 1.49 26.12 18.20
C LEU C 33 2.12 27.25 19.00
N GLU C 34 3.37 27.07 19.40
CA GLU C 34 4.14 28.15 19.98
C GLU C 34 4.48 29.18 18.90
N PRO C 35 4.73 30.43 19.27
CA PRO C 35 5.17 31.40 18.27
C PRO C 35 6.57 31.12 17.78
N VAL C 36 6.76 31.25 16.47
CA VAL C 36 8.06 31.07 15.84
C VAL C 36 8.63 32.44 15.51
N VAL C 37 9.92 32.48 15.21
CA VAL C 37 10.60 33.72 14.84
C VAL C 37 11.08 33.57 13.39
N GLY C 38 10.92 34.64 12.61
CA GLY C 38 11.27 34.58 11.21
C GLY C 38 12.65 35.08 10.85
N ALA C 39 12.95 36.34 11.17
CA ALA C 39 14.12 37.00 10.61
C ALA C 39 15.21 37.32 11.63
N ALA C 40 15.02 36.97 12.90
CA ALA C 40 16.05 37.24 13.89
C ALA C 40 17.12 36.17 13.91
N THR C 41 16.83 34.97 13.42
CA THR C 41 17.84 33.92 13.35
C THR C 41 18.80 34.15 12.19
N ALA C 42 18.27 34.55 11.04
CA ALA C 42 19.07 34.78 9.84
C ALA C 42 19.54 36.21 9.71
N ALA C 43 19.55 36.98 10.81
CA ALA C 43 20.01 38.36 10.73
C ALA C 43 21.53 38.46 10.81
N ALA C 44 22.16 37.61 11.60
CA ALA C 44 23.58 37.73 11.86
C ALA C 44 24.44 36.89 10.95
N THR C 45 23.88 35.81 10.39
CA THR C 45 24.66 34.83 9.64
C THR C 45 24.51 34.98 8.13
N ALA C 46 23.55 35.78 7.68
CA ALA C 46 23.36 36.05 6.27
C ALA C 46 24.07 37.34 5.89
N GLY C 47 24.18 37.57 4.59
CA GLY C 47 24.85 38.77 4.13
C GLY C 47 24.01 40.02 4.33
N GLN C 48 22.78 40.00 3.83
CA GLN C 48 21.90 41.14 3.92
C GLN C 48 20.56 40.70 4.51
N VAL C 49 19.75 41.70 4.89
CA VAL C 49 18.33 41.53 5.13
C VAL C 49 17.63 42.65 4.38
N ASN C 50 16.77 42.30 3.44
CA ASN C 50 16.14 43.27 2.55
C ASN C 50 14.69 43.47 2.91
N LEU C 51 14.14 44.59 2.47
CA LEU C 51 12.80 45.01 2.82
C LEU C 51 11.80 44.71 1.70
N ILE C 52 10.54 44.95 2.00
CA ILE C 52 9.42 44.71 1.10
C ILE C 52 8.54 45.95 1.15
N ASP C 53 8.04 46.37 -0.02
CA ASP C 53 7.09 47.46 -0.18
C ASP C 53 5.90 47.29 0.78
N PRO C 54 5.64 48.26 1.67
CA PRO C 54 4.65 48.04 2.74
C PRO C 54 3.22 47.86 2.26
N TRP C 55 2.89 48.25 1.04
CA TRP C 55 1.54 48.01 0.53
C TRP C 55 1.32 46.57 0.11
N ILE C 56 2.36 45.74 0.07
CA ILE C 56 2.16 44.32 -0.15
C ILE C 56 1.79 43.63 1.15
N MET C 57 2.20 44.18 2.29
CA MET C 57 1.92 43.59 3.58
C MET C 57 0.47 43.76 4.01
N ASN C 58 -0.32 44.57 3.32
CA ASN C 58 -1.66 44.92 3.78
C ASN C 58 -2.78 44.24 3.01
N ASN C 59 -2.77 44.29 1.68
CA ASN C 59 -3.86 43.72 0.90
C ASN C 59 -3.74 42.21 0.85
N PHE C 60 -4.89 41.54 0.81
CA PHE C 60 -4.94 40.09 0.66
C PHE C 60 -5.08 39.72 -0.80
N VAL C 61 -4.21 38.84 -1.29
CA VAL C 61 -4.18 38.45 -2.68
C VAL C 61 -4.50 36.97 -2.75
N GLN C 62 -5.39 36.60 -3.68
CA GLN C 62 -5.86 35.23 -3.80
C GLN C 62 -4.74 34.29 -4.22
N ALA C 63 -4.73 33.10 -3.62
CA ALA C 63 -3.78 32.05 -3.95
C ALA C 63 -3.99 31.58 -5.38
N PRO C 64 -2.95 30.93 -5.99
CA PRO C 64 -3.13 30.36 -7.34
C PRO C 64 -4.22 29.32 -7.44
N GLU C 65 -4.15 28.28 -6.62
CA GLU C 65 -5.24 27.31 -6.53
C GLU C 65 -6.03 27.62 -5.27
N GLY C 66 -6.91 28.61 -5.38
CA GLY C 66 -7.70 29.05 -4.26
C GLY C 66 -9.19 29.03 -4.54
N GLU C 67 -9.63 28.01 -5.27
CA GLU C 67 -11.03 27.84 -5.61
C GLU C 67 -11.44 26.43 -5.22
N PHE C 68 -12.49 26.31 -4.41
CA PHE C 68 -13.01 25.01 -4.04
C PHE C 68 -14.50 25.13 -3.76
N THR C 69 -15.23 24.08 -4.14
CA THR C 69 -16.67 24.02 -3.92
C THR C 69 -17.01 22.85 -3.02
N ILE C 70 -18.16 22.95 -2.36
CA ILE C 70 -18.70 21.91 -1.51
C ILE C 70 -20.09 21.57 -2.00
N SER C 71 -20.28 20.33 -2.42
CA SER C 71 -21.53 19.84 -2.99
C SER C 71 -22.13 18.81 -2.04
N PRO C 72 -23.45 18.57 -2.12
CA PRO C 72 -24.04 17.48 -1.33
C PRO C 72 -23.63 16.08 -1.78
N ASN C 73 -22.93 15.94 -2.90
CA ASN C 73 -22.36 14.67 -3.31
C ASN C 73 -21.03 14.36 -2.61
N ASN C 74 -20.58 15.23 -1.73
CA ASN C 74 -19.29 15.05 -1.05
C ASN C 74 -19.48 14.35 0.28
N THR C 75 -18.65 13.35 0.54
CA THR C 75 -18.64 12.64 1.79
C THR C 75 -17.73 13.36 2.78
N PRO C 76 -17.90 13.15 4.08
CA PRO C 76 -16.89 13.63 5.02
C PRO C 76 -15.56 12.94 4.81
N GLY C 77 -14.53 13.74 4.56
CA GLY C 77 -13.20 13.22 4.30
C GLY C 77 -12.57 13.68 3.00
N ASP C 78 -13.27 14.43 2.16
CA ASP C 78 -12.67 14.88 0.92
C ASP C 78 -11.74 16.06 1.15
N ILE C 79 -10.58 16.03 0.49
CA ILE C 79 -9.67 17.16 0.50
C ILE C 79 -10.28 18.30 -0.31
N LEU C 80 -10.28 19.50 0.24
CA LEU C 80 -10.83 20.65 -0.45
C LEU C 80 -9.74 21.55 -1.04
N PHE C 81 -8.75 21.95 -0.25
CA PHE C 81 -7.54 22.55 -0.82
C PHE C 81 -6.33 22.01 -0.08
N ASP C 82 -5.15 22.41 -0.56
CA ASP C 82 -3.88 21.92 -0.03
C ASP C 82 -2.82 22.90 -0.47
N LEU C 83 -2.08 23.46 0.48
CA LEU C 83 -1.02 24.40 0.20
C LEU C 83 0.26 23.97 0.88
N HIS C 84 1.33 24.70 0.61
CA HIS C 84 2.53 24.64 1.43
C HIS C 84 3.23 25.99 1.36
N LEU C 85 3.90 26.34 2.45
CA LEU C 85 4.43 27.68 2.63
C LEU C 85 5.59 27.96 1.67
N GLY C 86 5.55 29.13 1.06
CA GLY C 86 6.59 29.57 0.16
C GLY C 86 6.29 30.97 -0.34
N PRO C 87 7.14 31.50 -1.22
CA PRO C 87 6.85 32.78 -1.84
C PRO C 87 5.99 32.68 -3.10
N HIS C 88 5.63 31.47 -3.49
CA HIS C 88 4.80 31.25 -4.68
C HIS C 88 3.32 31.36 -4.38
N LEU C 89 2.93 31.68 -3.16
CA LEU C 89 1.53 31.83 -2.80
C LEU C 89 1.03 33.26 -3.03
N ASN C 90 1.84 34.10 -3.63
CA ASN C 90 1.52 35.50 -3.80
C ASN C 90 2.27 36.03 -5.01
N PRO C 91 1.59 36.52 -6.05
CA PRO C 91 2.27 36.90 -7.29
C PRO C 91 3.12 38.16 -7.19
N PHE C 92 3.18 38.83 -6.04
CA PHE C 92 4.17 39.88 -5.87
C PHE C 92 5.48 39.31 -5.34
N LEU C 93 5.39 38.36 -4.40
CA LEU C 93 6.59 37.73 -3.88
C LEU C 93 7.26 36.85 -4.91
N GLN C 94 6.50 36.25 -5.82
CA GLN C 94 7.09 35.43 -6.86
C GLN C 94 7.84 36.27 -7.87
N HIS C 95 7.41 37.52 -8.09
CA HIS C 95 8.15 38.40 -8.96
C HIS C 95 9.31 39.08 -8.25
N LEU C 96 9.23 39.22 -6.92
CA LEU C 96 10.34 39.80 -6.20
C LEU C 96 11.45 38.80 -5.93
N SER C 97 11.11 37.51 -5.81
CA SER C 97 12.08 36.51 -5.44
C SER C 97 13.04 36.14 -6.57
N GLN C 98 12.82 36.66 -7.78
CA GLN C 98 13.73 36.34 -8.87
C GLN C 98 15.01 37.15 -8.81
N MET C 99 15.05 38.21 -8.00
CA MET C 99 16.28 38.97 -7.81
C MET C 99 16.86 38.80 -6.42
N TYR C 100 16.32 37.88 -5.63
CA TYR C 100 16.81 37.60 -4.28
C TYR C 100 17.30 36.16 -4.20
N ASN C 101 17.73 35.77 -3.02
CA ASN C 101 18.37 34.46 -2.88
C ASN C 101 17.81 33.61 -1.75
N GLY C 102 17.23 34.23 -0.72
CA GLY C 102 16.68 33.47 0.39
C GLY C 102 15.44 34.15 0.95
N TRP C 103 14.74 33.42 1.81
CA TRP C 103 13.52 33.94 2.40
C TRP C 103 13.22 33.23 3.71
N VAL C 104 12.64 33.98 4.65
CA VAL C 104 12.12 33.45 5.91
C VAL C 104 10.83 34.16 6.24
N GLY C 105 10.05 33.55 7.12
CA GLY C 105 8.92 34.22 7.74
C GLY C 105 7.65 33.41 7.64
N ASN C 106 6.59 33.99 8.16
CA ASN C 106 5.27 33.38 8.21
C ASN C 106 4.31 34.19 7.35
N MET C 107 3.27 33.53 6.86
CA MET C 107 2.25 34.19 6.07
C MET C 107 0.90 33.99 6.73
N ARG C 108 -0.08 34.78 6.31
CA ARG C 108 -1.41 34.75 6.90
C ARG C 108 -2.41 34.32 5.83
N VAL C 109 -3.34 33.45 6.21
CA VAL C 109 -4.26 32.82 5.27
C VAL C 109 -5.68 33.20 5.67
N ARG C 110 -6.52 33.52 4.68
CA ARG C 110 -7.95 33.71 4.88
C ARG C 110 -8.73 32.65 4.10
N VAL C 111 -9.85 32.23 4.66
CA VAL C 111 -10.78 31.33 3.99
C VAL C 111 -12.15 31.97 4.03
N MET C 112 -12.79 32.10 2.87
CA MET C 112 -14.03 32.86 2.74
C MET C 112 -15.08 31.97 2.08
N LEU C 113 -16.09 31.58 2.84
CA LEU C 113 -17.17 30.74 2.35
C LEU C 113 -18.37 31.60 1.99
N ALA C 114 -19.28 31.04 1.20
CA ALA C 114 -20.48 31.74 0.75
C ALA C 114 -21.70 30.86 1.05
N GLY C 115 -22.31 31.07 2.20
CA GLY C 115 -23.50 30.35 2.58
C GLY C 115 -24.49 31.29 3.23
N ASN C 116 -25.68 30.77 3.53
CA ASN C 116 -26.71 31.54 4.19
C ASN C 116 -27.14 30.82 5.44
N ALA C 117 -28.17 31.35 6.10
CA ALA C 117 -28.56 30.91 7.44
C ALA C 117 -29.47 29.69 7.43
N PHE C 118 -29.63 29.00 6.30
CA PHE C 118 -30.49 27.83 6.23
C PHE C 118 -29.70 26.57 5.89
N THR C 119 -28.40 26.56 6.11
CA THR C 119 -27.55 25.42 5.79
C THR C 119 -26.95 24.86 7.06
N ALA C 120 -26.27 23.73 6.92
CA ALA C 120 -25.66 23.06 8.06
C ALA C 120 -24.48 22.23 7.57
N GLY C 121 -23.40 22.28 8.31
CA GLY C 121 -22.19 21.56 7.94
C GLY C 121 -20.98 22.23 8.51
N LYS C 122 -19.93 21.44 8.68
CA LYS C 122 -18.69 21.94 9.25
C LYS C 122 -17.52 21.60 8.34
N ILE C 123 -16.35 22.12 8.71
CA ILE C 123 -15.14 21.99 7.92
C ILE C 123 -13.99 21.92 8.91
N ILE C 124 -12.86 21.38 8.48
CA ILE C 124 -11.69 21.29 9.35
C ILE C 124 -10.46 21.72 8.57
N ILE C 125 -9.55 22.40 9.25
CA ILE C 125 -8.34 22.96 8.65
C ILE C 125 -7.20 22.67 9.60
N CYS C 126 -6.28 21.79 9.19
CA CYS C 126 -5.20 21.34 10.05
C CYS C 126 -3.85 21.79 9.51
N CYS C 127 -2.86 21.78 10.39
CA CYS C 127 -1.51 22.27 10.09
C CYS C 127 -0.53 21.12 10.12
N VAL C 128 -0.30 20.50 8.98
CA VAL C 128 0.59 19.35 8.85
C VAL C 128 2.03 19.85 8.87
N PRO C 129 2.89 19.32 9.74
CA PRO C 129 4.26 19.83 9.83
C PRO C 129 5.10 19.33 8.66
N PRO C 130 6.26 19.94 8.41
CA PRO C 130 7.13 19.44 7.34
C PRO C 130 7.80 18.13 7.73
N GLY C 131 8.08 17.32 6.73
CA GLY C 131 8.65 16.02 6.97
C GLY C 131 7.66 14.92 7.31
N PHE C 132 6.38 15.25 7.45
CA PHE C 132 5.35 14.26 7.68
C PHE C 132 4.90 13.72 6.33
N ALA C 133 5.06 12.41 6.13
CA ALA C 133 4.64 11.76 4.89
C ALA C 133 3.70 10.63 5.23
N SER C 134 2.49 10.68 4.66
CA SER C 134 1.51 9.63 4.88
C SER C 134 0.57 9.60 3.68
N GLN C 135 -0.05 8.44 3.47
CA GLN C 135 -0.92 8.25 2.31
C GLN C 135 -2.21 9.04 2.46
N ASN C 136 -3.01 8.71 3.47
CA ASN C 136 -4.29 9.36 3.64
C ASN C 136 -4.51 9.68 5.11
N ILE C 137 -5.25 10.76 5.35
CA ILE C 137 -5.58 11.21 6.69
C ILE C 137 -7.10 11.21 6.80
N SER C 138 -7.64 10.45 7.73
CA SER C 138 -9.08 10.43 7.94
C SER C 138 -9.50 11.68 8.71
N ILE C 139 -10.81 11.82 8.95
CA ILE C 139 -11.26 12.96 9.73
C ILE C 139 -11.01 12.76 11.22
N GLY C 140 -10.80 11.52 11.66
CA GLY C 140 -10.45 11.30 13.05
C GLY C 140 -9.00 11.56 13.34
N GLN C 141 -8.13 11.33 12.37
CA GLN C 141 -6.71 11.64 12.52
C GLN C 141 -6.42 13.10 12.23
N ALA C 142 -7.34 13.82 11.59
CA ALA C 142 -7.13 15.22 11.30
C ALA C 142 -7.31 16.10 12.52
N THR C 143 -7.96 15.61 13.57
CA THR C 143 -8.14 16.41 14.78
C THR C 143 -6.95 16.34 15.71
N MET C 144 -5.97 15.49 15.41
CA MET C 144 -4.79 15.39 16.27
C MET C 144 -3.73 16.42 15.92
N PHE C 145 -3.82 17.03 14.74
CA PHE C 145 -3.01 18.19 14.40
C PHE C 145 -3.58 19.43 15.07
N PRO C 146 -2.82 20.51 15.16
CA PRO C 146 -3.42 21.80 15.54
C PRO C 146 -4.42 22.26 14.50
N HIS C 147 -5.70 22.26 14.86
CA HIS C 147 -6.77 22.37 13.90
C HIS C 147 -7.67 23.54 14.23
N VAL C 148 -8.54 23.87 13.27
CA VAL C 148 -9.63 24.82 13.44
C VAL C 148 -10.86 24.22 12.79
N ILE C 149 -11.90 24.00 13.58
CA ILE C 149 -13.17 23.47 13.06
C ILE C 149 -14.13 24.64 12.92
N ALA C 150 -14.53 24.93 11.69
CA ALA C 150 -15.34 26.09 11.40
C ALA C 150 -16.65 25.68 10.73
N ASP C 151 -17.71 26.38 11.09
CA ASP C 151 -19.04 26.10 10.59
C ASP C 151 -19.21 26.71 9.20
N VAL C 152 -20.28 26.31 8.52
CA VAL C 152 -20.56 26.85 7.19
C VAL C 152 -21.24 28.20 7.29
N ARG C 153 -22.14 28.39 8.25
CA ARG C 153 -22.94 29.59 8.38
C ARG C 153 -22.16 30.81 8.90
N VAL C 154 -20.83 30.75 9.00
CA VAL C 154 -20.07 31.89 9.51
C VAL C 154 -20.11 33.03 8.50
N LEU C 155 -19.83 34.23 8.99
CA LEU C 155 -19.92 35.43 8.16
C LEU C 155 -18.58 36.12 7.97
N GLU C 156 -17.86 36.39 9.05
CA GLU C 156 -16.52 36.95 8.92
C GLU C 156 -15.54 35.87 8.48
N PRO C 157 -14.52 36.23 7.70
CA PRO C 157 -13.61 35.21 7.16
C PRO C 157 -12.69 34.65 8.22
N ILE C 158 -12.32 33.39 8.03
CA ILE C 158 -11.51 32.64 8.98
C ILE C 158 -10.05 32.96 8.72
N GLU C 159 -9.34 33.39 9.76
CA GLU C 159 -7.94 33.76 9.63
C GLU C 159 -7.06 32.76 10.36
N ILE C 160 -6.12 32.18 9.64
CA ILE C 160 -5.28 31.09 10.14
C ILE C 160 -3.81 31.50 10.00
N PRO C 161 -2.99 31.36 11.03
CA PRO C 161 -1.57 31.66 10.88
C PRO C 161 -0.82 30.47 10.29
N LEU C 162 -0.05 30.74 9.24
CA LEU C 162 0.78 29.72 8.60
C LEU C 162 2.23 30.07 8.90
N ASP C 163 2.79 29.41 9.90
CA ASP C 163 4.10 29.75 10.41
C ASP C 163 5.18 28.86 9.82
N ASP C 164 6.42 29.29 9.97
CA ASP C 164 7.58 28.62 9.38
C ASP C 164 8.26 27.77 10.44
N VAL C 165 8.15 26.47 10.32
CA VAL C 165 8.83 25.52 11.19
C VAL C 165 10.07 25.07 10.44
N ARG C 166 11.20 25.69 10.75
CA ARG C 166 12.43 25.46 10.01
C ARG C 166 13.29 24.42 10.69
N ASN C 167 14.20 23.85 9.93
CA ASN C 167 15.31 23.06 10.44
C ASN C 167 16.63 23.79 10.33
N VAL C 168 16.76 24.70 9.38
CA VAL C 168 17.98 25.45 9.14
C VAL C 168 17.71 26.91 9.48
N LEU C 169 18.71 27.77 9.34
CA LEU C 169 18.55 29.16 9.72
C LEU C 169 17.69 29.92 8.73
N PHE C 170 17.92 29.72 7.43
CA PHE C 170 17.05 30.36 6.44
C PHE C 170 16.91 29.46 5.23
N HIS C 171 15.73 29.52 4.60
CA HIS C 171 15.50 28.75 3.39
C HIS C 171 16.24 29.38 2.22
N THR C 172 17.02 28.57 1.53
CA THR C 172 17.65 29.00 0.29
C THR C 172 16.71 28.70 -0.87
N ASN C 173 17.17 28.91 -2.09
CA ASN C 173 16.28 28.80 -3.25
C ASN C 173 16.29 27.41 -3.85
N GLU C 174 16.09 26.38 -3.03
CA GLU C 174 15.85 25.04 -3.51
C GLU C 174 14.49 24.57 -3.04
N ASN C 175 14.11 23.37 -3.47
CA ASN C 175 12.94 22.74 -2.89
C ASN C 175 13.34 21.97 -1.63
N ARG C 176 12.50 22.05 -0.61
CA ARG C 176 12.73 21.46 0.67
C ARG C 176 11.32 21.45 1.23
N PRO C 177 10.92 20.42 1.98
CA PRO C 177 9.54 20.37 2.47
C PRO C 177 9.29 21.42 3.54
N THR C 178 8.16 22.10 3.40
CA THR C 178 7.77 23.19 4.30
C THR C 178 6.40 22.89 4.90
N MET C 179 5.93 23.83 5.72
CA MET C 179 4.69 23.68 6.46
C MET C 179 3.49 23.67 5.52
N ARG C 180 2.56 22.75 5.76
CA ARG C 180 1.40 22.58 4.90
C ARG C 180 0.13 22.96 5.64
N LEU C 181 -0.87 23.38 4.88
CA LEU C 181 -2.25 23.44 5.34
C LEU C 181 -3.03 22.35 4.64
N LEU C 182 -4.08 21.86 5.27
CA LEU C 182 -4.90 20.80 4.72
C LEU C 182 -6.33 20.99 5.17
N CYS C 183 -7.25 21.08 4.22
CA CYS C 183 -8.64 21.37 4.51
C CYS C 183 -9.51 20.20 4.07
N MET C 184 -10.31 19.69 4.99
CA MET C 184 -11.14 18.53 4.73
C MET C 184 -12.55 18.83 5.18
N LEU C 185 -13.51 18.16 4.55
CA LEU C 185 -14.89 18.20 5.01
C LEU C 185 -15.01 17.38 6.28
N TYR C 186 -15.82 17.86 7.22
CA TYR C 186 -15.95 17.21 8.52
C TYR C 186 -17.31 16.57 8.71
N THR C 187 -18.39 17.34 8.58
CA THR C 187 -19.73 16.82 8.54
C THR C 187 -20.34 17.14 7.18
N PRO C 188 -21.20 16.27 6.64
CA PRO C 188 -21.74 16.51 5.30
C PRO C 188 -22.73 17.66 5.29
N LEU C 189 -22.95 18.19 4.09
CA LEU C 189 -23.71 19.42 3.91
C LEU C 189 -25.18 19.11 3.77
N ARG C 190 -26.01 19.77 4.56
CA ARG C 190 -27.46 19.65 4.50
C ARG C 190 -28.06 21.04 4.35
N ALA C 191 -29.08 21.15 3.51
CA ALA C 191 -29.71 22.45 3.28
C ALA C 191 -31.23 22.34 3.41
N GLY C 192 -31.93 23.44 3.21
CA GLY C 192 -33.38 23.45 3.30
C GLY C 192 -34.02 24.59 2.54
N PRO C 200 -29.48 21.38 -6.03
CA PRO C 200 -28.05 21.51 -6.31
C PRO C 200 -27.44 22.76 -5.72
N PHE C 201 -27.57 22.93 -4.40
CA PHE C 201 -27.01 24.09 -3.72
C PHE C 201 -25.57 23.79 -3.34
N VAL C 202 -24.62 24.36 -4.06
CA VAL C 202 -23.22 24.19 -3.76
C VAL C 202 -22.75 25.42 -2.97
N ILE C 203 -21.58 25.30 -2.37
CA ILE C 203 -21.01 26.36 -1.54
C ILE C 203 -19.58 26.60 -2.00
N ALA C 204 -19.29 27.82 -2.44
CA ALA C 204 -18.02 28.15 -3.04
C ALA C 204 -17.10 28.80 -2.01
N GLY C 205 -15.82 28.51 -2.10
CA GLY C 205 -14.85 29.05 -1.17
C GLY C 205 -13.66 29.65 -1.88
N ARG C 206 -13.03 30.62 -1.22
CA ARG C 206 -11.84 31.29 -1.75
C ARG C 206 -10.76 31.31 -0.68
N VAL C 207 -9.50 31.27 -1.11
CA VAL C 207 -8.36 31.33 -0.21
C VAL C 207 -7.54 32.56 -0.59
N LEU C 208 -7.22 33.38 0.40
CA LEU C 208 -6.46 34.61 0.20
C LEU C 208 -5.27 34.60 1.15
N THR C 209 -4.17 35.24 0.76
CA THR C 209 -2.91 35.12 1.48
C THR C 209 -2.11 36.41 1.37
N CYS C 210 -1.58 36.88 2.50
CA CYS C 210 -0.67 38.01 2.55
C CYS C 210 0.39 37.71 3.60
N PRO C 211 1.61 38.22 3.44
CA PRO C 211 2.67 37.91 4.40
C PRO C 211 2.56 38.72 5.69
N SER C 212 3.09 38.14 6.76
CA SER C 212 3.17 38.82 8.04
C SER C 212 4.33 39.82 8.03
N PRO C 213 4.48 40.66 9.06
CA PRO C 213 5.70 41.50 9.12
C PRO C 213 6.99 40.78 9.50
N ASP C 214 7.00 39.45 9.51
CA ASP C 214 8.22 38.68 9.75
C ASP C 214 8.85 38.17 8.47
N PHE C 215 8.33 38.55 7.31
CA PHE C 215 8.84 38.06 6.04
C PHE C 215 9.99 38.94 5.56
N ASN C 216 11.05 38.31 5.07
CA ASN C 216 12.21 39.05 4.59
C ASN C 216 12.90 38.27 3.49
N PHE C 217 13.46 39.00 2.53
CA PHE C 217 14.36 38.46 1.52
C PHE C 217 15.79 38.78 1.92
N LEU C 218 16.74 38.05 1.34
CA LEU C 218 18.03 37.91 2.02
C LEU C 218 19.27 38.37 1.25
N PHE C 219 19.34 38.24 -0.06
CA PHE C 219 20.59 38.59 -0.72
C PHE C 219 20.31 39.11 -2.12
N LEU C 220 20.84 40.28 -2.45
CA LEU C 220 20.63 40.85 -3.77
C LEU C 220 21.44 40.09 -4.82
N VAL C 221 20.75 39.57 -5.83
CA VAL C 221 21.32 38.73 -6.88
C VAL C 221 20.92 39.39 -8.19
N PRO C 222 21.74 39.34 -9.24
CA PRO C 222 21.31 39.80 -10.57
C PRO C 222 20.06 39.08 -11.03
N PRO C 223 19.05 39.81 -11.49
CA PRO C 223 17.70 39.24 -11.61
C PRO C 223 17.54 38.33 -12.82
N SER C 224 16.78 37.26 -12.60
CA SER C 224 16.35 36.29 -13.61
C SER C 224 17.52 35.65 -14.35
N VAL C 225 18.60 35.38 -13.63
CA VAL C 225 19.76 34.70 -14.17
C VAL C 225 19.91 33.30 -13.58
N GLU C 226 19.62 33.15 -12.30
CA GLU C 226 19.66 31.85 -11.64
C GLU C 226 18.57 30.94 -12.18
N GLN C 227 18.90 29.66 -12.35
CA GLN C 227 17.95 28.71 -12.89
C GLN C 227 16.88 28.34 -11.88
N LYS C 228 17.20 28.41 -10.59
CA LYS C 228 16.30 27.93 -9.55
C LYS C 228 15.08 28.82 -9.36
N THR C 229 15.10 30.04 -9.88
CA THR C 229 14.00 30.98 -9.71
C THR C 229 13.21 31.20 -10.98
N ARG C 230 13.45 30.41 -12.02
CA ARG C 230 12.64 30.52 -13.22
C ARG C 230 11.25 29.93 -12.99
N GLN C 231 10.36 30.17 -13.93
CA GLN C 231 9.05 29.56 -13.91
C GLN C 231 8.70 29.03 -15.30
N LEU C 232 7.98 27.92 -15.31
CA LEU C 232 7.63 27.25 -16.57
C LEU C 232 6.55 28.03 -17.29
N THR C 233 6.70 28.17 -18.60
CA THR C 233 5.72 28.84 -19.43
C THR C 233 5.42 28.02 -20.67
N VAL C 234 4.24 28.23 -21.22
CA VAL C 234 3.70 27.52 -22.37
C VAL C 234 3.56 28.54 -23.49
N PRO C 235 3.89 28.21 -24.74
CA PRO C 235 3.86 29.20 -25.82
C PRO C 235 2.46 29.72 -26.12
N ASN C 236 2.43 30.96 -26.60
CA ASN C 236 1.18 31.65 -26.90
C ASN C 236 0.84 31.53 -28.39
N ILE C 237 0.61 30.29 -28.81
CA ILE C 237 0.32 30.00 -30.21
C ILE C 237 -0.96 29.17 -30.24
N PRO C 238 -1.92 29.47 -31.13
CA PRO C 238 -3.15 28.67 -31.21
C PRO C 238 -2.87 27.25 -31.69
N LEU C 239 -3.85 26.38 -31.44
CA LEU C 239 -3.68 24.96 -31.73
C LEU C 239 -3.60 24.68 -33.22
N ASN C 240 -4.24 25.49 -34.05
CA ASN C 240 -4.18 25.29 -35.49
C ASN C 240 -2.93 25.90 -36.13
N ASN C 241 -1.90 26.20 -35.34
CA ASN C 241 -0.62 26.66 -35.86
C ASN C 241 0.55 25.89 -35.26
N LEU C 242 0.28 24.73 -34.64
CA LEU C 242 1.32 23.90 -34.06
C LEU C 242 1.65 22.78 -35.04
N ALA C 243 2.94 22.57 -35.27
CA ALA C 243 3.36 21.52 -36.19
C ALA C 243 3.34 20.16 -35.50
N ASN C 244 3.38 19.11 -36.30
CA ASN C 244 3.44 17.75 -35.77
C ASN C 244 4.88 17.39 -35.44
N SER C 245 5.03 16.51 -34.46
CA SER C 245 6.36 16.10 -34.01
C SER C 245 6.83 14.79 -34.63
N ARG C 246 6.06 14.20 -35.53
CA ARG C 246 6.45 12.95 -36.15
C ARG C 246 6.47 12.99 -37.68
N VAL C 247 5.50 13.66 -38.30
CA VAL C 247 5.47 13.80 -39.75
C VAL C 247 5.50 15.29 -40.07
N PRO C 248 5.90 15.71 -41.26
CA PRO C 248 5.88 17.17 -41.54
C PRO C 248 4.53 17.70 -41.98
N ALA C 249 3.63 17.87 -41.01
CA ALA C 249 2.31 18.42 -41.25
C ALA C 249 1.84 19.15 -40.00
N MET C 250 0.65 19.74 -40.08
CA MET C 250 0.12 20.57 -39.00
C MET C 250 -0.86 19.78 -38.15
N ILE C 251 -1.10 20.27 -36.95
CA ILE C 251 -2.06 19.67 -36.03
C ILE C 251 -3.43 20.31 -36.26
N ASN C 252 -4.46 19.48 -36.41
CA ASN C 252 -5.78 19.98 -36.71
C ASN C 252 -6.84 19.66 -35.67
N LYS C 253 -6.70 18.57 -34.92
CA LYS C 253 -7.71 18.19 -33.93
C LYS C 253 -7.09 17.22 -32.93
N MET C 254 -7.44 17.41 -31.67
CA MET C 254 -7.04 16.50 -30.60
C MET C 254 -8.10 15.43 -30.41
N THR C 255 -7.65 14.23 -30.03
CA THR C 255 -8.56 13.14 -29.70
C THR C 255 -8.04 12.44 -28.44
N VAL C 256 -8.76 11.41 -28.03
CA VAL C 256 -8.27 10.36 -27.15
C VAL C 256 -8.36 9.08 -27.97
N SER C 257 -7.48 8.12 -27.71
CA SER C 257 -7.55 6.82 -28.35
C SER C 257 -8.81 6.07 -27.92
N THR C 258 -9.19 5.09 -28.74
CA THR C 258 -10.38 4.29 -28.46
C THR C 258 -10.16 3.39 -27.26
N ASP C 259 -9.02 2.72 -27.22
CA ASP C 259 -8.63 1.91 -26.06
C ASP C 259 -8.18 2.85 -24.94
N GLN C 260 -8.52 2.51 -23.71
CA GLN C 260 -8.25 3.36 -22.56
C GLN C 260 -7.11 2.87 -21.69
N ASN C 261 -6.38 1.83 -22.13
CA ASN C 261 -5.17 1.43 -21.44
C ASN C 261 -4.07 1.05 -22.42
N GLN C 262 -4.10 1.60 -23.64
CA GLN C 262 -3.05 1.34 -24.61
C GLN C 262 -1.75 2.01 -24.19
N VAL C 263 -0.65 1.28 -24.31
CA VAL C 263 0.67 1.76 -23.90
C VAL C 263 1.44 2.17 -25.14
N VAL C 264 1.94 3.40 -25.15
CA VAL C 264 2.62 3.97 -26.30
C VAL C 264 4.09 4.19 -25.96
N GLN C 265 4.96 3.92 -26.92
CA GLN C 265 6.40 4.07 -26.76
C GLN C 265 6.98 4.79 -27.97
N PHE C 266 6.40 5.94 -28.31
CA PHE C 266 6.89 6.78 -29.40
C PHE C 266 8.33 7.22 -29.15
N GLN C 267 9.06 7.44 -30.23
CA GLN C 267 10.45 7.87 -30.15
C GLN C 267 10.69 9.24 -30.77
N ASN C 268 9.68 9.86 -31.33
CA ASN C 268 9.77 11.22 -31.85
C ASN C 268 8.80 12.10 -31.09
N GLY C 269 9.26 13.28 -30.68
CA GLY C 269 8.47 14.10 -29.81
C GLY C 269 8.44 13.54 -28.40
N ARG C 270 9.61 13.32 -27.83
CA ARG C 270 9.76 12.88 -26.45
C ARG C 270 10.79 13.78 -25.79
N CYS C 271 10.37 14.57 -24.80
CA CYS C 271 11.25 15.50 -24.13
C CYS C 271 10.64 15.87 -22.79
N THR C 272 11.45 15.79 -21.73
CA THR C 272 10.94 16.12 -20.41
C THR C 272 10.87 17.64 -20.23
N LEU C 273 10.37 18.05 -19.07
CA LEU C 273 10.13 19.48 -18.84
C LEU C 273 11.40 20.26 -18.55
N GLU C 274 12.49 19.60 -18.18
CA GLU C 274 13.73 20.31 -17.93
C GLU C 274 14.51 20.59 -19.21
N GLY C 275 14.05 20.11 -20.35
CA GLY C 275 14.75 20.34 -21.59
C GLY C 275 15.82 19.31 -21.88
N GLN C 276 15.51 18.05 -21.63
CA GLN C 276 16.38 16.93 -21.97
C GLN C 276 15.66 16.07 -23.00
N LEU C 277 16.22 16.04 -24.22
CA LEU C 277 15.60 15.28 -25.29
C LEU C 277 15.72 13.78 -25.05
N LEU C 278 14.79 13.02 -25.62
CA LEU C 278 14.76 11.58 -25.45
C LEU C 278 14.52 10.92 -26.80
N GLY C 279 15.14 9.77 -27.01
CA GLY C 279 14.98 9.07 -28.27
C GLY C 279 15.71 9.79 -29.38
N THR C 280 15.04 9.92 -30.53
CA THR C 280 15.59 10.62 -31.68
C THR C 280 14.87 11.93 -31.94
N THR C 281 14.45 12.61 -30.88
CA THR C 281 13.69 13.84 -31.02
C THR C 281 14.62 14.98 -31.45
N PRO C 282 14.34 15.64 -32.57
CA PRO C 282 15.14 16.80 -32.97
C PRO C 282 14.61 18.06 -32.28
N VAL C 283 15.20 19.19 -32.63
CA VAL C 283 14.84 20.46 -32.01
C VAL C 283 13.86 21.21 -32.89
N SER C 284 14.29 21.54 -34.11
CA SER C 284 13.48 22.35 -35.01
C SER C 284 12.38 21.51 -35.64
N ALA C 285 11.61 22.14 -36.52
CA ALA C 285 10.51 21.48 -37.21
C ALA C 285 10.82 21.20 -38.67
N SER C 286 12.00 21.57 -39.14
CA SER C 286 12.45 21.20 -40.47
C SER C 286 13.40 20.02 -40.43
N GLN C 287 13.46 19.31 -39.31
CA GLN C 287 14.33 18.15 -39.16
C GLN C 287 13.55 16.87 -38.88
N VAL C 288 12.23 16.93 -38.84
CA VAL C 288 11.43 15.76 -38.48
C VAL C 288 11.22 14.90 -39.71
N ALA C 289 11.43 13.59 -39.55
CA ALA C 289 11.29 12.56 -40.59
C ALA C 289 12.16 12.87 -41.81
N ARG C 290 13.46 13.00 -41.55
CA ARG C 290 14.44 13.28 -42.59
C ARG C 290 15.52 12.21 -42.55
N ILE C 291 16.21 12.05 -43.68
CA ILE C 291 17.22 11.01 -43.86
C ILE C 291 18.36 11.59 -44.70
N ARG C 292 19.58 11.45 -44.20
CA ARG C 292 20.78 11.77 -44.96
C ARG C 292 21.78 10.64 -44.82
N GLY C 293 22.36 10.21 -45.94
CA GLY C 293 23.33 9.13 -45.90
C GLY C 293 24.06 9.00 -47.22
N LYS C 294 24.98 8.05 -47.26
CA LYS C 294 25.82 7.79 -48.43
C LYS C 294 25.44 6.46 -49.04
N VAL C 295 25.38 6.42 -50.37
CA VAL C 295 24.92 5.26 -51.11
C VAL C 295 26.10 4.35 -51.45
N PHE C 296 25.96 3.07 -51.16
CA PHE C 296 26.91 2.05 -51.59
C PHE C 296 26.20 1.06 -52.50
N SER C 297 26.91 0.58 -53.51
CA SER C 297 26.35 -0.33 -54.51
C SER C 297 27.17 -1.61 -54.53
N THR C 298 26.60 -2.69 -54.02
CA THR C 298 27.22 -4.00 -54.02
C THR C 298 26.39 -4.96 -54.87
N ALA C 299 26.81 -6.22 -54.90
CA ALA C 299 26.03 -7.28 -55.55
C ALA C 299 24.90 -7.78 -54.66
N SER C 300 24.94 -7.48 -53.36
CA SER C 300 23.85 -7.86 -52.47
C SER C 300 22.61 -7.02 -52.73
N GLY C 301 22.78 -5.72 -52.93
CA GLY C 301 21.66 -4.83 -53.19
C GLY C 301 22.11 -3.39 -53.34
N LYS C 302 21.38 -2.47 -52.74
CA LYS C 302 21.72 -1.05 -52.78
C LYS C 302 21.18 -0.41 -51.51
N GLY C 303 22.02 0.32 -50.78
CA GLY C 303 21.64 0.79 -49.47
C GLY C 303 22.19 2.15 -49.13
N LEU C 304 22.10 2.48 -47.84
CA LEU C 304 22.47 3.79 -47.32
C LEU C 304 23.28 3.63 -46.03
N ASN C 305 24.41 4.31 -45.96
CA ASN C 305 25.19 4.41 -44.73
C ASN C 305 24.84 5.72 -44.04
N LEU C 306 24.19 5.62 -42.88
CA LEU C 306 23.54 6.78 -42.27
C LEU C 306 24.54 7.75 -41.66
N THR C 307 24.39 9.02 -42.01
CA THR C 307 25.07 10.13 -41.36
C THR C 307 24.03 11.03 -40.73
N GLU C 308 24.49 12.16 -40.17
CA GLU C 308 23.55 13.10 -39.58
C GLU C 308 23.12 14.15 -40.62
N LEU C 309 22.20 15.02 -40.20
CA LEU C 309 21.52 15.91 -41.12
C LEU C 309 22.33 17.13 -41.51
N ASP C 310 23.58 17.25 -41.06
CA ASP C 310 24.41 18.40 -41.41
C ASP C 310 25.79 18.00 -41.91
N GLY C 311 26.02 16.72 -42.17
CA GLY C 311 27.30 16.25 -42.66
C GLY C 311 28.20 15.64 -41.63
N THR C 312 27.85 15.71 -40.36
CA THR C 312 28.64 15.06 -39.34
C THR C 312 28.39 13.56 -39.33
N PRO C 313 29.41 12.75 -39.06
CA PRO C 313 29.22 11.31 -39.05
C PRO C 313 28.42 10.85 -37.83
N TYR C 314 27.66 9.79 -38.03
CA TYR C 314 26.75 9.31 -37.00
C TYR C 314 27.50 8.47 -35.98
N HIS C 315 27.23 8.72 -34.70
CA HIS C 315 27.82 7.98 -33.59
C HIS C 315 26.74 7.15 -32.92
N ALA C 316 27.06 5.88 -32.66
CA ALA C 316 26.08 4.90 -32.20
C ALA C 316 26.11 4.74 -30.68
N PHE C 317 26.35 5.83 -29.96
CA PHE C 317 26.56 5.78 -28.51
C PHE C 317 25.29 5.46 -27.75
N GLU C 318 24.28 6.32 -27.82
CA GLU C 318 23.04 6.08 -27.10
C GLU C 318 21.78 6.32 -27.94
N SER C 319 21.88 6.98 -29.07
CA SER C 319 20.70 7.24 -29.87
C SER C 319 20.29 5.98 -30.63
N PRO C 320 19.01 5.63 -30.67
CA PRO C 320 18.60 4.46 -31.46
C PRO C 320 18.69 4.67 -32.95
N ALA C 321 18.82 5.90 -33.40
CA ALA C 321 18.84 6.24 -34.81
C ALA C 321 19.44 7.64 -34.93
N PRO C 322 19.79 8.07 -36.15
CA PRO C 322 20.14 9.49 -36.33
C PRO C 322 18.99 10.42 -35.97
N LEU C 323 19.36 11.61 -35.50
CA LEU C 323 18.38 12.56 -34.96
C LEU C 323 17.52 13.11 -36.09
N GLY C 324 16.28 12.63 -36.17
CA GLY C 324 15.37 13.03 -37.23
C GLY C 324 14.85 11.84 -38.02
N PHE C 325 15.09 10.65 -37.51
CA PHE C 325 14.66 9.44 -38.21
C PHE C 325 13.18 9.20 -37.94
N PRO C 326 12.42 8.76 -38.94
CA PRO C 326 10.99 8.46 -38.71
C PRO C 326 10.81 7.25 -37.80
N ASP C 327 9.67 7.24 -37.12
CA ASP C 327 9.36 6.19 -36.16
C ASP C 327 8.06 5.46 -36.48
N ILE C 328 7.54 5.64 -37.69
CA ILE C 328 6.31 4.98 -38.11
C ILE C 328 6.61 3.50 -38.29
N GLY C 329 6.08 2.66 -37.41
CA GLY C 329 6.46 1.26 -37.38
C GLY C 329 5.55 0.37 -38.20
N ALA C 330 6.15 -0.73 -38.69
CA ALA C 330 5.47 -1.82 -39.40
C ALA C 330 4.73 -1.32 -40.65
N CYS C 331 5.52 -0.82 -41.60
CA CYS C 331 4.98 -0.33 -42.86
C CYS C 331 6.11 -0.34 -43.89
N ASP C 332 5.85 0.24 -45.05
CA ASP C 332 6.83 0.39 -46.11
C ASP C 332 6.97 1.88 -46.47
N TRP C 333 8.10 2.46 -46.12
CA TRP C 333 8.29 3.89 -46.31
C TRP C 333 8.60 4.19 -47.77
N HIS C 334 8.43 5.46 -48.14
CA HIS C 334 8.71 5.95 -49.49
C HIS C 334 9.36 7.32 -49.36
N VAL C 335 10.68 7.36 -49.35
CA VAL C 335 11.45 8.57 -49.05
C VAL C 335 11.95 9.15 -50.37
N SER C 336 11.65 10.42 -50.61
CA SER C 336 12.10 11.11 -51.80
C SER C 336 13.30 12.00 -51.45
N THR C 337 14.44 11.74 -52.09
CA THR C 337 15.68 12.44 -51.81
C THR C 337 16.12 13.27 -53.01
N PHE C 338 17.26 13.93 -52.86
CA PHE C 338 17.90 14.66 -53.95
C PHE C 338 19.40 14.69 -53.74
N LYS C 339 20.13 14.97 -54.81
CA LYS C 339 21.59 14.94 -54.82
C LYS C 339 22.15 16.28 -54.37
N VAL C 340 23.15 16.24 -53.51
CA VAL C 340 23.53 17.39 -52.70
C VAL C 340 24.58 18.27 -53.34
N ASP C 341 25.80 17.75 -53.51
CA ASP C 341 26.99 18.58 -53.62
C ASP C 341 27.43 18.85 -55.05
N GLN C 342 26.51 18.95 -56.01
CA GLN C 342 26.88 19.24 -57.38
C GLN C 342 26.05 20.38 -57.93
N ASN C 343 26.43 20.83 -59.12
CA ASN C 343 25.62 21.77 -59.90
C ASN C 343 24.77 20.94 -60.86
N LEU C 344 23.62 20.50 -60.36
CA LEU C 344 22.83 19.46 -61.02
C LEU C 344 22.19 19.97 -62.30
N SER C 345 22.19 19.14 -63.33
CA SER C 345 21.53 19.46 -64.59
C SER C 345 20.42 18.47 -64.94
N GLY C 346 20.32 17.34 -64.24
CA GLY C 346 19.26 16.38 -64.48
C GLY C 346 18.13 16.53 -63.48
N ASP C 347 17.21 15.56 -63.53
CA ASP C 347 16.10 15.49 -62.60
C ASP C 347 16.60 14.95 -61.27
N PRO C 348 16.60 15.77 -60.22
CA PRO C 348 17.26 15.36 -58.97
C PRO C 348 16.48 14.36 -58.14
N MET C 349 15.17 14.50 -58.08
CA MET C 349 14.35 13.77 -57.13
C MET C 349 14.21 12.30 -57.52
N SER C 350 14.42 11.42 -56.55
CA SER C 350 14.39 9.98 -56.78
C SER C 350 13.81 9.30 -55.55
N ARG C 351 12.61 8.74 -55.69
CA ARG C 351 11.93 8.07 -54.59
C ARG C 351 12.62 6.77 -54.25
N LEU C 352 12.71 6.46 -52.96
CA LEU C 352 13.35 5.25 -52.47
C LEU C 352 12.37 4.46 -51.63
N ASP C 353 12.41 3.14 -51.75
CA ASP C 353 11.44 2.26 -51.11
C ASP C 353 12.14 1.41 -50.06
N VAL C 354 11.75 1.58 -48.80
CA VAL C 354 12.38 0.89 -47.67
C VAL C 354 11.37 -0.07 -47.08
N LYS C 355 11.76 -1.33 -46.93
CA LYS C 355 10.90 -2.37 -46.37
C LYS C 355 11.43 -2.78 -45.00
N GLN C 356 10.54 -2.93 -44.03
CA GLN C 356 10.93 -3.23 -42.65
C GLN C 356 11.02 -4.75 -42.44
N ASN C 357 12.00 -5.34 -43.10
CA ASN C 357 12.27 -6.76 -42.94
C ASN C 357 13.40 -6.94 -41.92
N ALA C 358 13.91 -8.16 -41.83
CA ALA C 358 15.06 -8.41 -40.96
C ALA C 358 16.36 -7.71 -41.37
N PRO C 359 16.68 -7.45 -42.65
CA PRO C 359 17.84 -6.57 -42.93
C PRO C 359 17.65 -5.12 -42.52
N PHE C 360 16.45 -4.67 -42.22
CA PHE C 360 16.24 -3.28 -41.77
C PHE C 360 16.77 -3.15 -40.35
N ALA C 361 17.92 -2.50 -40.22
CA ALA C 361 18.55 -2.27 -38.92
C ALA C 361 19.25 -0.93 -38.96
N PRO C 362 18.54 0.16 -38.64
CA PRO C 362 19.15 1.49 -38.73
C PRO C 362 20.01 1.85 -37.54
N HIS C 363 19.96 1.07 -36.46
CA HIS C 363 20.80 1.36 -35.30
C HIS C 363 22.27 1.18 -35.61
N LEU C 364 22.61 0.26 -36.49
CA LEU C 364 23.98 0.12 -36.95
C LEU C 364 24.33 1.13 -38.05
N GLY C 365 23.34 1.84 -38.58
CA GLY C 365 23.57 2.82 -39.61
C GLY C 365 23.55 2.23 -41.00
N SER C 366 22.56 1.37 -41.28
CA SER C 366 22.50 0.68 -42.55
C SER C 366 21.05 0.30 -42.85
N ILE C 367 20.49 0.90 -43.89
CA ILE C 367 19.20 0.50 -44.42
C ILE C 367 19.38 0.20 -45.90
N GLU C 368 18.55 -0.71 -46.41
CA GLU C 368 18.59 -1.13 -47.80
C GLU C 368 17.31 -0.70 -48.49
N PHE C 369 17.44 -0.25 -49.74
CA PHE C 369 16.30 0.29 -50.47
C PHE C 369 16.29 -0.25 -51.89
N THR C 370 15.23 0.11 -52.62
CA THR C 370 15.14 -0.07 -54.05
C THR C 370 14.50 1.18 -54.64
N SER C 371 14.66 1.36 -55.95
CA SER C 371 14.21 2.57 -56.62
C SER C 371 14.03 2.30 -58.10
N ASP C 372 13.66 3.34 -58.83
CA ASP C 372 13.61 3.31 -60.28
C ASP C 372 14.61 4.26 -60.94
N GLN C 373 15.07 5.28 -60.24
CA GLN C 373 16.12 6.14 -60.73
C GLN C 373 17.46 5.60 -60.25
N ASP C 374 18.53 6.40 -60.38
CA ASP C 374 19.87 5.99 -59.96
C ASP C 374 20.42 6.98 -58.95
N PRO C 375 20.19 6.77 -57.65
CA PRO C 375 20.77 7.65 -56.64
C PRO C 375 22.19 7.26 -56.24
N THR C 376 23.15 8.13 -56.50
CA THR C 376 24.54 7.88 -56.12
C THR C 376 25.02 8.96 -55.17
N GLY C 377 26.02 8.63 -54.37
CA GLY C 377 26.68 9.64 -53.56
C GLY C 377 25.87 9.98 -52.33
N ASP C 378 25.50 11.25 -52.22
CA ASP C 378 24.83 11.78 -51.04
C ASP C 378 23.37 12.06 -51.36
N GLN C 379 22.48 11.74 -50.40
CA GLN C 379 21.05 11.90 -50.59
C GLN C 379 20.42 12.43 -49.32
N LEU C 380 19.78 13.60 -49.42
CA LEU C 380 19.01 14.18 -48.33
C LEU C 380 17.54 14.10 -48.68
N GLY C 381 16.75 13.45 -47.82
CA GLY C 381 15.39 13.16 -48.19
C GLY C 381 14.42 13.31 -47.05
N THR C 382 13.14 13.13 -47.37
CA THR C 382 12.05 13.23 -46.42
C THR C 382 11.03 12.13 -46.69
N LEU C 383 10.32 11.73 -45.64
CA LEU C 383 9.32 10.67 -45.76
C LEU C 383 8.06 11.23 -46.43
N ALA C 384 7.66 10.64 -47.55
CA ALA C 384 6.50 11.11 -48.30
C ALA C 384 5.22 10.37 -47.92
N TRP C 385 5.21 9.05 -48.04
CA TRP C 385 4.04 8.27 -47.66
C TRP C 385 4.46 6.86 -47.30
N VAL C 386 3.55 6.13 -46.68
CA VAL C 386 3.80 4.76 -46.25
C VAL C 386 2.95 3.81 -47.08
N SER C 387 3.21 2.52 -46.89
CA SER C 387 2.54 1.42 -47.59
C SER C 387 2.56 0.22 -46.65
N PRO C 388 1.59 -0.68 -46.77
CA PRO C 388 1.60 -1.87 -45.91
C PRO C 388 2.64 -2.87 -46.39
N SER C 389 2.93 -3.84 -45.51
CA SER C 389 3.97 -4.82 -45.79
C SER C 389 3.52 -5.80 -46.86
N THR C 390 2.44 -6.54 -46.59
CA THR C 390 1.93 -7.53 -47.52
C THR C 390 0.97 -6.87 -48.51
N SER C 391 0.21 -7.68 -49.25
CA SER C 391 -0.76 -7.15 -50.18
C SER C 391 -2.11 -6.87 -49.56
N GLY C 392 -2.33 -7.24 -48.30
CA GLY C 392 -3.62 -7.04 -47.68
C GLY C 392 -3.56 -6.66 -46.20
N ALA C 393 -2.39 -6.23 -45.73
CA ALA C 393 -2.26 -5.84 -44.34
C ALA C 393 -2.66 -4.38 -44.16
N ARG C 394 -2.84 -3.98 -42.90
CA ARG C 394 -3.32 -2.65 -42.56
C ARG C 394 -2.25 -1.91 -41.77
N VAL C 395 -1.99 -0.67 -42.15
CA VAL C 395 -0.96 0.14 -41.51
C VAL C 395 -1.50 0.65 -40.18
N ASP C 396 -0.86 0.24 -39.09
CA ASP C 396 -1.21 0.73 -37.76
C ASP C 396 -0.15 1.74 -37.32
N PRO C 397 -0.45 3.04 -37.36
CA PRO C 397 0.57 4.05 -37.06
C PRO C 397 0.83 4.28 -35.58
N TRP C 398 0.34 3.41 -34.70
CA TRP C 398 0.57 3.53 -33.28
C TRP C 398 1.74 2.70 -32.80
N LYS C 399 2.62 2.27 -33.70
CA LYS C 399 3.71 1.37 -33.35
C LYS C 399 5.03 1.93 -33.87
N ILE C 400 6.12 1.37 -33.35
CA ILE C 400 7.47 1.83 -33.64
C ILE C 400 8.23 0.66 -34.26
N PRO C 401 9.27 0.93 -35.06
CA PRO C 401 10.05 -0.18 -35.63
C PRO C 401 10.94 -0.86 -34.62
N SER C 402 11.59 -1.95 -35.04
CA SER C 402 12.58 -2.64 -34.22
C SER C 402 13.96 -2.27 -34.76
N TYR C 403 14.69 -1.45 -34.01
CA TYR C 403 15.94 -0.89 -34.50
C TYR C 403 17.06 -1.93 -34.50
N GLY C 404 17.20 -2.68 -33.41
CA GLY C 404 18.23 -3.70 -33.31
C GLY C 404 18.68 -3.99 -31.89
N THR C 411 18.27 -0.88 -26.80
CA THR C 411 19.38 -0.03 -27.19
C THR C 411 19.13 1.45 -26.86
N HIS C 412 18.91 1.70 -25.56
CA HIS C 412 18.61 3.03 -25.00
C HIS C 412 17.41 3.69 -25.68
N LEU C 413 16.26 3.05 -25.55
CA LEU C 413 15.03 3.57 -26.13
C LEU C 413 14.38 4.58 -25.19
N ALA C 414 13.31 5.20 -25.66
CA ALA C 414 12.55 6.05 -24.77
C ALA C 414 11.61 5.19 -23.91
N PRO C 415 11.37 5.58 -22.65
CA PRO C 415 10.51 4.77 -21.80
C PRO C 415 9.05 4.93 -22.21
N PRO C 416 8.22 3.91 -21.96
CA PRO C 416 6.81 3.99 -22.38
C PRO C 416 6.00 4.89 -21.48
N ILE C 417 4.76 5.14 -21.90
CA ILE C 417 3.84 6.03 -21.22
C ILE C 417 2.65 5.21 -20.74
N PHE C 418 2.58 4.99 -19.42
CA PHE C 418 1.40 4.31 -18.93
C PHE C 418 0.30 5.32 -18.58
N PRO C 419 -0.96 5.02 -18.85
CA PRO C 419 -2.05 5.93 -18.48
C PRO C 419 -2.28 5.89 -16.98
N PRO C 420 -2.05 7.00 -16.28
CA PRO C 420 -2.06 6.96 -14.82
C PRO C 420 -3.39 7.35 -14.20
N GLY C 421 -3.45 7.24 -12.87
CA GLY C 421 -4.44 7.86 -12.00
C GLY C 421 -5.85 7.34 -12.18
N PHE C 422 -6.80 8.20 -11.84
CA PHE C 422 -8.22 7.88 -11.81
C PHE C 422 -8.85 8.53 -13.04
N GLY C 423 -9.03 7.74 -14.10
CA GLY C 423 -9.73 8.21 -15.27
C GLY C 423 -9.00 9.21 -16.12
N GLU C 424 -7.71 9.41 -15.89
CA GLU C 424 -6.93 10.35 -16.68
C GLU C 424 -6.51 9.67 -17.98
N ALA C 425 -6.86 10.29 -19.11
CA ALA C 425 -6.61 9.73 -20.42
C ALA C 425 -5.61 10.61 -21.17
N ILE C 426 -4.61 9.98 -21.79
CA ILE C 426 -3.55 10.70 -22.48
C ILE C 426 -4.12 11.30 -23.76
N VAL C 427 -4.02 12.62 -23.89
CA VAL C 427 -4.53 13.33 -25.06
C VAL C 427 -3.49 13.28 -26.16
N TYR C 428 -3.90 12.86 -27.35
CA TYR C 428 -3.03 12.83 -28.51
C TYR C 428 -3.43 13.93 -29.48
N PHE C 429 -2.54 14.19 -30.44
CA PHE C 429 -2.75 15.24 -31.42
C PHE C 429 -2.66 14.62 -32.81
N MET C 430 -3.76 14.69 -33.56
CA MET C 430 -3.83 14.05 -34.86
C MET C 430 -3.39 15.01 -35.96
N SER C 431 -3.12 14.45 -37.14
CA SER C 431 -2.60 15.22 -38.26
C SER C 431 -2.87 14.49 -39.55
N ASP C 432 -3.29 15.23 -40.58
CA ASP C 432 -3.58 14.62 -41.87
C ASP C 432 -2.29 14.31 -42.62
N PHE C 433 -2.15 13.05 -43.04
CA PHE C 433 -0.94 12.58 -43.71
C PHE C 433 -1.30 11.41 -44.59
N PRO C 434 -0.74 11.31 -45.81
CA PRO C 434 -1.15 10.24 -46.74
C PRO C 434 -0.70 8.86 -46.32
N ILE C 435 -1.63 8.05 -45.83
CA ILE C 435 -1.38 6.68 -45.43
C ILE C 435 -2.33 5.79 -46.23
N VAL C 436 -1.78 5.01 -47.15
CA VAL C 436 -2.61 4.17 -48.01
C VAL C 436 -2.93 2.86 -47.28
N SER C 437 -4.15 2.36 -47.49
CA SER C 437 -4.63 1.06 -47.00
C SER C 437 -4.52 0.95 -45.48
N GLY C 438 -5.00 1.99 -44.79
CA GLY C 438 -4.94 2.05 -43.36
C GLY C 438 -6.32 2.26 -42.75
N ASN C 439 -6.38 2.10 -41.43
CA ASN C 439 -7.64 2.32 -40.71
C ASN C 439 -7.99 3.80 -40.66
N THR C 440 -7.00 4.68 -40.74
CA THR C 440 -7.23 6.12 -40.67
C THR C 440 -6.10 6.83 -41.39
N ALA C 441 -6.27 8.14 -41.57
CA ALA C 441 -5.25 9.00 -42.15
C ALA C 441 -4.62 9.93 -41.13
N GLN C 442 -4.90 9.73 -39.85
CA GLN C 442 -4.43 10.62 -38.79
C GLN C 442 -3.25 10.01 -38.04
N VAL C 443 -2.18 10.77 -37.92
CA VAL C 443 -0.98 10.33 -37.21
C VAL C 443 -0.99 10.97 -35.82
N PRO C 444 -0.84 10.19 -34.76
CA PRO C 444 -0.86 10.77 -33.41
C PRO C 444 0.53 11.12 -32.92
N CYS C 445 0.56 11.92 -31.85
CA CYS C 445 1.78 12.22 -31.12
C CYS C 445 1.40 12.55 -29.68
N THR C 446 2.39 12.97 -28.90
CA THR C 446 2.14 13.38 -27.52
C THR C 446 2.31 14.87 -27.30
N LEU C 447 3.38 15.46 -27.81
CA LEU C 447 3.62 16.88 -27.73
C LEU C 447 3.85 17.43 -29.13
N PRO C 448 3.47 18.68 -29.38
CA PRO C 448 3.83 19.30 -30.66
C PRO C 448 5.29 19.69 -30.68
N GLN C 449 5.74 20.10 -31.87
CA GLN C 449 7.16 20.44 -32.04
C GLN C 449 7.50 21.78 -31.39
N GLU C 450 6.56 22.72 -31.40
CA GLU C 450 6.82 24.04 -30.82
C GLU C 450 6.79 24.00 -29.30
N PHE C 451 6.32 22.92 -28.69
CA PHE C 451 6.45 22.75 -27.26
C PHE C 451 7.84 22.24 -26.90
N VAL C 452 8.37 21.31 -27.69
CA VAL C 452 9.70 20.76 -27.43
C VAL C 452 10.76 21.82 -27.69
N SER C 453 10.61 22.57 -28.78
CA SER C 453 11.55 23.64 -29.09
C SER C 453 11.46 24.81 -28.12
N HIS C 454 10.43 24.88 -27.29
CA HIS C 454 10.31 25.87 -26.23
C HIS C 454 10.84 25.38 -24.91
N PHE C 455 10.59 24.10 -24.58
CA PHE C 455 11.15 23.51 -23.37
C PHE C 455 12.67 23.39 -23.44
N VAL C 456 13.22 23.26 -24.65
CA VAL C 456 14.67 23.16 -24.76
C VAL C 456 15.33 24.51 -24.48
N GLU C 457 14.79 25.59 -25.04
CA GLU C 457 15.39 26.91 -24.83
C GLU C 457 15.08 27.48 -23.44
N GLN C 458 13.92 27.15 -22.87
CA GLN C 458 13.52 27.77 -21.60
C GLN C 458 14.34 27.25 -20.43
N GLN C 459 14.50 25.92 -20.33
CA GLN C 459 15.28 25.24 -19.28
C GLN C 459 14.75 25.54 -17.88
N ALA C 460 13.44 25.48 -17.72
CA ALA C 460 12.85 25.74 -16.43
C ALA C 460 12.96 24.52 -15.53
N PRO C 461 13.00 24.70 -14.21
CA PRO C 461 12.97 23.56 -13.30
C PRO C 461 11.54 23.08 -13.07
N VAL C 462 11.43 21.99 -12.33
CA VAL C 462 10.14 21.45 -11.92
C VAL C 462 10.00 21.69 -10.43
N ARG C 463 8.98 22.45 -10.05
CA ARG C 463 8.73 22.76 -8.65
C ARG C 463 7.55 21.98 -8.07
N GLY C 464 6.88 21.16 -8.88
CA GLY C 464 5.76 20.41 -8.38
C GLY C 464 5.78 18.97 -8.85
N GLU C 465 4.66 18.27 -8.67
CA GLU C 465 4.54 16.90 -9.16
C GLU C 465 3.79 16.81 -10.48
N ALA C 466 3.03 17.83 -10.83
CA ALA C 466 2.38 17.96 -12.11
C ALA C 466 2.05 19.42 -12.34
N ALA C 467 1.78 19.78 -13.59
CA ALA C 467 1.40 21.13 -13.95
C ALA C 467 -0.08 21.16 -14.30
N LEU C 468 -0.63 22.36 -14.36
CA LEU C 468 -2.05 22.55 -14.67
C LEU C 468 -2.17 23.60 -15.77
N LEU C 469 -2.81 23.21 -16.87
CA LEU C 469 -2.98 24.10 -18.01
C LEU C 469 -4.45 24.47 -18.14
N HIS C 470 -4.72 25.48 -18.96
CA HIS C 470 -6.07 25.99 -19.16
C HIS C 470 -6.25 26.32 -20.63
N TYR C 471 -7.04 25.53 -21.34
CA TYR C 471 -7.35 25.82 -22.73
C TYR C 471 -8.23 27.05 -22.79
N VAL C 472 -7.76 28.09 -23.48
CA VAL C 472 -8.35 29.42 -23.40
C VAL C 472 -8.61 29.92 -24.81
N ASP C 473 -9.85 30.33 -25.07
CA ASP C 473 -10.17 30.98 -26.33
C ASP C 473 -9.51 32.35 -26.39
N PRO C 474 -8.88 32.73 -27.51
CA PRO C 474 -8.13 33.99 -27.54
C PRO C 474 -8.98 35.22 -27.81
N ASP C 475 -10.27 35.07 -28.10
CA ASP C 475 -11.14 36.21 -28.37
C ASP C 475 -11.93 36.64 -27.15
N THR C 476 -12.69 35.73 -26.56
CA THR C 476 -13.52 36.06 -25.40
C THR C 476 -12.86 35.73 -24.07
N HIS C 477 -11.68 35.11 -24.09
CA HIS C 477 -10.85 34.81 -22.91
C HIS C 477 -11.58 33.94 -21.89
N ARG C 478 -12.46 33.08 -22.36
CA ARG C 478 -13.19 32.16 -21.51
C ARG C 478 -12.46 30.84 -21.42
N ASN C 479 -12.44 30.26 -20.22
CA ASN C 479 -11.79 28.98 -19.98
C ASN C 479 -12.59 27.87 -20.63
N LEU C 480 -11.94 27.05 -21.44
CA LEU C 480 -12.64 25.97 -22.13
C LEU C 480 -12.44 24.61 -21.48
N GLY C 481 -11.40 24.44 -20.68
CA GLY C 481 -11.17 23.16 -20.01
C GLY C 481 -9.76 23.12 -19.46
N GLU C 482 -9.56 22.24 -18.49
CA GLU C 482 -8.29 22.13 -17.80
C GLU C 482 -7.64 20.79 -18.09
N PHE C 483 -6.31 20.80 -18.22
CA PHE C 483 -5.52 19.62 -18.51
C PHE C 483 -4.34 19.58 -17.56
N LYS C 484 -3.77 18.40 -17.39
CA LYS C 484 -2.57 18.23 -16.58
C LYS C 484 -1.37 17.99 -17.50
N LEU C 485 -0.22 18.49 -17.07
CA LEU C 485 1.03 18.33 -17.81
C LEU C 485 2.02 17.66 -16.87
N TYR C 486 2.38 16.44 -17.18
CA TYR C 486 3.22 15.64 -16.32
C TYR C 486 4.69 15.91 -16.59
N PRO C 487 5.60 15.64 -15.63
CA PRO C 487 7.02 15.93 -15.85
C PRO C 487 7.72 15.07 -16.90
N ASP C 488 7.04 14.11 -17.51
CA ASP C 488 7.63 13.32 -18.58
C ASP C 488 7.19 13.77 -19.96
N GLY C 489 6.28 14.73 -20.06
CA GLY C 489 5.93 15.30 -21.34
C GLY C 489 4.75 14.68 -22.04
N PHE C 490 3.60 14.59 -21.37
CA PHE C 490 2.37 14.14 -22.01
C PHE C 490 1.20 14.78 -21.28
N ILE C 491 0.21 15.21 -22.06
CA ILE C 491 -0.94 15.96 -21.56
C ILE C 491 -2.10 15.01 -21.34
N THR C 492 -2.64 14.99 -20.13
CA THR C 492 -3.77 14.12 -19.79
C THR C 492 -5.01 14.95 -19.52
N CYS C 493 -6.15 14.27 -19.48
CA CYS C 493 -7.43 14.91 -19.23
C CYS C 493 -8.40 13.88 -18.69
N VAL C 494 -9.56 14.37 -18.23
CA VAL C 494 -10.66 13.52 -17.79
C VAL C 494 -11.84 13.82 -18.72
N PRO C 495 -12.26 12.89 -19.57
CA PRO C 495 -13.30 13.19 -20.55
C PRO C 495 -14.70 12.86 -20.03
N ASN C 496 -15.68 13.39 -20.74
CA ASN C 496 -17.08 13.04 -20.51
C ASN C 496 -17.38 11.66 -21.08
N THR C 497 -18.57 11.17 -20.79
CA THR C 497 -19.02 9.91 -21.38
C THR C 497 -19.36 10.16 -22.84
N GLY C 498 -18.56 9.58 -23.74
CA GLY C 498 -18.77 9.74 -25.16
C GLY C 498 -18.14 10.97 -25.77
N GLY C 499 -17.51 11.83 -24.97
CA GLY C 499 -16.90 13.03 -25.50
C GLY C 499 -15.68 13.48 -24.74
N GLY C 500 -14.59 13.73 -25.45
CA GLY C 500 -13.37 14.22 -24.83
C GLY C 500 -12.97 15.57 -25.36
N PRO C 501 -11.67 15.80 -25.53
CA PRO C 501 -11.19 17.07 -26.07
C PRO C 501 -11.51 17.31 -27.53
N GLN C 502 -12.03 16.32 -28.25
CA GLN C 502 -12.35 16.51 -29.67
C GLN C 502 -13.53 17.43 -29.89
N ASN C 503 -14.38 17.64 -28.88
CA ASN C 503 -15.53 18.52 -29.01
C ASN C 503 -15.16 19.99 -28.85
N LEU C 504 -13.98 20.29 -28.34
CA LEU C 504 -13.50 21.66 -28.18
C LEU C 504 -13.10 22.24 -29.53
N PRO C 505 -13.19 23.56 -29.71
CA PRO C 505 -12.73 24.15 -30.96
C PRO C 505 -11.22 24.14 -31.07
N THR C 506 -10.73 24.36 -32.28
CA THR C 506 -9.33 24.16 -32.62
C THR C 506 -8.60 25.48 -32.88
N ASN C 507 -8.91 26.51 -32.11
CA ASN C 507 -8.12 27.74 -32.19
C ASN C 507 -7.90 28.35 -30.81
N GLY C 508 -7.86 27.54 -29.77
CA GLY C 508 -7.56 28.02 -28.44
C GLY C 508 -6.07 27.99 -28.14
N VAL C 509 -5.72 28.57 -27.00
CA VAL C 509 -4.34 28.75 -26.59
C VAL C 509 -4.15 28.15 -25.21
N PHE C 510 -3.15 27.27 -25.07
CA PHE C 510 -2.81 26.73 -23.77
C PHE C 510 -2.14 27.79 -22.91
N VAL C 511 -2.46 27.79 -21.62
CA VAL C 511 -1.94 28.78 -20.67
C VAL C 511 -1.59 28.05 -19.38
N PHE C 512 -0.36 28.21 -18.92
CA PHE C 512 0.05 27.63 -17.65
C PHE C 512 -0.63 28.34 -16.50
N SER C 513 -1.02 27.58 -15.48
CA SER C 513 -1.69 28.15 -14.31
C SER C 513 -0.85 28.06 -13.04
N SER C 514 -0.50 26.86 -12.60
CA SER C 514 0.21 26.64 -11.34
C SER C 514 0.70 25.20 -11.31
N TRP C 515 1.32 24.84 -10.20
CA TRP C 515 1.75 23.47 -9.94
C TRP C 515 0.81 22.85 -8.91
N VAL C 516 0.38 21.63 -9.18
CA VAL C 516 -0.53 20.93 -8.28
C VAL C 516 0.10 19.61 -7.88
N SER C 517 -0.62 18.82 -7.08
CA SER C 517 -0.15 17.51 -6.71
C SER C 517 -0.49 16.51 -7.82
N ARG C 518 -0.14 15.24 -7.60
CA ARG C 518 -0.48 14.22 -8.58
C ARG C 518 -1.93 13.80 -8.46
N TYR C 519 -2.48 13.82 -7.25
CA TYR C 519 -3.86 13.41 -7.00
C TYR C 519 -4.84 14.58 -7.04
N TYR C 520 -4.53 15.64 -7.78
CA TYR C 520 -5.46 16.74 -7.93
C TYR C 520 -6.58 16.35 -8.88
N GLN C 521 -7.82 16.66 -8.49
CA GLN C 521 -8.99 16.27 -9.27
C GLN C 521 -9.20 17.25 -10.42
N LEU C 522 -9.51 16.73 -11.59
CA LEU C 522 -9.79 17.56 -12.74
C LEU C 522 -11.30 17.68 -12.96
N LYS C 523 -11.67 18.54 -13.89
CA LYS C 523 -13.06 18.67 -14.29
C LYS C 523 -13.30 17.96 -15.61
N PRO C 524 -14.46 17.33 -15.79
CA PRO C 524 -14.72 16.62 -17.05
C PRO C 524 -14.89 17.56 -18.22
N VAL C 525 -14.35 17.14 -19.36
CA VAL C 525 -14.32 17.95 -20.57
C VAL C 525 -15.22 17.31 -21.60
N GLY C 526 -16.07 18.12 -22.24
CA GLY C 526 -16.94 17.63 -23.30
C GLY C 526 -18.16 18.49 -23.53
#